data_9EY8
#
_entry.id   9EY8
#
_cell.length_a   88.972
_cell.length_b   126.973
_cell.length_c   212.339
_cell.angle_alpha   90.000
_cell.angle_beta   90.000
_cell.angle_gamma   90.000
#
_symmetry.space_group_name_H-M   'P 21 21 21'
#
loop_
_entity.id
_entity.type
_entity.pdbx_description
1 polymer '5,6-dihydroxyindole-2-carboxylic acid oxidase'
2 branched alpha-D-mannopyranose-(1-3)-[alpha-D-mannopyranose-(1-6)]beta-D-mannopyranose-(1-4)-2-acetamido-2-deoxy-beta-D-glucopyranose-(1-4)-[alpha-L-fucopyranose-(1-6)]2-acetamido-2-deoxy-beta-D-glucopyranose
3 branched alpha-D-mannopyranose-(1-3)-[alpha-D-mannopyranose-(1-6)]beta-D-mannopyranose-(1-4)-2-acetamido-2-deoxy-beta-D-glucopyranose-(1-4)-2-acetamido-2-deoxy-beta-D-glucopyranose
4 branched beta-D-mannopyranose-(1-4)-2-acetamido-2-deoxy-beta-D-glucopyranose-(1-4)-2-acetamido-2-deoxy-beta-D-glucopyranose
5 branched beta-D-mannopyranose-(1-4)-2-acetamido-2-deoxy-beta-D-glucopyranose-(1-4)-[alpha-L-fucopyranose-(1-6)]2-acetamido-2-deoxy-beta-D-glucopyranose
6 branched 2-acetamido-2-deoxy-beta-D-glucopyranose-(1-4)-2-acetamido-2-deoxy-beta-D-glucopyranose
7 branched 2-acetamido-2-deoxy-beta-D-glucopyranose-(1-4)-[alpha-L-fucopyranose-(1-6)]2-acetamido-2-deoxy-beta-D-glucopyranose
8 branched alpha-D-mannopyranose-(1-2)-alpha-D-mannopyranose-(1-3)-[alpha-D-mannopyranose-(1-6)]beta-D-mannopyranose-(1-4)-2-acetamido-2-deoxy-beta-D-glucopyranose-(1-4)-[alpha-L-fucopyranose-(1-6)]2-acetamido-2-deoxy-beta-D-glucopyranose
9 branched alpha-D-mannopyranose-(1-2)-alpha-D-mannopyranose-(1-3)-[alpha-D-mannopyranose-(1-3)-alpha-D-mannopyranose-(1-6)]beta-D-mannopyranose-(1-4)-2-acetamido-2-deoxy-beta-D-glucopyranose-(1-4)-2-acetamido-2-deoxy-beta-D-glucopyranose
10 branched alpha-D-mannopyranose-(1-2)-alpha-D-mannopyranose-(1-3)-[alpha-D-mannopyranose-(1-6)]beta-D-mannopyranose-(1-4)-2-acetamido-2-deoxy-beta-D-glucopyranose-(1-4)-2-acetamido-2-deoxy-beta-D-glucopyranose
11 branched alpha-L-fucopyranose-(1-6)-2-acetamido-2-deoxy-beta-D-glucopyranose
12 non-polymer 2-acetamido-2-deoxy-beta-D-glucopyranose
13 non-polymer GLYCEROL
14 non-polymer 'ZINC ION'
15 non-polymer 3-AMINO-L-TYROSINE
16 water water
#
_entity_poly.entity_id   1
_entity_poly.type   'polypeptide(L)'
_entity_poly.pdbx_seq_one_letter_code
;QFPRQCATVEALRSGMCCPDLSPVSGPGTDRCGSSSGRGRCEAVTADSRPHSPQYPHDGRDDREVWPLRFFNRTCHCNGN
FSGHNCGTCRPGWRGAACDQRVLIVRRNLLDLSKEEKNHFVRALDMAKRTTHPLFVIATRRSEEILGPDGNTPQFENISI
YNYFVWTHYYSVKKTFLGVGQESFGEVDFSHEGPAFLTWHRYHLLRLEKDMQEMLQEPSFSLPYWNFATGKNVCDICTDD
LMGSRSNFDSTLISPNSVFSQWRVVCDSLEDYDTLGTLCNSTEDGPIRRNPAGNVARPMVQRLPEPQDVAQCLEVGLFDT
PPFYSNSTNSFRNTVEGYSDPTGKYDPAVRSLHNLAHLFLNGTGGQTHLSPNDPIFVLLHTFTDAVFDEWLRRYNADIST
FPLENAPIGHNRQYNMVPFWPPVTNTEMFVTAPDNLGYTYEIQWPSRENL
;
_entity_poly.pdbx_strand_id   AA,BA,CA,DA
#
# COMPACT_ATOMS: atom_id res chain seq x y z
N GLN A 1 -1.38 4.68 -42.76
CA GLN A 1 -0.11 4.11 -42.42
C GLN A 1 0.47 3.27 -43.57
N PHE A 2 -0.27 3.16 -44.68
CA PHE A 2 0.07 2.28 -45.78
C PHE A 2 0.41 3.05 -47.07
N PRO A 3 1.19 2.44 -47.98
CA PRO A 3 1.41 3.06 -49.29
C PRO A 3 0.08 3.34 -49.99
N ARG A 4 0.00 4.50 -50.66
CA ARG A 4 -1.25 4.83 -51.33
C ARG A 4 -1.59 3.78 -52.39
N GLN A 5 -0.57 3.18 -53.01
CA GLN A 5 -0.78 2.03 -53.89
C GLN A 5 -1.52 0.87 -53.21
N CYS A 6 -1.54 0.82 -51.88
CA CYS A 6 -2.25 -0.25 -51.17
C CYS A 6 -3.55 0.22 -50.54
N ALA A 7 -3.84 1.51 -50.57
CA ALA A 7 -5.06 2.01 -49.93
C ALA A 7 -6.27 1.89 -50.84
N THR A 8 -6.44 0.71 -51.47
CA THR A 8 -7.44 0.51 -52.50
C THR A 8 -8.37 -0.65 -52.11
N VAL A 9 -9.57 -0.62 -52.70
CA VAL A 9 -10.53 -1.71 -52.51
C VAL A 9 -9.90 -3.05 -52.91
N GLU A 10 -9.22 -3.07 -54.06
CA GLU A 10 -8.61 -4.30 -54.54
C GLU A 10 -7.58 -4.84 -53.56
N ALA A 11 -6.74 -3.96 -53.01
CA ALA A 11 -5.66 -4.41 -52.14
C ALA A 11 -6.18 -4.81 -50.77
N LEU A 12 -7.09 -4.02 -50.20
CA LEU A 12 -7.64 -4.35 -48.91
C LEU A 12 -8.44 -5.65 -48.97
N ARG A 13 -9.08 -5.91 -50.11
CA ARG A 13 -9.82 -7.16 -50.31
C ARG A 13 -8.88 -8.34 -50.48
N SER A 14 -7.76 -8.17 -51.21
CA SER A 14 -6.85 -9.31 -51.37
C SER A 14 -5.96 -9.58 -50.15
N GLY A 15 -5.84 -8.60 -49.25
CA GLY A 15 -4.91 -8.73 -48.13
C GLY A 15 -3.45 -8.65 -48.52
N MET A 16 -3.15 -8.06 -49.68
CA MET A 16 -1.79 -8.02 -50.22
C MET A 16 -1.36 -6.57 -50.38
N CYS A 17 -0.25 -6.21 -49.76
CA CYS A 17 0.40 -4.91 -50.00
C CYS A 17 1.77 -5.22 -50.60
N CYS A 18 1.80 -5.35 -51.93
CA CYS A 18 2.98 -5.78 -52.68
C CYS A 18 3.04 -4.98 -53.98
N PRO A 19 3.37 -3.70 -53.89
CA PRO A 19 3.23 -2.83 -55.07
C PRO A 19 4.33 -3.00 -56.10
N ASP A 20 4.00 -2.59 -57.32
CA ASP A 20 4.95 -2.61 -58.42
C ASP A 20 6.15 -1.73 -58.12
N LEU A 21 7.27 -2.09 -58.74
CA LEU A 21 8.45 -1.24 -58.78
C LEU A 21 8.61 -0.66 -60.19
N SER A 22 8.96 -1.49 -61.18
CA SER A 22 9.20 -1.05 -62.56
C SER A 22 8.40 -1.93 -63.50
N PRO A 23 7.09 -1.78 -63.51
CA PRO A 23 6.23 -2.68 -64.29
C PRO A 23 6.22 -2.28 -65.77
N VAL A 24 6.90 -3.07 -66.60
CA VAL A 24 6.91 -2.73 -68.02
C VAL A 24 5.75 -3.37 -68.77
N SER A 25 5.23 -4.49 -68.29
CA SER A 25 4.16 -5.22 -68.97
C SER A 25 2.79 -4.95 -68.38
N GLY A 26 2.59 -3.80 -67.73
CA GLY A 26 1.30 -3.48 -67.15
C GLY A 26 1.25 -3.66 -65.65
N PRO A 27 0.19 -3.16 -65.03
CA PRO A 27 0.11 -3.16 -63.55
C PRO A 27 0.09 -4.58 -63.00
N GLY A 28 0.96 -4.81 -62.00
CA GLY A 28 1.10 -6.11 -61.38
C GLY A 28 2.23 -6.97 -61.93
N THR A 29 3.01 -6.45 -62.88
CA THR A 29 4.02 -7.25 -63.54
C THR A 29 5.41 -7.08 -62.92
N ASP A 30 5.56 -6.24 -61.89
CA ASP A 30 6.86 -6.14 -61.19
C ASP A 30 6.65 -5.90 -59.70
N ARG A 31 5.82 -6.74 -59.08
CA ARG A 31 5.59 -6.59 -57.66
C ARG A 31 6.89 -6.83 -56.90
N CYS A 32 7.23 -5.88 -56.02
CA CYS A 32 8.41 -5.98 -55.15
C CYS A 32 9.72 -5.98 -55.93
N GLY A 33 9.73 -5.50 -57.17
CA GLY A 33 10.96 -5.58 -57.95
C GLY A 33 11.41 -6.98 -58.26
N SER A 34 10.48 -7.94 -58.33
CA SER A 34 10.88 -9.33 -58.58
C SER A 34 11.49 -9.53 -59.97
N SER A 35 11.13 -8.69 -60.95
CA SER A 35 11.73 -8.80 -62.28
C SER A 35 13.25 -8.68 -62.25
N SER A 36 13.79 -7.90 -61.30
CA SER A 36 15.23 -7.67 -61.20
C SER A 36 15.83 -8.28 -59.94
N GLY A 37 15.11 -9.19 -59.28
CA GLY A 37 15.67 -9.86 -58.13
C GLY A 37 15.71 -9.07 -56.85
N ARG A 38 15.10 -7.88 -56.81
CA ARG A 38 15.17 -7.07 -55.59
C ARG A 38 14.24 -7.57 -54.49
N GLY A 39 13.20 -8.33 -54.80
CA GLY A 39 12.36 -8.88 -53.75
C GLY A 39 11.24 -9.74 -54.30
N ARG A 40 10.42 -10.26 -53.39
CA ARG A 40 9.24 -11.00 -53.79
C ARG A 40 8.13 -10.80 -52.79
N CYS A 41 6.91 -10.84 -53.30
CA CYS A 41 5.74 -10.83 -52.43
C CYS A 41 5.64 -12.15 -51.67
N GLU A 42 5.56 -12.08 -50.34
CA GLU A 42 5.53 -13.27 -49.51
C GLU A 42 4.62 -13.05 -48.31
N ALA A 43 4.25 -14.16 -47.66
CA ALA A 43 3.43 -14.08 -46.45
C ALA A 43 4.13 -13.26 -45.36
N VAL A 44 3.35 -12.45 -44.66
CA VAL A 44 3.86 -11.67 -43.54
C VAL A 44 4.34 -12.59 -42.43
N THR A 45 5.45 -12.23 -41.79
CA THR A 45 5.86 -12.80 -40.50
C THR A 45 5.42 -11.86 -39.37
N ALA A 46 4.59 -12.36 -38.47
CA ALA A 46 4.07 -11.58 -37.35
C ALA A 46 4.17 -12.36 -36.05
N ASP A 47 4.48 -11.64 -34.97
CA ASP A 47 4.64 -12.21 -33.63
C ASP A 47 3.33 -12.82 -33.15
N SER A 48 3.38 -14.07 -32.73
CA SER A 48 2.21 -14.76 -32.19
C SER A 48 2.32 -15.05 -30.70
N ARG A 49 3.30 -14.47 -30.02
CA ARG A 49 3.60 -14.83 -28.64
C ARG A 49 2.71 -14.09 -27.65
N PRO A 50 2.47 -14.67 -26.46
CA PRO A 50 1.58 -14.03 -25.47
C PRO A 50 2.10 -12.68 -25.00
N HIS A 51 1.17 -11.83 -24.60
CA HIS A 51 1.47 -10.55 -23.98
C HIS A 51 0.91 -10.53 -22.55
N SER A 52 1.29 -9.51 -21.78
CA SER A 52 0.87 -9.40 -20.39
C SER A 52 -0.66 -9.31 -20.29
N PRO A 53 -1.23 -9.63 -19.12
CA PRO A 53 -2.69 -9.53 -18.95
C PRO A 53 -3.22 -8.11 -18.82
N GLN A 54 -2.37 -7.08 -18.93
CA GLN A 54 -2.84 -5.70 -18.87
C GLN A 54 -3.92 -5.41 -19.92
N TYR A 55 -3.78 -5.98 -21.12
CA TYR A 55 -4.76 -5.79 -22.20
C TYR A 55 -5.67 -7.01 -22.27
N PRO A 56 -6.94 -6.90 -21.89
CA PRO A 56 -7.86 -8.06 -21.94
C PRO A 56 -8.73 -8.17 -23.19
N HIS A 57 -8.45 -7.41 -24.26
CA HIS A 57 -9.39 -7.24 -25.35
C HIS A 57 -8.87 -7.80 -26.68
N ASP A 58 -8.24 -8.98 -26.68
CA ASP A 58 -7.80 -9.56 -27.95
C ASP A 58 -8.97 -9.72 -28.91
N GLY A 59 -8.72 -9.52 -30.21
CA GLY A 59 -9.73 -9.53 -31.24
C GLY A 59 -10.46 -8.21 -31.48
N ARG A 60 -10.23 -7.19 -30.66
CA ARG A 60 -10.99 -5.94 -30.77
C ARG A 60 -10.22 -4.79 -31.41
N ASP A 61 -8.88 -4.86 -31.53
CA ASP A 61 -8.09 -3.70 -31.93
C ASP A 61 -7.27 -4.01 -33.17
N ASP A 62 -7.40 -3.17 -34.20
CA ASP A 62 -6.65 -3.37 -35.44
C ASP A 62 -5.15 -3.39 -35.24
N ARG A 63 -4.64 -2.85 -34.15
CA ARG A 63 -3.21 -2.80 -33.94
C ARG A 63 -2.64 -4.16 -33.54
N GLU A 64 -3.50 -5.09 -33.11
CA GLU A 64 -3.05 -6.43 -32.70
C GLU A 64 -2.37 -7.16 -33.85
N VAL A 65 -1.33 -7.92 -33.52
CA VAL A 65 -0.54 -8.72 -34.46
C VAL A 65 -0.29 -7.93 -35.76
N TRP A 66 0.15 -6.67 -35.61
CA TRP A 66 0.41 -5.79 -36.74
C TRP A 66 1.26 -6.49 -37.80
N PRO A 67 0.91 -6.41 -39.09
CA PRO A 67 -0.24 -5.70 -39.65
C PRO A 67 -1.38 -6.65 -40.06
N LEU A 68 -1.52 -7.82 -39.42
CA LEU A 68 -2.37 -8.88 -39.94
C LEU A 68 -3.83 -8.47 -40.10
N ARG A 69 -4.30 -7.48 -39.35
CA ARG A 69 -5.69 -7.05 -39.55
C ARG A 69 -5.91 -6.32 -40.87
N PHE A 70 -4.85 -5.97 -41.59
CA PHE A 70 -5.01 -5.27 -42.86
C PHE A 70 -4.36 -6.00 -44.02
N PHE A 71 -3.17 -6.57 -43.82
CA PHE A 71 -2.47 -7.26 -44.90
C PHE A 71 -1.72 -8.44 -44.31
N ASN A 72 -1.71 -9.56 -45.04
CA ASN A 72 -0.95 -10.72 -44.61
C ASN A 72 0.08 -11.18 -45.64
N ARG A 73 0.24 -10.44 -46.74
CA ARG A 73 1.34 -10.61 -47.69
C ARG A 73 2.00 -9.26 -47.91
N THR A 74 3.34 -9.23 -47.93
CA THR A 74 4.13 -8.01 -48.07
C THR A 74 5.38 -8.31 -48.90
N CYS A 75 6.08 -7.25 -49.28
CA CYS A 75 7.30 -7.36 -50.06
C CYS A 75 8.46 -7.79 -49.17
N HIS A 76 9.11 -8.88 -49.52
CA HIS A 76 10.30 -9.35 -48.82
CA HIS A 76 10.29 -9.36 -48.82
C HIS A 76 11.50 -9.10 -49.72
N CYS A 77 12.32 -8.13 -49.35
CA CYS A 77 13.40 -7.72 -50.22
C CYS A 77 14.64 -8.59 -49.99
N ASN A 78 15.53 -8.60 -51.00
CA ASN A 78 16.76 -9.38 -50.96
C ASN A 78 17.95 -8.46 -50.73
N GLY A 79 19.05 -9.06 -50.29
CA GLY A 79 20.29 -8.30 -50.13
C GLY A 79 20.10 -7.07 -49.27
N ASN A 80 20.57 -5.94 -49.77
CA ASN A 80 20.46 -4.66 -49.07
C ASN A 80 19.40 -3.75 -49.67
N PHE A 81 18.55 -4.26 -50.57
CA PHE A 81 17.37 -3.53 -51.00
C PHE A 81 16.33 -3.52 -49.89
N SER A 82 15.39 -2.58 -49.97
CA SER A 82 14.41 -2.42 -48.88
C SER A 82 13.30 -1.51 -49.37
N GLY A 83 12.30 -1.30 -48.52
CA GLY A 83 11.22 -0.38 -48.82
C GLY A 83 9.95 -1.11 -49.22
N HIS A 84 8.87 -0.34 -49.36
CA HIS A 84 7.55 -0.93 -49.56
C HIS A 84 7.51 -1.80 -50.83
N ASN A 85 8.26 -1.43 -51.86
CA ASN A 85 8.31 -2.24 -53.08
C ASN A 85 9.74 -2.67 -53.42
N CYS A 86 10.64 -2.65 -52.43
CA CYS A 86 12.05 -3.06 -52.57
C CYS A 86 12.84 -2.12 -53.48
N GLY A 87 12.32 -0.90 -53.68
CA GLY A 87 12.98 0.10 -54.48
C GLY A 87 14.01 0.99 -53.79
N THR A 88 14.15 0.94 -52.46
CA THR A 88 15.24 1.69 -51.80
C THR A 88 16.19 0.74 -51.08
N CYS A 89 16.85 1.18 -49.99
CA CYS A 89 17.98 0.43 -49.43
C CYS A 89 17.85 0.27 -47.92
N ARG A 90 18.46 -0.81 -47.39
CA ARG A 90 18.51 -1.02 -45.95
C ARG A 90 19.31 0.10 -45.30
N PRO A 91 19.09 0.35 -43.99
CA PRO A 91 19.82 1.45 -43.32
C PRO A 91 21.32 1.27 -43.45
N GLY A 92 22.01 2.38 -43.73
CA GLY A 92 23.45 2.35 -43.92
C GLY A 92 23.90 2.17 -45.36
N TRP A 93 22.98 2.01 -46.29
CA TRP A 93 23.29 1.80 -47.70
C TRP A 93 22.58 2.83 -48.57
N ARG A 94 23.12 3.08 -49.76
CA ARG A 94 22.46 3.94 -50.73
C ARG A 94 22.94 3.59 -52.13
N GLY A 95 22.39 4.28 -53.11
CA GLY A 95 22.72 4.05 -54.50
C GLY A 95 21.73 3.10 -55.16
N ALA A 96 21.67 3.19 -56.50
CA ALA A 96 20.73 2.38 -57.27
C ALA A 96 20.95 0.88 -57.07
N ALA A 97 22.17 0.47 -56.71
CA ALA A 97 22.45 -0.93 -56.38
C ALA A 97 22.55 -1.16 -54.88
N CYS A 98 22.28 -0.15 -54.06
CA CYS A 98 22.36 -0.26 -52.59
C CYS A 98 23.73 -0.81 -52.16
N ASP A 99 24.78 -0.33 -52.83
CA ASP A 99 26.15 -0.77 -52.57
C ASP A 99 27.09 0.35 -52.13
N GLN A 100 26.59 1.59 -51.98
CA GLN A 100 27.35 2.69 -51.41
C GLN A 100 26.99 2.86 -49.93
N ARG A 101 27.98 2.75 -49.05
CA ARG A 101 27.77 2.99 -47.62
C ARG A 101 27.47 4.45 -47.35
N VAL A 102 26.75 4.70 -46.26
CA VAL A 102 26.41 6.06 -45.86
C VAL A 102 26.46 6.12 -44.34
N LEU A 103 27.00 7.22 -43.82
CA LEU A 103 27.04 7.44 -42.37
C LEU A 103 26.74 8.92 -42.14
N ILE A 104 25.56 9.21 -41.61
CA ILE A 104 25.18 10.59 -41.36
C ILE A 104 25.45 10.93 -39.90
N VAL A 105 25.79 12.19 -39.62
CA VAL A 105 26.19 12.63 -38.29
C VAL A 105 25.09 13.51 -37.72
N ARG A 106 24.56 13.15 -36.54
CA ARG A 106 23.57 13.95 -35.84
C ARG A 106 24.25 14.76 -34.75
N ARG A 107 24.15 16.07 -34.83
CA ARG A 107 24.93 16.99 -34.01
C ARG A 107 24.04 17.75 -33.03
N ASN A 108 24.69 18.40 -32.05
CA ASN A 108 23.98 19.31 -31.16
C ASN A 108 23.44 20.49 -31.96
N LEU A 109 22.13 20.75 -31.83
CA LEU A 109 21.55 21.84 -32.62
C LEU A 109 22.27 23.16 -32.33
N LEU A 110 22.77 23.34 -31.11
CA LEU A 110 23.46 24.57 -30.76
C LEU A 110 24.85 24.67 -31.40
N ASP A 111 25.43 23.57 -31.87
CA ASP A 111 26.72 23.61 -32.54
C ASP A 111 26.62 23.76 -34.05
N LEU A 112 25.42 23.85 -34.60
CA LEU A 112 25.28 24.10 -36.03
C LEU A 112 25.62 25.56 -36.34
N SER A 113 25.98 25.81 -37.59
CA SER A 113 26.24 27.16 -38.04
C SER A 113 24.93 27.93 -38.26
N LYS A 114 25.08 29.24 -38.48
CA LYS A 114 23.92 30.08 -38.73
C LYS A 114 23.13 29.59 -39.95
N GLU A 115 23.83 29.22 -41.02
CA GLU A 115 23.17 28.71 -42.21
C GLU A 115 22.54 27.36 -41.97
N GLU A 116 23.20 26.50 -41.19
CA GLU A 116 22.68 25.17 -40.95
C GLU A 116 21.43 25.20 -40.06
N LYS A 117 21.47 26.01 -39.00
CA LYS A 117 20.29 26.19 -38.16
C LYS A 117 19.11 26.70 -39.00
N ASN A 118 19.37 27.70 -39.85
CA ASN A 118 18.32 28.19 -40.75
C ASN A 118 17.84 27.10 -41.71
N HIS A 119 18.78 26.32 -42.25
CA HIS A 119 18.38 25.25 -43.16
C HIS A 119 17.50 24.21 -42.46
N PHE A 120 17.81 23.91 -41.20
CA PHE A 120 17.04 22.92 -40.47
C PHE A 120 15.64 23.43 -40.16
N VAL A 121 15.53 24.68 -39.70
CA VAL A 121 14.22 25.25 -39.41
C VAL A 121 13.36 25.28 -40.66
N ARG A 122 13.93 25.66 -41.81
CA ARG A 122 13.19 25.67 -43.06
C ARG A 122 12.79 24.27 -43.49
N ALA A 123 13.64 23.28 -43.24
CA ALA A 123 13.34 21.91 -43.62
C ALA A 123 12.13 21.36 -42.83
N LEU A 124 12.08 21.64 -41.51
CA LEU A 124 10.91 21.26 -40.72
C LEU A 124 9.64 21.89 -41.28
N ASP A 125 9.65 23.22 -41.45
CA ASP A 125 8.50 23.93 -41.99
C ASP A 125 8.08 23.36 -43.34
N MET A 126 9.05 23.03 -44.20
CA MET A 126 8.72 22.42 -45.49
C MET A 126 8.05 21.06 -45.30
N ALA A 127 8.53 20.25 -44.35
CA ALA A 127 7.88 18.97 -44.09
C ALA A 127 6.47 19.16 -43.54
N LYS A 128 6.26 20.20 -42.74
CA LYS A 128 4.91 20.49 -42.23
C LYS A 128 3.91 20.71 -43.37
N ARG A 129 4.36 21.28 -44.51
CA ARG A 129 3.48 21.65 -45.62
C ARG A 129 3.45 20.66 -46.77
N THR A 130 4.47 19.82 -46.92
CA THR A 130 4.60 18.97 -48.10
C THR A 130 3.92 17.62 -47.88
N THR A 131 2.98 17.30 -48.78
CA THR A 131 2.30 16.01 -48.82
C THR A 131 3.30 14.86 -48.82
N HIS A 132 3.09 13.90 -47.91
CA HIS A 132 3.90 12.68 -47.93
C HIS A 132 3.68 11.97 -49.26
N PRO A 133 4.74 11.68 -50.02
CA PRO A 133 4.55 11.06 -51.33
C PRO A 133 4.04 9.63 -51.30
N LEU A 134 4.28 8.89 -50.21
CA LEU A 134 3.95 7.47 -50.19
C LEU A 134 2.76 7.13 -49.31
N PHE A 135 2.71 7.65 -48.09
CA PHE A 135 1.77 7.17 -47.08
C PHE A 135 0.51 8.02 -47.02
N VAL A 136 -0.62 7.35 -46.87
CA VAL A 136 -1.90 7.95 -46.54
C VAL A 136 -2.35 7.37 -45.20
N ILE A 137 -3.25 8.07 -44.52
CA ILE A 137 -3.69 7.70 -43.17
C ILE A 137 -5.16 7.30 -43.17
N ALA A 138 -5.46 6.16 -42.54
CA ALA A 138 -6.84 5.78 -42.32
C ALA A 138 -7.51 6.74 -41.34
N THR A 139 -8.77 7.07 -41.61
CA THR A 139 -9.55 7.87 -40.70
C THR A 139 -10.60 7.07 -39.95
N ARG A 140 -10.87 5.83 -40.39
CA ARG A 140 -11.81 4.90 -39.76
C ARG A 140 -11.07 3.61 -39.42
N ARG A 141 -11.61 2.84 -38.47
CA ARG A 141 -11.07 1.52 -38.16
C ARG A 141 -11.44 0.53 -39.28
N SER A 142 -10.93 -0.69 -39.17
CA SER A 142 -10.98 -1.64 -40.29
C SER A 142 -12.41 -1.92 -40.75
N GLU A 143 -13.34 -2.10 -39.81
CA GLU A 143 -14.71 -2.46 -40.20
C GLU A 143 -15.35 -1.41 -41.10
N GLU A 144 -15.01 -0.14 -40.92
CA GLU A 144 -15.54 0.94 -41.73
C GLU A 144 -14.54 1.47 -42.77
N ILE A 145 -13.47 0.70 -43.05
CA ILE A 145 -12.38 1.27 -43.84
C ILE A 145 -12.78 1.54 -45.30
N LEU A 146 -13.86 0.93 -45.78
CA LEU A 146 -14.32 1.16 -47.15
C LEU A 146 -15.56 2.04 -47.20
N GLY A 147 -15.85 2.76 -46.13
CA GLY A 147 -16.87 3.78 -46.14
C GLY A 147 -18.28 3.25 -46.19
N PRO A 148 -19.25 4.16 -46.23
CA PRO A 148 -20.67 3.72 -46.22
C PRO A 148 -21.03 2.81 -47.38
N ASP A 149 -20.62 3.16 -48.60
CA ASP A 149 -21.01 2.36 -49.76
C ASP A 149 -20.16 1.12 -49.98
N GLY A 150 -19.16 0.86 -49.14
CA GLY A 150 -18.31 -0.30 -49.33
C GLY A 150 -17.33 -0.21 -50.48
N ASN A 151 -17.10 1.00 -51.00
CA ASN A 151 -16.23 1.16 -52.15
C ASN A 151 -15.42 2.44 -52.11
N THR A 152 -15.31 3.09 -50.96
CA THR A 152 -14.55 4.34 -50.85
C THR A 152 -13.57 4.20 -49.68
N PRO A 153 -12.30 3.91 -49.96
CA PRO A 153 -11.31 3.79 -48.88
C PRO A 153 -11.26 5.06 -48.04
N GLN A 154 -11.30 4.88 -46.72
CA GLN A 154 -11.30 6.01 -45.79
C GLN A 154 -9.85 6.38 -45.43
N PHE A 155 -9.14 6.88 -46.46
CA PHE A 155 -7.77 7.34 -46.30
C PHE A 155 -7.66 8.78 -46.77
N GLU A 156 -6.70 9.50 -46.19
CA GLU A 156 -6.43 10.88 -46.55
C GLU A 156 -4.95 11.04 -46.83
N ASN A 157 -4.63 11.96 -47.74
CA ASN A 157 -3.27 12.46 -47.85
C ASN A 157 -2.88 13.19 -46.56
N ILE A 158 -1.58 13.28 -46.29
CA ILE A 158 -1.14 13.93 -45.07
C ILE A 158 0.29 14.39 -45.27
N SER A 159 0.66 15.49 -44.60
CA SER A 159 1.98 16.06 -44.84
C SER A 159 3.05 15.18 -44.22
N ILE A 160 4.28 15.38 -44.69
CA ILE A 160 5.38 14.55 -44.20
C ILE A 160 5.49 14.63 -42.68
N TYR A 161 5.38 15.84 -42.11
CA TYR A 161 5.52 16.00 -40.67
C TYR A 161 4.26 15.60 -39.91
N ASN A 162 3.07 15.78 -40.48
CA ASN A 162 1.88 15.34 -39.77
C ASN A 162 1.79 13.81 -39.74
N TYR A 163 2.33 13.13 -40.75
CA TYR A 163 2.46 11.69 -40.69
C TYR A 163 3.27 11.24 -39.47
N PHE A 164 4.37 11.95 -39.19
CA PHE A 164 5.19 11.73 -38.00
C PHE A 164 4.36 11.93 -36.72
N VAL A 165 3.48 12.93 -36.71
CA VAL A 165 2.57 13.08 -35.58
C VAL A 165 1.57 11.93 -35.53
N TRP A 166 1.04 11.53 -36.69
CA TRP A 166 -0.11 10.61 -36.73
C TRP A 166 0.27 9.21 -36.25
N THR A 167 1.40 8.68 -36.72
CA THR A 167 1.79 7.32 -36.30
C THR A 167 2.01 7.26 -34.80
N HIS A 168 2.56 8.33 -34.26
CA HIS A 168 2.68 8.45 -32.81
C HIS A 168 1.32 8.41 -32.13
N TYR A 169 0.37 9.23 -32.58
CA TYR A 169 -0.98 9.22 -32.01
C TYR A 169 -1.60 7.83 -32.09
N TYR A 170 -1.39 7.13 -33.20
CA TYR A 170 -2.07 5.85 -33.43
C TYR A 170 -1.49 4.75 -32.55
N SER A 171 -0.22 4.86 -32.20
CA SER A 171 0.40 3.89 -31.32
C SER A 171 -0.02 4.07 -29.87
N VAL A 172 -0.51 5.25 -29.46
CA VAL A 172 -0.86 5.47 -28.06
C VAL A 172 -2.36 5.53 -27.81
N LYS A 173 -3.18 5.56 -28.85
CA LYS A 173 -4.61 5.84 -28.69
C LYS A 173 -5.33 4.70 -27.97
N LYS A 174 -6.52 4.99 -27.46
CA LYS A 174 -7.24 3.98 -26.70
C LYS A 174 -7.89 2.97 -27.62
N THR A 175 -8.14 1.76 -27.09
CA THR A 175 -8.91 0.78 -27.84
C THR A 175 -10.39 1.18 -27.79
N PHE A 176 -11.01 1.33 -28.96
CA PHE A 176 -12.44 1.63 -29.04
C PHE A 176 -13.26 0.34 -28.89
N LEU A 177 -14.15 0.31 -27.90
CA LEU A 177 -14.92 -0.87 -27.55
C LEU A 177 -16.34 -0.89 -28.11
N GLY A 178 -16.90 0.27 -28.42
CA GLY A 178 -18.23 0.38 -29.00
C GLY A 178 -18.86 1.69 -28.61
N VAL A 179 -19.82 2.12 -29.43
CA VAL A 179 -20.56 3.33 -29.10
C VAL A 179 -21.31 3.10 -27.79
N GLY A 180 -21.20 4.06 -26.89
CA GLY A 180 -21.80 3.95 -25.57
C GLY A 180 -20.96 3.24 -24.54
N GLN A 181 -19.81 2.70 -24.91
CA GLN A 181 -18.90 2.08 -23.96
C GLN A 181 -17.66 2.96 -23.77
N GLU A 182 -17.09 2.87 -22.58
CA GLU A 182 -15.88 3.61 -22.26
C GLU A 182 -14.69 2.99 -23.00
N SER A 183 -13.86 3.84 -23.61
CA SER A 183 -12.71 3.32 -24.34
C SER A 183 -11.62 2.89 -23.37
N PHE A 184 -10.88 1.83 -23.74
CA PHE A 184 -9.92 1.20 -22.83
C PHE A 184 -8.53 1.83 -22.98
N GLY A 185 -7.95 2.26 -21.86
CA GLY A 185 -6.76 3.10 -21.89
C GLY A 185 -5.46 2.49 -21.40
N GLU A 186 -5.48 1.23 -20.94
CA GLU A 186 -4.26 0.61 -20.41
C GLU A 186 -3.56 -0.20 -21.50
N VAL A 187 -3.21 0.55 -22.55
CA VAL A 187 -2.57 0.01 -23.74
C VAL A 187 -1.82 1.17 -24.36
N ASP A 188 -0.63 0.88 -24.86
CA ASP A 188 0.25 1.88 -25.44
C ASP A 188 1.36 1.11 -26.14
N PHE A 189 1.37 1.17 -27.47
CA PHE A 189 2.27 0.36 -28.27
C PHE A 189 3.66 0.95 -28.40
N SER A 190 3.91 2.11 -27.79
CA SER A 190 5.21 2.76 -27.94
C SER A 190 5.77 3.34 -26.64
N HIS A 191 5.07 3.19 -25.52
CA HIS A 191 5.51 3.68 -24.22
C HIS A 191 5.21 2.66 -23.14
N GLU A 192 5.86 2.83 -21.98
CA GLU A 192 5.59 2.02 -20.80
C GLU A 192 5.85 0.53 -21.07
N GLY A 193 7.02 0.26 -21.66
CA GLY A 193 7.42 -1.08 -22.01
C GLY A 193 8.69 -1.06 -22.84
N PRO A 194 9.32 -2.23 -23.02
CA PRO A 194 10.65 -2.28 -23.66
C PRO A 194 10.73 -1.66 -25.05
N ALA A 195 9.64 -1.70 -25.84
CA ALA A 195 9.69 -1.12 -27.18
C ALA A 195 9.80 0.40 -27.18
N PHE A 196 9.71 1.07 -26.03
CA PHE A 196 9.76 2.53 -26.03
C PHE A 196 10.97 3.05 -26.81
N LEU A 197 12.16 2.48 -26.58
CA LEU A 197 13.36 3.02 -27.19
C LEU A 197 13.48 2.66 -28.66
N THR A 198 13.11 1.43 -29.04
CA THR A 198 13.27 1.02 -30.42
C THR A 198 12.15 1.59 -31.31
N TRP A 199 10.93 1.74 -30.77
CA TRP A 199 9.87 2.41 -31.52
C TRP A 199 10.29 3.84 -31.86
N HIS A 200 10.77 4.58 -30.88
CA HIS A 200 11.10 5.96 -31.14
C HIS A 200 12.35 6.09 -32.00
N ARG A 201 13.25 5.11 -31.96
CA ARG A 201 14.38 5.11 -32.88
C ARG A 201 13.91 5.03 -34.32
N TYR A 202 13.01 4.08 -34.64
CA TYR A 202 12.58 3.95 -36.03
C TYR A 202 11.79 5.19 -36.45
N HIS A 203 10.94 5.70 -35.57
CA HIS A 203 10.21 6.95 -35.77
C HIS A 203 11.11 8.07 -36.34
N LEU A 204 12.26 8.30 -35.69
CA LEU A 204 13.23 9.29 -36.14
C LEU A 204 13.89 8.90 -37.46
N LEU A 205 14.30 7.62 -37.57
CA LEU A 205 14.93 7.16 -38.79
C LEU A 205 14.03 7.41 -39.99
N ARG A 206 12.74 7.19 -39.81
CA ARG A 206 11.80 7.35 -40.91
C ARG A 206 11.60 8.82 -41.27
N LEU A 207 11.49 9.70 -40.26
CA LEU A 207 11.37 11.13 -40.56
C LEU A 207 12.62 11.66 -41.26
N GLU A 208 13.80 11.26 -40.77
CA GLU A 208 15.06 11.70 -41.35
C GLU A 208 15.15 11.28 -42.82
N LYS A 209 14.76 10.03 -43.12
CA LYS A 209 14.68 9.53 -44.49
C LYS A 209 13.71 10.33 -45.35
N ASP A 210 12.47 10.54 -44.86
CA ASP A 210 11.49 11.31 -45.64
C ASP A 210 11.96 12.73 -45.88
N MET A 211 12.68 13.33 -44.93
CA MET A 211 13.14 14.70 -45.13
C MET A 211 14.31 14.75 -46.12
N GLN A 212 15.20 13.74 -46.10
CA GLN A 212 16.24 13.63 -47.12
C GLN A 212 15.65 13.61 -48.52
N GLU A 213 14.60 12.79 -48.73
CA GLU A 213 13.99 12.67 -50.05
C GLU A 213 13.20 13.92 -50.42
N MET A 214 12.50 14.53 -49.47
CA MET A 214 11.83 15.81 -49.73
C MET A 214 12.84 16.87 -50.20
N LEU A 215 14.00 16.95 -49.55
CA LEU A 215 15.02 17.92 -49.93
C LEU A 215 15.86 17.48 -51.13
N GLN A 216 15.82 16.18 -51.47
CA GLN A 216 16.81 15.57 -52.35
C GLN A 216 18.21 15.91 -51.87
N GLU A 217 18.41 15.82 -50.55
CA GLU A 217 19.71 15.99 -49.89
C GLU A 217 19.98 14.72 -49.10
N PRO A 218 20.68 13.74 -49.68
CA PRO A 218 20.79 12.42 -49.01
C PRO A 218 21.48 12.46 -47.66
N SER A 219 22.31 13.45 -47.38
CA SER A 219 23.08 13.50 -46.14
C SER A 219 22.42 14.35 -45.06
N PHE A 220 21.20 14.81 -45.30
CA PHE A 220 20.50 15.59 -44.28
C PHE A 220 20.33 14.79 -43.00
N SER A 221 20.55 15.44 -41.86
CA SER A 221 20.55 14.77 -40.57
C SER A 221 19.69 15.53 -39.56
N LEU A 222 19.03 14.79 -38.67
CA LEU A 222 18.32 15.43 -37.56
C LEU A 222 19.30 15.73 -36.43
N PRO A 223 19.34 16.95 -35.90
CA PRO A 223 20.13 17.28 -34.70
C PRO A 223 19.44 16.83 -33.42
N TYR A 224 20.12 17.03 -32.29
CA TYR A 224 19.55 16.73 -30.98
C TYR A 224 19.59 17.97 -30.08
N TRP A 225 18.81 17.88 -29.02
CA TRP A 225 18.77 18.87 -27.96
C TRP A 225 19.18 18.18 -26.67
N ASN A 226 20.38 18.48 -26.18
CA ASN A 226 20.79 18.06 -24.84
C ASN A 226 19.89 18.79 -23.85
N PHE A 227 18.85 18.10 -23.36
CA PHE A 227 18.00 18.69 -22.33
C PHE A 227 18.49 18.46 -20.90
N ALA A 228 19.56 17.69 -20.71
CA ALA A 228 20.03 17.38 -19.36
C ALA A 228 21.06 18.43 -18.92
N THR A 229 20.59 19.65 -18.74
CA THR A 229 21.44 20.75 -18.31
C THR A 229 21.07 21.33 -16.95
N GLY A 230 20.05 20.82 -16.28
CA GLY A 230 19.63 21.38 -15.01
C GLY A 230 19.04 22.78 -15.10
N LYS A 231 18.90 23.34 -16.30
CA LYS A 231 18.35 24.68 -16.45
C LYS A 231 16.85 24.68 -16.24
N ASN A 232 16.31 25.86 -16.01
CA ASN A 232 14.86 26.00 -15.95
C ASN A 232 14.37 26.99 -16.98
N VAL A 233 15.15 27.18 -18.05
CA VAL A 233 14.71 27.78 -19.29
C VAL A 233 15.03 26.80 -20.42
N CYS A 234 14.40 27.01 -21.57
CA CYS A 234 14.57 26.15 -22.75
C CYS A 234 15.57 26.81 -23.68
N ASP A 235 16.80 26.30 -23.70
CA ASP A 235 17.90 26.99 -24.39
C ASP A 235 17.81 26.89 -25.91
N ILE A 236 16.88 26.11 -26.47
CA ILE A 236 16.67 26.12 -27.91
C ILE A 236 15.42 26.90 -28.29
N CYS A 237 14.77 27.53 -27.32
CA CYS A 237 13.57 28.34 -27.59
C CYS A 237 13.98 29.78 -27.95
N THR A 238 14.56 29.93 -29.13
CA THR A 238 14.89 31.23 -29.68
C THR A 238 14.32 31.34 -31.08
N ASP A 239 14.27 32.56 -31.61
CA ASP A 239 13.57 32.77 -32.87
C ASP A 239 14.38 32.39 -34.09
N ASP A 240 15.67 32.08 -33.95
CA ASP A 240 16.39 31.35 -34.99
C ASP A 240 16.33 29.83 -34.83
N LEU A 241 15.80 29.32 -33.70
CA LEU A 241 15.71 27.87 -33.51
C LEU A 241 14.23 27.52 -33.39
N MET A 242 13.79 27.02 -32.24
CA MET A 242 12.44 26.49 -32.10
C MET A 242 11.45 27.51 -31.55
N GLY A 243 11.84 28.77 -31.45
CA GLY A 243 10.89 29.83 -31.15
C GLY A 243 10.86 30.28 -29.70
N SER A 244 10.96 31.58 -29.46
CA SER A 244 10.88 32.07 -28.09
C SER A 244 9.42 32.23 -27.68
N ARG A 245 9.24 32.53 -26.40
CA ARG A 245 7.92 32.81 -25.84
C ARG A 245 7.33 34.08 -26.46
N SER A 246 6.05 34.01 -26.81
CA SER A 246 5.32 35.21 -27.22
C SER A 246 5.19 36.17 -26.05
N ASN A 247 5.49 37.46 -26.31
CA ASN A 247 5.25 38.59 -25.41
C ASN A 247 3.79 38.99 -25.33
N PHE A 248 2.91 38.37 -26.09
CA PHE A 248 1.49 38.67 -25.99
C PHE A 248 0.69 37.59 -25.30
N ASP A 249 1.22 36.37 -25.25
CA ASP A 249 0.58 35.24 -24.58
C ASP A 249 1.71 34.29 -24.21
N SER A 250 1.96 34.13 -22.91
CA SER A 250 3.10 33.37 -22.42
C SER A 250 3.02 31.88 -22.74
N THR A 251 1.92 31.42 -23.35
CA THR A 251 1.78 30.04 -23.74
C THR A 251 1.85 29.84 -25.25
N LEU A 252 2.19 30.88 -26.02
CA LEU A 252 2.30 30.74 -27.45
C LEU A 252 3.71 31.09 -27.89
N ILE A 253 4.05 30.67 -29.11
CA ILE A 253 5.37 30.93 -29.67
C ILE A 253 5.40 32.32 -30.30
N SER A 254 6.57 32.95 -30.23
CA SER A 254 6.76 34.30 -30.74
C SER A 254 6.38 34.37 -32.21
N PRO A 255 5.57 35.36 -32.60
CA PRO A 255 5.22 35.51 -34.03
C PRO A 255 6.42 35.73 -34.93
N ASN A 256 7.60 36.00 -34.38
CA ASN A 256 8.80 36.10 -35.23
C ASN A 256 9.40 34.74 -35.57
N SER A 257 8.75 33.64 -35.17
CA SER A 257 9.14 32.29 -35.55
C SER A 257 8.03 31.65 -36.38
N VAL A 258 8.42 31.00 -37.49
CA VAL A 258 7.46 30.28 -38.33
C VAL A 258 6.69 29.26 -37.50
N PHE A 259 7.27 28.76 -36.40
CA PHE A 259 6.57 27.76 -35.61
C PHE A 259 5.35 28.32 -34.88
N SER A 260 5.17 29.64 -34.81
CA SER A 260 3.89 30.16 -34.32
C SER A 260 2.78 30.01 -35.36
N GLN A 261 3.12 29.73 -36.62
CA GLN A 261 2.13 29.50 -37.67
C GLN A 261 1.63 28.05 -37.72
N TRP A 262 2.34 27.10 -37.14
CA TRP A 262 1.91 25.71 -37.19
C TRP A 262 0.56 25.52 -36.50
N ARG A 263 -0.26 24.65 -37.09
CA ARG A 263 -1.49 24.19 -36.47
C ARG A 263 -1.45 22.68 -36.37
N VAL A 264 -2.03 22.14 -35.28
CA VAL A 264 -1.78 20.77 -34.79
C VAL A 264 -2.85 19.82 -35.28
N VAL A 265 -2.47 18.54 -35.36
CA VAL A 265 -3.37 17.44 -35.66
C VAL A 265 -3.57 16.57 -34.41
N CYS A 266 -4.72 15.87 -34.39
CA CYS A 266 -5.07 14.76 -33.49
C CYS A 266 -5.52 15.18 -32.10
N ASP A 267 -5.89 16.45 -31.90
CA ASP A 267 -6.31 16.95 -30.59
C ASP A 267 -7.81 16.91 -30.39
N SER A 268 -8.49 15.88 -30.89
CA SER A 268 -9.92 15.70 -30.69
C SER A 268 -10.18 14.29 -30.14
N LEU A 269 -9.55 13.99 -29.01
CA LEU A 269 -9.70 12.68 -28.38
C LEU A 269 -11.15 12.38 -28.05
N GLU A 270 -11.89 13.37 -27.57
CA GLU A 270 -13.28 13.14 -27.17
C GLU A 270 -14.09 12.64 -28.36
N ASP A 271 -13.81 13.15 -29.56
CA ASP A 271 -14.50 12.66 -30.75
C ASP A 271 -14.08 11.23 -31.07
N TYR A 272 -12.77 10.97 -31.14
CA TYR A 272 -12.29 9.65 -31.56
C TYR A 272 -12.77 8.55 -30.63
N ASP A 273 -12.69 8.78 -29.31
CA ASP A 273 -12.96 7.75 -28.33
C ASP A 273 -14.45 7.53 -28.07
N THR A 274 -15.32 8.44 -28.52
CA THR A 274 -16.76 8.25 -28.42
C THR A 274 -17.41 7.86 -29.76
N LEU A 275 -16.96 8.45 -30.86
CA LEU A 275 -17.46 8.08 -32.19
C LEU A 275 -16.74 6.88 -32.80
N GLY A 276 -15.55 6.53 -32.32
CA GLY A 276 -14.81 5.45 -32.95
C GLY A 276 -14.07 5.84 -34.21
N THR A 277 -13.90 7.14 -34.48
CA THR A 277 -13.07 7.59 -35.59
C THR A 277 -11.59 7.71 -35.17
N LEU A 278 -10.74 8.05 -36.14
CA LEU A 278 -9.33 8.28 -35.92
C LEU A 278 -8.98 9.70 -36.29
N CYS A 279 -7.86 10.18 -35.73
CA CYS A 279 -7.29 11.47 -36.12
C CYS A 279 -7.21 11.62 -37.63
N ASN A 280 -7.68 12.76 -38.15
CA ASN A 280 -7.57 13.02 -39.58
C ASN A 280 -6.55 14.13 -39.82
N SER A 281 -6.40 14.49 -41.10
CA SER A 281 -5.36 15.45 -41.48
C SER A 281 -5.78 16.91 -41.32
N THR A 282 -6.98 17.21 -40.83
CA THR A 282 -7.37 18.60 -40.60
C THR A 282 -6.69 19.16 -39.35
N GLU A 283 -5.98 20.28 -39.50
CA GLU A 283 -5.28 20.92 -38.40
C GLU A 283 -6.22 21.83 -37.60
N ASP A 284 -5.96 21.95 -36.29
CA ASP A 284 -6.82 22.82 -35.47
C ASP A 284 -6.12 23.25 -34.20
N GLY A 285 -5.73 24.50 -34.12
CA GLY A 285 -5.19 25.02 -32.89
C GLY A 285 -3.69 25.15 -32.98
N PRO A 286 -3.12 26.11 -32.27
CA PRO A 286 -1.68 26.34 -32.31
C PRO A 286 -0.93 25.50 -31.26
N ILE A 287 0.39 25.47 -31.40
CA ILE A 287 1.27 24.87 -30.40
C ILE A 287 1.20 25.69 -29.11
N ARG A 288 0.93 25.02 -27.99
CA ARG A 288 1.00 25.62 -26.67
C ARG A 288 2.31 25.22 -26.04
N ARG A 289 3.05 26.19 -25.51
CA ARG A 289 4.35 25.87 -24.92
C ARG A 289 4.64 26.95 -23.89
N ASN A 290 4.89 26.51 -22.66
CA ASN A 290 5.14 27.42 -21.54
C ASN A 290 6.25 26.85 -20.67
N PRO A 291 7.49 26.88 -21.16
CA PRO A 291 8.58 26.20 -20.45
C PRO A 291 8.74 26.70 -19.02
N ALA A 292 8.92 25.74 -18.09
CA ALA A 292 8.95 25.92 -16.64
C ALA A 292 7.62 26.38 -16.05
N GLY A 293 6.55 26.44 -16.85
CA GLY A 293 5.31 27.08 -16.46
C GLY A 293 4.36 26.29 -15.58
N ASN A 294 4.68 25.07 -15.16
CA ASN A 294 3.71 24.27 -14.42
C ASN A 294 3.86 24.53 -12.92
N VAL A 295 3.43 25.73 -12.51
CA VAL A 295 3.57 26.17 -11.12
C VAL A 295 2.88 25.22 -10.13
N ALA A 296 1.86 24.49 -10.57
CA ALA A 296 1.17 23.55 -9.70
C ALA A 296 1.91 22.24 -9.51
N ARG A 297 3.00 22.01 -10.24
CA ARG A 297 3.73 20.76 -10.20
C ARG A 297 5.21 21.06 -10.24
N PRO A 298 5.78 21.54 -9.12
CA PRO A 298 7.13 22.12 -9.18
C PRO A 298 8.22 21.15 -9.59
N MET A 299 8.04 19.83 -9.39
CA MET A 299 9.04 18.86 -9.84
C MET A 299 9.29 18.92 -11.35
N VAL A 300 8.33 19.40 -12.14
CA VAL A 300 8.53 19.44 -13.58
C VAL A 300 8.81 20.88 -14.04
N GLN A 301 9.37 21.69 -13.17
CA GLN A 301 9.74 23.06 -13.52
C GLN A 301 11.23 23.23 -13.76
N ARG A 302 12.03 22.17 -13.60
CA ARG A 302 13.45 22.20 -13.94
C ARG A 302 13.82 20.94 -14.73
N LEU A 303 14.71 21.10 -15.70
CA LEU A 303 15.14 20.02 -16.57
C LEU A 303 16.07 19.06 -15.82
N PRO A 304 16.27 17.85 -16.35
CA PRO A 304 17.21 16.91 -15.72
C PRO A 304 18.63 17.46 -15.68
N GLU A 305 19.38 17.02 -14.67
CA GLU A 305 20.77 17.41 -14.49
C GLU A 305 21.70 16.56 -15.35
N PRO A 306 22.91 17.04 -15.64
CA PRO A 306 23.89 16.18 -16.34
C PRO A 306 24.12 14.84 -15.67
N GLN A 307 24.23 14.81 -14.33
CA GLN A 307 24.48 13.56 -13.63
C GLN A 307 23.34 12.56 -13.76
N ASP A 308 22.11 13.02 -14.02
CA ASP A 308 21.00 12.09 -14.23
C ASP A 308 21.28 11.17 -15.41
N VAL A 309 21.87 11.71 -16.49
CA VAL A 309 22.24 10.89 -17.63
C VAL A 309 23.36 9.91 -17.24
N ALA A 310 24.40 10.42 -16.58
CA ALA A 310 25.51 9.56 -16.20
C ALA A 310 25.04 8.42 -15.31
N GLN A 311 24.08 8.69 -14.42
CA GLN A 311 23.57 7.65 -13.54
C GLN A 311 22.72 6.62 -14.28
N CYS A 312 21.90 7.05 -15.25
CA CYS A 312 21.06 6.07 -15.95
C CYS A 312 21.91 5.14 -16.81
N LEU A 313 23.07 5.61 -17.27
CA LEU A 313 23.97 4.75 -18.03
C LEU A 313 24.74 3.77 -17.15
N GLU A 314 24.55 3.81 -15.83
CA GLU A 314 25.07 2.80 -14.91
C GLU A 314 24.10 1.66 -14.70
N VAL A 315 22.90 1.75 -15.27
CA VAL A 315 21.86 0.74 -15.08
C VAL A 315 22.07 -0.36 -16.12
N GLY A 316 22.47 -1.55 -15.65
CA GLY A 316 23.03 -2.55 -16.56
C GLY A 316 22.04 -3.40 -17.34
N LEU A 317 20.86 -3.66 -16.78
CA LEU A 317 19.86 -4.47 -17.47
C LEU A 317 18.98 -3.57 -18.35
N PHE A 318 18.82 -3.95 -19.62
CA PHE A 318 17.99 -3.12 -20.49
C PHE A 318 16.58 -2.98 -19.93
N ASP A 319 15.99 -4.10 -19.49
CA ASP A 319 14.64 -4.05 -18.92
C ASP A 319 14.47 -5.19 -17.92
N THR A 320 13.42 -5.09 -17.10
CA THR A 320 13.16 -6.05 -16.03
C THR A 320 11.67 -6.30 -15.93
N PRO A 321 11.25 -7.50 -15.49
CA PRO A 321 9.83 -7.75 -15.23
C PRO A 321 9.27 -6.68 -14.31
N PRO A 322 8.02 -6.28 -14.49
CA PRO A 322 7.04 -6.78 -15.48
C PRO A 322 7.13 -6.07 -16.84
N PHE A 323 8.28 -5.45 -17.13
CA PHE A 323 8.48 -4.76 -18.39
C PHE A 323 7.43 -3.68 -18.62
N TYR A 324 7.25 -2.81 -17.62
CA TYR A 324 6.16 -1.85 -17.61
C TYR A 324 6.70 -0.54 -17.03
N SER A 325 5.80 0.41 -16.76
CA SER A 325 6.19 1.67 -16.15
C SER A 325 6.48 1.55 -14.65
N ASN A 326 6.23 0.39 -14.02
CA ASN A 326 6.69 0.19 -12.65
C ASN A 326 7.88 -0.77 -12.54
N SER A 327 8.64 -0.95 -13.63
CA SER A 327 9.85 -1.77 -13.56
C SER A 327 10.93 -1.05 -12.76
N THR A 328 11.68 -1.80 -11.96
CA THR A 328 12.75 -1.20 -11.19
C THR A 328 14.09 -1.79 -11.62
N ASN A 329 15.13 -0.95 -11.56
CA ASN A 329 16.46 -1.30 -12.04
C ASN A 329 16.47 -1.62 -13.54
N SER A 330 15.53 -1.01 -14.29
CA SER A 330 15.42 -1.18 -15.74
C SER A 330 15.97 0.07 -16.43
N PHE A 331 16.97 -0.10 -17.30
CA PHE A 331 17.50 1.05 -18.02
C PHE A 331 16.41 1.73 -18.86
N ARG A 332 15.63 0.93 -19.59
CA ARG A 332 14.56 1.48 -20.43
C ARG A 332 13.62 2.37 -19.61
N ASN A 333 13.16 1.87 -18.44
CA ASN A 333 12.21 2.63 -17.62
C ASN A 333 12.87 3.83 -16.98
N THR A 334 14.17 3.75 -16.67
CA THR A 334 14.88 4.91 -16.12
C THR A 334 14.96 6.04 -17.14
N VAL A 335 15.47 5.74 -18.35
CA VAL A 335 15.65 6.80 -19.33
C VAL A 335 14.30 7.27 -19.87
N GLU A 336 13.32 6.37 -20.00
CA GLU A 336 11.98 6.82 -20.34
C GLU A 336 11.48 7.80 -19.28
N GLY A 337 11.77 7.53 -18.01
CA GLY A 337 11.52 8.49 -16.95
C GLY A 337 10.51 8.14 -15.89
N TYR A 338 10.19 6.86 -15.70
CA TYR A 338 9.29 6.42 -14.63
C TYR A 338 10.05 5.94 -13.39
N SER A 339 11.38 5.99 -13.40
CA SER A 339 12.23 5.71 -12.25
C SER A 339 13.22 6.85 -12.12
N ASP A 340 13.80 7.00 -10.94
CA ASP A 340 14.81 8.05 -10.77
C ASP A 340 16.09 7.59 -11.45
N PRO A 341 17.05 8.49 -11.68
CA PRO A 341 18.17 8.13 -12.57
C PRO A 341 19.06 7.00 -12.06
N THR A 342 18.94 6.59 -10.80
CA THR A 342 19.70 5.44 -10.32
C THR A 342 19.02 4.12 -10.65
N GLY A 343 17.78 4.15 -11.14
CA GLY A 343 17.05 2.95 -11.50
C GLY A 343 15.93 2.59 -10.55
N LYS A 344 15.75 3.32 -9.46
CA LYS A 344 14.79 2.94 -8.42
C LYS A 344 13.41 3.47 -8.78
N TYR A 345 12.44 2.56 -8.86
CA TYR A 345 11.09 2.95 -9.21
C TYR A 345 10.40 3.65 -8.06
N ASP A 346 9.55 4.61 -8.41
CA ASP A 346 8.75 5.39 -7.48
C ASP A 346 7.57 5.92 -8.29
N PRO A 347 6.33 5.70 -7.86
CA PRO A 347 5.19 6.11 -8.69
C PRO A 347 5.10 7.61 -8.92
N ALA A 348 5.74 8.41 -8.06
CA ALA A 348 5.63 9.87 -8.14
C ALA A 348 6.73 10.53 -8.95
N VAL A 349 7.75 9.81 -9.33
CA VAL A 349 8.89 10.46 -9.97
C VAL A 349 8.66 10.55 -11.47
N ARG A 350 9.03 11.71 -12.02
CA ARG A 350 9.23 11.90 -13.45
C ARG A 350 10.64 12.43 -13.66
N SER A 351 11.41 11.74 -14.49
CA SER A 351 12.80 12.09 -14.74
C SER A 351 13.11 12.02 -16.23
N LEU A 352 14.32 12.44 -16.59
CA LEU A 352 14.91 12.25 -17.91
C LEU A 352 13.91 12.53 -19.05
N HIS A 353 13.60 11.55 -19.91
CA HIS A 353 12.78 11.85 -21.08
C HIS A 353 11.37 12.34 -20.69
N ASN A 354 10.73 11.68 -19.72
CA ASN A 354 9.41 12.14 -19.30
C ASN A 354 9.46 13.58 -18.77
N LEU A 355 10.47 13.87 -17.94
CA LEU A 355 10.60 15.20 -17.35
C LEU A 355 10.80 16.26 -18.41
N ALA A 356 11.60 15.97 -19.43
CA ALA A 356 11.79 16.93 -20.51
C ALA A 356 10.47 17.26 -21.21
N HIS A 357 9.59 16.27 -21.38
CA HIS A 357 8.26 16.56 -21.94
C HIS A 357 7.46 17.49 -21.03
N LEU A 358 7.39 17.16 -19.74
CA LEU A 358 6.51 17.90 -18.84
C LEU A 358 7.02 19.31 -18.59
N PHE A 359 8.34 19.51 -18.67
CA PHE A 359 8.92 20.84 -18.53
C PHE A 359 8.31 21.83 -19.53
N LEU A 360 7.97 21.34 -20.73
CA LEU A 360 7.42 22.21 -21.76
C LEU A 360 6.05 22.77 -21.38
N ASN A 361 5.32 22.12 -20.46
CA ASN A 361 4.01 22.55 -19.97
C ASN A 361 3.12 23.01 -21.13
N GLY A 362 3.02 22.17 -22.14
CA GLY A 362 2.17 22.50 -23.28
C GLY A 362 1.82 21.32 -24.15
N THR A 363 1.70 21.60 -25.45
CA THR A 363 1.43 20.56 -26.44
C THR A 363 2.46 19.43 -26.36
N GLY A 364 3.72 19.79 -26.16
CA GLY A 364 4.82 18.83 -26.10
C GLY A 364 4.83 17.94 -24.88
N GLY A 365 3.94 18.15 -23.93
CA GLY A 365 3.94 17.31 -22.76
C GLY A 365 2.67 16.48 -22.62
N GLN A 366 1.95 16.30 -23.73
CA GLN A 366 0.76 15.45 -23.76
C GLN A 366 0.99 14.34 -24.75
N THR A 367 0.74 13.10 -24.32
CA THR A 367 1.26 11.94 -25.03
C THR A 367 0.67 11.82 -26.43
N HIS A 368 -0.64 12.03 -26.59
CA HIS A 368 -1.24 11.89 -27.91
C HIS A 368 -0.91 13.06 -28.83
N LEU A 369 -0.38 14.17 -28.30
CA LEU A 369 -0.14 15.37 -29.09
C LEU A 369 1.33 15.71 -29.29
N SER A 370 2.23 15.16 -28.47
CA SER A 370 3.52 15.81 -28.25
C SER A 370 4.39 16.03 -29.49
N PRO A 371 4.39 15.17 -30.53
CA PRO A 371 5.18 15.48 -31.74
C PRO A 371 4.75 16.76 -32.46
N ASN A 372 3.54 17.27 -32.21
CA ASN A 372 3.11 18.54 -32.83
C ASN A 372 4.07 19.67 -32.54
N ASP A 373 4.71 19.67 -31.37
CA ASP A 373 5.77 20.64 -31.10
C ASP A 373 7.08 20.08 -31.63
N PRO A 374 7.73 20.75 -32.58
CA PRO A 374 8.92 20.17 -33.20
C PRO A 374 10.10 20.00 -32.25
N ILE A 375 10.05 20.53 -31.04
CA ILE A 375 11.06 20.18 -30.04
C ILE A 375 11.07 18.67 -29.80
N PHE A 376 9.95 17.99 -30.09
CA PHE A 376 9.87 16.53 -29.95
C PHE A 376 11.02 15.83 -30.68
N VAL A 377 11.26 16.22 -31.94
CA VAL A 377 12.34 15.62 -32.75
C VAL A 377 13.66 15.66 -31.99
N LEU A 378 14.01 16.86 -31.48
CA LEU A 378 15.30 17.07 -30.84
C LEU A 378 15.36 16.41 -29.46
N LEU A 379 14.24 16.39 -28.75
CA LEU A 379 14.18 15.70 -27.47
C LEU A 379 14.42 14.21 -27.66
N HIS A 380 13.96 13.65 -28.80
CA HIS A 380 14.09 12.22 -29.02
C HIS A 380 15.36 11.80 -29.74
N THR A 381 15.98 12.66 -30.55
CA THR A 381 17.31 12.32 -31.03
C THR A 381 18.30 12.25 -29.86
N PHE A 382 18.15 13.13 -28.87
CA PHE A 382 19.01 13.06 -27.68
C PHE A 382 18.74 11.78 -26.90
N THR A 383 17.46 11.48 -26.66
CA THR A 383 17.11 10.22 -26.01
C THR A 383 17.66 9.03 -26.79
N ASP A 384 17.62 9.10 -28.12
CA ASP A 384 18.16 7.99 -28.91
C ASP A 384 19.67 7.89 -28.78
N ALA A 385 20.34 9.02 -28.52
CA ALA A 385 21.79 9.03 -28.30
C ALA A 385 22.15 8.36 -26.98
N VAL A 386 21.37 8.62 -25.92
CA VAL A 386 21.59 7.91 -24.66
C VAL A 386 21.45 6.41 -24.89
N PHE A 387 20.40 6.00 -25.60
CA PHE A 387 20.17 4.60 -25.94
C PHE A 387 21.35 4.01 -26.70
N ASP A 388 21.84 4.74 -27.71
CA ASP A 388 22.98 4.24 -28.49
C ASP A 388 24.24 4.10 -27.64
N GLU A 389 24.47 5.03 -26.71
CA GLU A 389 25.63 4.92 -25.82
C GLU A 389 25.46 3.73 -24.89
N TRP A 390 24.22 3.46 -24.44
CA TRP A 390 23.97 2.25 -23.66
C TRP A 390 24.24 0.98 -24.46
N LEU A 391 23.86 0.98 -25.75
CA LEU A 391 24.11 -0.21 -26.56
C LEU A 391 25.61 -0.43 -26.77
N ARG A 392 26.38 0.65 -26.89
CA ARG A 392 27.83 0.51 -26.95
C ARG A 392 28.38 -0.05 -25.65
N ARG A 393 28.02 0.58 -24.53
CA ARG A 393 28.60 0.23 -23.24
C ARG A 393 28.30 -1.21 -22.83
N TYR A 394 27.11 -1.72 -23.15
CA TYR A 394 26.75 -3.05 -22.69
C TYR A 394 26.66 -4.07 -23.82
N ASN A 395 27.38 -3.83 -24.91
CA ASN A 395 27.53 -4.78 -26.00
C ASN A 395 26.17 -5.16 -26.62
N ALA A 396 25.23 -4.20 -26.66
CA ALA A 396 23.92 -4.40 -27.26
C ALA A 396 23.26 -5.67 -26.74
N ASP A 397 23.41 -5.90 -25.43
CA ASP A 397 22.86 -7.11 -24.84
C ASP A 397 21.33 -7.07 -24.88
N ILE A 398 20.73 -7.90 -25.74
CA ILE A 398 19.29 -7.91 -25.91
C ILE A 398 18.60 -8.90 -24.99
N SER A 399 19.35 -9.59 -24.13
CA SER A 399 18.81 -10.78 -23.48
C SER A 399 17.64 -10.49 -22.54
N THR A 400 17.59 -9.30 -21.94
CA THR A 400 16.46 -8.97 -21.07
C THR A 400 15.29 -8.34 -21.82
N PHE A 401 15.40 -8.12 -23.13
CA PHE A 401 14.26 -7.68 -23.94
C PHE A 401 13.34 -8.89 -24.13
N PRO A 402 12.20 -8.95 -23.45
CA PRO A 402 11.43 -10.21 -23.40
C PRO A 402 10.91 -10.64 -24.76
N LEU A 403 10.91 -11.95 -24.98
CA LEU A 403 10.30 -12.49 -26.19
C LEU A 403 8.79 -12.63 -26.05
N GLU A 404 8.29 -12.83 -24.83
CA GLU A 404 6.87 -12.97 -24.59
C GLU A 404 6.52 -12.33 -23.25
N ASN A 405 5.21 -12.14 -23.02
CA ASN A 405 4.63 -11.62 -21.79
C ASN A 405 4.99 -10.16 -21.52
N ALA A 406 5.50 -9.43 -22.51
CA ALA A 406 5.53 -7.99 -22.44
C ALA A 406 4.11 -7.43 -22.61
N PRO A 407 3.85 -6.21 -22.16
CA PRO A 407 2.60 -5.54 -22.55
C PRO A 407 2.47 -5.50 -24.06
N ILE A 408 1.21 -5.52 -24.53
CA ILE A 408 0.97 -5.74 -25.95
C ILE A 408 1.67 -4.66 -26.77
N GLY A 409 2.29 -5.10 -27.86
CA GLY A 409 3.09 -4.27 -28.72
C GLY A 409 4.57 -4.23 -28.39
N HIS A 410 4.97 -4.74 -27.22
CA HIS A 410 6.36 -4.63 -26.77
C HIS A 410 7.14 -5.95 -26.75
N ASN A 411 6.56 -7.06 -27.21
CA ASN A 411 7.35 -8.27 -27.38
C ASN A 411 8.43 -8.02 -28.43
N ARG A 412 9.58 -8.71 -28.25
CA ARG A 412 10.75 -8.42 -29.06
C ARG A 412 10.48 -8.52 -30.55
N GLN A 413 9.69 -9.51 -31.00
CA GLN A 413 9.46 -9.69 -32.44
C GLN A 413 8.16 -9.06 -32.93
N TYR A 414 7.52 -8.22 -32.11
CA TYR A 414 6.40 -7.41 -32.57
C TYR A 414 6.84 -6.47 -33.69
N ASN A 415 6.05 -6.39 -34.75
CA ASN A 415 6.21 -5.33 -35.73
C ASN A 415 5.72 -4.01 -35.13
N MET A 416 6.62 -3.05 -34.95
CA MET A 416 6.29 -1.82 -34.24
C MET A 416 5.15 -1.07 -34.93
N VAL A 417 4.12 -0.70 -34.16
CA VAL A 417 2.84 -0.22 -34.69
C VAL A 417 2.82 1.30 -34.82
N PRO A 418 2.40 1.88 -35.97
CA PRO A 418 1.96 1.28 -37.24
C PRO A 418 2.97 1.42 -38.36
N PHE A 419 4.24 1.12 -38.14
CA PHE A 419 5.26 1.41 -39.14
C PHE A 419 5.14 0.52 -40.38
N TRP A 420 5.56 1.07 -41.51
CA TRP A 420 5.54 0.39 -42.80
C TRP A 420 6.86 0.66 -43.52
N PRO A 421 7.48 -0.36 -44.15
CA PRO A 421 7.09 -1.78 -44.13
C PRO A 421 7.27 -2.35 -42.71
N PRO A 422 6.70 -3.53 -42.41
CA PRO A 422 6.86 -4.11 -41.07
C PRO A 422 8.31 -4.13 -40.62
N VAL A 423 8.53 -3.79 -39.35
CA VAL A 423 9.88 -3.65 -38.81
C VAL A 423 9.82 -3.95 -37.32
N THR A 424 10.70 -4.83 -36.85
CA THR A 424 10.66 -5.34 -35.48
C THR A 424 11.54 -4.51 -34.54
N ASN A 425 11.23 -4.61 -33.24
CA ASN A 425 12.12 -4.08 -32.21
C ASN A 425 13.56 -4.59 -32.38
N THR A 426 13.72 -5.88 -32.68
CA THR A 426 15.05 -6.45 -32.88
C THR A 426 15.86 -5.69 -33.94
N GLU A 427 15.22 -5.25 -35.02
CA GLU A 427 15.98 -4.57 -36.06
C GLU A 427 16.56 -3.25 -35.58
N MET A 428 15.95 -2.61 -34.60
CA MET A 428 16.48 -1.35 -34.10
C MET A 428 17.45 -1.52 -32.93
N PHE A 429 17.56 -2.73 -32.38
CA PHE A 429 18.36 -2.98 -31.18
C PHE A 429 19.78 -3.39 -31.60
N VAL A 430 20.46 -2.43 -32.23
CA VAL A 430 21.82 -2.58 -32.73
C VAL A 430 22.50 -1.24 -32.56
N THR A 431 23.83 -1.25 -32.38
CA THR A 431 24.54 0.03 -32.32
C THR A 431 24.42 0.73 -33.67
N ALA A 432 24.11 2.04 -33.62
CA ALA A 432 23.75 2.75 -34.85
C ALA A 432 24.90 2.88 -35.85
N PRO A 433 26.11 3.32 -35.46
CA PRO A 433 27.13 3.64 -36.49
C PRO A 433 27.47 2.49 -37.41
N ASP A 434 27.56 1.27 -36.87
CA ASP A 434 27.86 0.09 -37.66
C ASP A 434 26.66 -0.48 -38.41
N ASN A 435 25.43 -0.21 -37.97
CA ASN A 435 24.28 -0.97 -38.42
C ASN A 435 23.14 -0.14 -39.00
N LEU A 436 23.01 1.12 -38.63
CA LEU A 436 21.86 1.89 -39.06
C LEU A 436 22.20 3.13 -39.88
N GLY A 437 23.47 3.36 -40.20
CA GLY A 437 23.81 4.50 -41.06
C GLY A 437 23.85 5.87 -40.39
N TYR A 438 23.94 5.94 -39.07
CA TYR A 438 24.03 7.26 -38.45
C TYR A 438 24.79 7.17 -37.14
N THR A 439 25.32 8.31 -36.72
CA THR A 439 26.10 8.37 -35.49
C THR A 439 25.88 9.73 -34.86
N TYR A 440 26.14 9.81 -33.57
CA TYR A 440 25.96 11.04 -32.81
C TYR A 440 27.33 11.62 -32.52
N GLU A 441 27.50 12.92 -32.83
CA GLU A 441 28.65 13.72 -32.39
C GLU A 441 28.29 14.32 -31.04
N ILE A 442 28.75 13.68 -29.97
CA ILE A 442 28.30 14.02 -28.62
C ILE A 442 29.36 13.57 -27.62
N GLN A 443 29.37 14.22 -26.45
CA GLN A 443 30.25 13.88 -25.34
C GLN A 443 29.43 13.65 -24.08
N TRP A 444 29.83 12.65 -23.29
CA TRP A 444 29.10 12.23 -22.10
C TRP A 444 29.81 12.67 -20.83
N PRO A 445 29.10 13.34 -19.91
CA PRO A 445 29.73 13.76 -18.64
C PRO A 445 30.19 12.57 -17.82
N SER A 446 30.90 12.87 -16.72
CA SER A 446 31.52 11.87 -15.87
C SER A 446 30.62 11.51 -14.70
N ARG A 447 31.07 10.53 -13.90
CA ARG A 447 30.41 10.08 -12.66
C ARG A 447 29.08 9.37 -12.95
N GLN B 1 -13.16 56.60 26.80
CA GLN B 1 -11.80 57.11 26.91
C GLN B 1 -11.68 57.90 28.22
N PHE B 2 -12.80 58.10 28.90
CA PHE B 2 -12.84 58.96 30.07
C PHE B 2 -13.11 58.20 31.37
N PRO B 3 -12.70 58.75 32.51
CA PRO B 3 -13.11 58.16 33.79
C PRO B 3 -14.62 58.08 33.89
N ARG B 4 -15.10 56.97 34.46
CA ARG B 4 -16.55 56.77 34.56
C ARG B 4 -17.23 57.89 35.34
N GLN B 5 -16.58 58.45 36.37
CA GLN B 5 -17.23 59.58 37.03
C GLN B 5 -17.27 60.86 36.20
N CYS B 6 -16.61 60.89 35.04
CA CYS B 6 -16.71 62.05 34.15
C CYS B 6 -17.62 61.78 32.98
N ALA B 7 -17.99 60.53 32.73
CA ALA B 7 -18.81 60.19 31.58
C ALA B 7 -20.29 60.40 31.93
N THR B 8 -20.62 61.60 32.39
CA THR B 8 -21.95 61.89 32.89
C THR B 8 -22.48 63.13 32.21
N VAL B 9 -23.81 63.28 32.28
CA VAL B 9 -24.45 64.48 31.76
C VAL B 9 -23.89 65.73 32.43
N GLU B 10 -23.68 65.67 33.76
CA GLU B 10 -23.24 66.85 34.49
C GLU B 10 -21.80 67.23 34.12
N ALA B 11 -20.89 66.26 34.12
CA ALA B 11 -19.50 66.62 33.81
C ALA B 11 -19.35 67.07 32.36
N LEU B 12 -20.09 66.45 31.42
CA LEU B 12 -20.05 66.94 30.05
C LEU B 12 -20.65 68.33 29.94
N ARG B 13 -21.72 68.61 30.69
CA ARG B 13 -22.28 69.95 30.71
C ARG B 13 -21.27 70.94 31.30
N SER B 14 -20.54 70.53 32.34
CA SER B 14 -19.64 71.44 33.01
C SER B 14 -18.32 71.63 32.27
N GLY B 15 -17.94 70.69 31.41
CA GLY B 15 -16.64 70.71 30.76
C GLY B 15 -15.48 70.37 31.68
N MET B 16 -15.77 69.83 32.86
CA MET B 16 -14.78 69.57 33.88
C MET B 16 -14.67 68.08 34.13
N CYS B 17 -13.47 67.52 33.99
CA CYS B 17 -13.20 66.14 34.39
C CYS B 17 -12.16 66.20 35.49
N CYS B 18 -12.63 66.41 36.72
CA CYS B 18 -11.77 66.62 37.89
C CYS B 18 -12.30 65.79 39.06
N PRO B 19 -12.10 64.48 39.06
CA PRO B 19 -12.78 63.62 40.05
C PRO B 19 -12.25 63.76 41.47
N ASP B 20 -13.14 63.50 42.42
CA ASP B 20 -12.78 63.45 43.82
C ASP B 20 -11.77 62.33 44.07
N LEU B 21 -10.86 62.57 45.01
CA LEU B 21 -9.97 61.51 45.46
C LEU B 21 -10.54 60.92 46.75
N SER B 22 -10.55 61.70 47.83
CA SER B 22 -10.98 61.21 49.14
C SER B 22 -11.89 62.25 49.81
N PRO B 23 -13.10 62.45 49.28
CA PRO B 23 -13.94 63.55 49.79
C PRO B 23 -14.59 63.16 51.11
N VAL B 24 -14.53 64.07 52.08
CA VAL B 24 -15.16 63.83 53.36
C VAL B 24 -16.57 64.47 53.46
N SER B 25 -16.88 65.46 52.61
CA SER B 25 -18.11 66.25 52.73
C SER B 25 -19.02 66.14 51.51
N GLY B 26 -19.02 65.01 50.82
CA GLY B 26 -19.86 64.83 49.66
C GLY B 26 -19.17 65.21 48.36
N PRO B 27 -19.87 65.02 47.24
CA PRO B 27 -19.22 65.12 45.93
C PRO B 27 -18.67 66.50 45.67
N GLY B 28 -17.48 66.53 45.07
CA GLY B 28 -16.84 67.78 44.77
C GLY B 28 -15.95 68.32 45.85
N THR B 29 -15.87 67.66 47.01
CA THR B 29 -15.12 68.21 48.12
C THR B 29 -13.68 67.67 48.23
N ASP B 30 -13.21 66.88 47.26
CA ASP B 30 -11.76 66.55 47.19
C ASP B 30 -11.32 66.35 45.73
N ARG B 31 -11.64 67.31 44.86
CA ARG B 31 -11.24 67.26 43.46
C ARG B 31 -9.72 67.25 43.32
N CYS B 32 -9.21 66.25 42.62
CA CYS B 32 -7.78 66.13 42.31
C CYS B 32 -6.94 65.93 43.56
N GLY B 33 -7.55 65.55 44.68
CA GLY B 33 -6.82 65.46 45.93
C GLY B 33 -6.35 66.79 46.51
N SER B 34 -7.06 67.88 46.22
CA SER B 34 -6.59 69.21 46.61
C SER B 34 -6.57 69.39 48.12
N SER B 35 -7.55 68.82 48.84
CA SER B 35 -7.53 68.96 50.29
C SER B 35 -6.38 68.17 50.91
N SER B 36 -5.71 67.32 50.15
CA SER B 36 -4.55 66.60 50.60
C SER B 36 -3.25 67.18 50.05
N GLY B 37 -3.35 68.24 49.25
CA GLY B 37 -2.19 68.83 48.60
C GLY B 37 -1.68 68.10 47.38
N ARG B 38 -2.44 67.12 46.85
CA ARG B 38 -1.95 66.24 45.80
C ARG B 38 -2.11 66.79 44.38
N GLY B 39 -3.00 67.75 44.17
CA GLY B 39 -3.23 68.26 42.83
C GLY B 39 -4.30 69.32 42.88
N ARG B 40 -4.65 69.82 41.70
N ARG B 40 -4.64 69.84 41.70
CA ARG B 40 -5.59 70.93 41.60
CA ARG B 40 -5.62 70.91 41.62
C ARG B 40 -6.30 70.88 40.26
C ARG B 40 -6.31 70.85 40.26
N CYS B 41 -7.56 71.30 40.25
CA CYS B 41 -8.35 71.35 39.03
C CYS B 41 -8.00 72.62 38.28
N GLU B 42 -7.56 72.48 37.03
CA GLU B 42 -7.05 73.63 36.28
C GLU B 42 -7.40 73.47 34.80
N ALA B 43 -7.35 74.60 34.08
CA ALA B 43 -7.52 74.60 32.64
C ALA B 43 -6.56 73.61 31.98
N VAL B 44 -7.10 72.76 31.10
CA VAL B 44 -6.27 71.83 30.37
C VAL B 44 -5.35 72.60 29.43
N THR B 45 -4.11 72.16 29.30
CA THR B 45 -3.19 72.75 28.34
C THR B 45 -3.18 71.89 27.08
N ALA B 46 -3.54 72.50 25.95
CA ALA B 46 -3.67 71.80 24.67
C ALA B 46 -2.99 72.57 23.55
N ASP B 47 -2.11 71.89 22.81
CA ASP B 47 -1.49 72.42 21.59
C ASP B 47 -2.51 73.09 20.69
N SER B 48 -2.21 74.31 20.28
CA SER B 48 -3.10 75.03 19.38
C SER B 48 -2.34 75.52 18.15
N ARG B 49 -1.46 74.68 17.60
CA ARG B 49 -0.65 75.07 16.44
C ARG B 49 -1.16 74.42 15.17
N PRO B 50 -0.88 75.03 14.00
CA PRO B 50 -1.42 74.50 12.76
C PRO B 50 -0.90 73.12 12.42
N HIS B 51 -1.66 72.41 11.60
CA HIS B 51 -1.28 71.10 11.09
C HIS B 51 -1.17 71.18 9.56
N SER B 52 -0.83 70.06 8.95
CA SER B 52 -0.63 70.03 7.51
C SER B 52 -1.97 70.15 6.78
N PRO B 53 -1.98 70.72 5.57
CA PRO B 53 -3.26 70.89 4.84
C PRO B 53 -3.88 69.58 4.36
N GLN B 54 -3.26 68.43 4.66
CA GLN B 54 -3.86 67.16 4.29
C GLN B 54 -5.23 66.96 4.94
N TYR B 55 -5.45 67.49 6.14
CA TYR B 55 -6.74 67.37 6.80
C TYR B 55 -7.53 68.65 6.58
N PRO B 56 -8.57 68.64 5.74
CA PRO B 56 -9.34 69.86 5.46
C PRO B 56 -10.64 70.01 6.24
N HIS B 57 -10.89 69.21 7.29
CA HIS B 57 -12.18 69.22 7.96
C HIS B 57 -12.12 69.73 9.40
N ASP B 58 -11.37 70.79 9.66
CA ASP B 58 -11.38 71.40 10.97
C ASP B 58 -12.81 71.77 11.40
N GLY B 59 -13.17 71.43 12.63
CA GLY B 59 -14.51 71.60 13.13
C GLY B 59 -15.43 70.39 12.99
N ARG B 60 -14.97 69.30 12.38
CA ARG B 60 -15.84 68.17 12.13
C ARG B 60 -15.56 66.97 13.03
N ASP B 61 -14.42 66.95 13.74
CA ASP B 61 -13.96 65.72 14.39
C ASP B 61 -13.65 65.97 15.86
N ASP B 62 -14.17 65.09 16.71
CA ASP B 62 -14.01 65.19 18.17
C ASP B 62 -12.57 65.00 18.63
N ARG B 63 -11.68 64.47 17.77
CA ARG B 63 -10.28 64.26 18.12
C ARG B 63 -9.46 65.53 18.00
N GLU B 64 -9.97 66.53 17.28
CA GLU B 64 -9.24 67.79 17.14
C GLU B 64 -8.95 68.41 18.50
N VAL B 65 -7.75 68.99 18.61
CA VAL B 65 -7.18 69.60 19.81
C VAL B 65 -7.62 68.86 21.07
N TRP B 66 -7.38 67.55 21.09
CA TRP B 66 -7.72 66.68 22.21
C TRP B 66 -7.26 67.29 23.53
N PRO B 67 -8.11 67.29 24.57
CA PRO B 67 -9.46 66.73 24.65
C PRO B 67 -10.54 67.83 24.61
N LEU B 68 -10.25 69.01 24.04
CA LEU B 68 -11.09 70.19 24.22
C LEU B 68 -12.50 70.03 23.71
N ARG B 69 -12.76 69.06 22.84
CA ARG B 69 -14.16 68.91 22.43
C ARG B 69 -15.01 68.27 23.52
N PHE B 70 -14.40 67.76 24.60
CA PHE B 70 -15.16 67.19 25.71
C PHE B 70 -14.92 67.92 27.02
N PHE B 71 -13.67 68.25 27.35
CA PHE B 71 -13.34 68.83 28.63
C PHE B 71 -12.27 69.88 28.46
N ASN B 72 -12.37 70.97 29.20
CA ASN B 72 -11.34 72.00 29.17
C ASN B 72 -10.71 72.23 30.54
N ARG B 73 -11.06 71.41 31.53
CA ARG B 73 -10.50 71.48 32.87
C ARG B 73 -10.20 70.06 33.33
N THR B 74 -9.00 69.85 33.86
CA THR B 74 -8.49 68.54 34.21
C THR B 74 -7.71 68.71 35.51
N CYS B 75 -7.20 67.59 36.06
CA CYS B 75 -6.40 67.57 37.28
C CYS B 75 -4.92 67.74 36.94
N HIS B 76 -4.26 68.70 37.58
CA HIS B 76 -2.83 68.87 37.51
C HIS B 76 -2.26 68.48 38.86
N CYS B 77 -1.43 67.44 38.87
CA CYS B 77 -0.98 66.85 40.13
C CYS B 77 0.38 67.40 40.55
N ASN B 78 0.59 67.43 41.86
CA ASN B 78 1.82 67.92 42.46
C ASN B 78 2.82 66.79 42.68
N GLY B 79 4.09 67.16 42.81
CA GLY B 79 5.09 66.18 43.19
C GLY B 79 5.17 65.02 42.21
N ASN B 80 5.30 63.81 42.75
CA ASN B 80 5.27 62.57 41.99
C ASN B 80 3.91 61.86 42.07
N PHE B 81 2.85 62.60 42.36
CA PHE B 81 1.52 62.06 42.20
C PHE B 81 1.10 62.23 40.74
N SER B 82 0.19 61.38 40.31
CA SER B 82 -0.29 61.45 38.93
C SER B 82 -1.64 60.77 38.86
N GLY B 83 -2.17 60.62 37.64
CA GLY B 83 -3.42 59.94 37.41
C GLY B 83 -4.61 60.88 37.33
N HIS B 84 -5.76 60.30 36.99
CA HIS B 84 -6.95 61.07 36.64
C HIS B 84 -7.44 61.95 37.79
N ASN B 85 -7.21 61.54 39.04
CA ASN B 85 -7.58 62.37 40.19
C ASN B 85 -6.40 62.49 41.17
N CYS B 86 -5.17 62.35 40.67
CA CYS B 86 -3.93 62.50 41.46
C CYS B 86 -3.78 61.44 42.55
N GLY B 87 -4.45 60.30 42.38
CA GLY B 87 -4.34 59.21 43.33
C GLY B 87 -3.27 58.17 43.03
N THR B 88 -2.66 58.15 41.85
CA THR B 88 -1.52 57.26 41.63
C THR B 88 -0.24 58.11 41.39
N CYS B 89 0.74 57.52 40.72
CA CYS B 89 2.10 58.02 40.79
C CYS B 89 2.67 58.28 39.39
N ARG B 90 3.62 59.21 39.33
CA ARG B 90 4.42 59.44 38.13
C ARG B 90 5.25 58.20 37.80
N PRO B 91 5.66 58.06 36.53
CA PRO B 91 6.47 56.90 36.14
C PRO B 91 7.73 56.77 36.98
N GLY B 92 8.05 55.53 37.34
CA GLY B 92 9.15 55.27 38.24
C GLY B 92 8.83 55.27 39.72
N TRP B 93 7.61 55.62 40.10
CA TRP B 93 7.28 55.71 41.51
C TRP B 93 6.06 54.86 41.85
N ARG B 94 5.95 54.49 43.12
CA ARG B 94 4.79 53.76 43.62
C ARG B 94 4.69 53.98 45.12
N GLY B 95 3.64 53.40 45.73
CA GLY B 95 3.34 53.53 47.14
C GLY B 95 2.26 54.58 47.40
N ALA B 96 1.63 54.47 48.58
CA ALA B 96 0.57 55.43 48.94
C ALA B 96 1.07 56.87 48.94
N ALA B 97 2.35 57.07 49.22
CA ALA B 97 2.96 58.40 49.24
C ALA B 97 3.85 58.64 48.01
N CYS B 98 3.78 57.76 47.01
CA CYS B 98 4.54 57.87 45.76
C CYS B 98 6.01 58.20 46.01
N ASP B 99 6.59 57.46 46.96
CA ASP B 99 7.97 57.68 47.37
C ASP B 99 8.79 56.39 47.31
N GLN B 100 8.33 55.39 46.56
CA GLN B 100 9.01 54.12 46.38
C GLN B 100 9.40 54.01 44.92
N ARG B 101 10.71 53.89 44.65
CA ARG B 101 11.13 53.78 43.27
C ARG B 101 10.86 52.39 42.73
N VAL B 102 10.55 52.30 41.44
CA VAL B 102 10.30 51.02 40.78
C VAL B 102 10.89 51.05 39.39
N LEU B 103 11.61 49.99 39.03
CA LEU B 103 12.09 49.77 37.67
C LEU B 103 11.63 48.37 37.25
N ILE B 104 10.78 48.29 36.24
CA ILE B 104 10.37 46.98 35.74
C ILE B 104 11.14 46.69 34.46
N VAL B 105 11.31 45.41 34.18
CA VAL B 105 12.24 44.94 33.16
C VAL B 105 11.46 44.14 32.12
N ARG B 106 11.46 44.63 30.89
CA ARG B 106 10.76 43.99 29.78
C ARG B 106 11.71 43.01 29.10
N ARG B 107 11.41 41.71 29.19
CA ARG B 107 12.30 40.64 28.75
C ARG B 107 11.81 40.00 27.45
N ASN B 108 12.74 39.32 26.78
CA ASN B 108 12.40 38.58 25.58
C ASN B 108 11.46 37.43 25.94
N LEU B 109 10.30 37.39 25.27
CA LEU B 109 9.32 36.36 25.60
C LEU B 109 9.91 34.95 25.55
N LEU B 110 10.78 34.69 24.57
CA LEU B 110 11.37 33.36 24.47
C LEU B 110 12.39 33.07 25.57
N ASP B 111 12.77 34.07 26.37
CA ASP B 111 13.69 33.86 27.49
C ASP B 111 12.98 33.59 28.79
N LEU B 112 11.66 33.80 28.87
CA LEU B 112 10.92 33.48 30.08
C LEU B 112 10.96 31.99 30.36
N SER B 113 10.85 31.65 31.64
CA SER B 113 10.70 30.25 32.06
C SER B 113 9.34 29.72 31.63
N LYS B 114 9.18 28.39 31.73
CA LYS B 114 7.87 27.77 31.53
C LYS B 114 6.80 28.49 32.33
N GLU B 115 7.08 28.70 33.62
CA GLU B 115 6.10 29.30 34.52
C GLU B 115 5.81 30.75 34.13
N GLU B 116 6.85 31.49 33.75
CA GLU B 116 6.65 32.89 33.38
C GLU B 116 5.86 33.00 32.08
N LYS B 117 6.12 32.11 31.12
CA LYS B 117 5.32 32.08 29.89
C LYS B 117 3.85 31.80 30.19
N ASN B 118 3.57 30.80 31.04
CA ASN B 118 2.19 30.48 31.38
C ASN B 118 1.52 31.63 32.15
N HIS B 119 2.27 32.31 33.01
CA HIS B 119 1.69 33.44 33.71
C HIS B 119 1.35 34.57 32.74
N PHE B 120 2.23 34.87 31.78
CA PHE B 120 1.96 35.93 30.82
C PHE B 120 0.70 35.64 30.00
N VAL B 121 0.58 34.41 29.47
CA VAL B 121 -0.60 34.02 28.72
C VAL B 121 -1.86 34.16 29.58
N ARG B 122 -1.84 33.61 30.79
CA ARG B 122 -2.99 33.73 31.67
C ARG B 122 -3.32 35.20 31.95
N ALA B 123 -2.29 36.06 32.09
CA ALA B 123 -2.52 37.48 32.38
C ALA B 123 -3.26 38.17 31.24
N LEU B 124 -2.81 37.95 30.01
CA LEU B 124 -3.50 38.49 28.84
C LEU B 124 -4.95 38.03 28.79
N ASP B 125 -5.17 36.72 29.00
CA ASP B 125 -6.54 36.24 28.92
C ASP B 125 -7.39 36.85 30.03
N MET B 126 -6.81 37.04 31.21
CA MET B 126 -7.55 37.72 32.27
C MET B 126 -7.89 39.17 31.89
N ALA B 127 -6.96 39.87 31.23
CA ALA B 127 -7.25 41.25 30.81
C ALA B 127 -8.32 41.31 29.74
N LYS B 128 -8.36 40.29 28.87
CA LYS B 128 -9.41 40.22 27.85
C LYS B 128 -10.80 40.09 28.47
N ARG B 129 -10.91 39.51 29.68
CA ARG B 129 -12.17 39.25 30.37
C ARG B 129 -12.52 40.22 31.51
N THR B 130 -11.54 40.91 32.09
CA THR B 130 -11.77 41.76 33.26
C THR B 130 -12.13 43.20 32.86
N THR B 131 -13.25 43.71 33.38
CA THR B 131 -13.71 45.07 33.10
C THR B 131 -12.70 46.12 33.57
N HIS B 132 -12.38 47.08 32.71
CA HIS B 132 -11.51 48.17 33.10
C HIS B 132 -12.11 48.93 34.28
N PRO B 133 -11.43 49.02 35.41
CA PRO B 133 -12.05 49.64 36.60
C PRO B 133 -12.33 51.12 36.46
N LEU B 134 -11.66 51.82 35.55
CA LEU B 134 -11.72 53.27 35.49
C LEU B 134 -12.42 53.81 34.24
N PHE B 135 -12.03 53.33 33.06
CA PHE B 135 -12.41 53.96 31.80
C PHE B 135 -13.66 53.32 31.21
N VAL B 136 -14.50 54.14 30.59
CA VAL B 136 -15.59 53.71 29.73
C VAL B 136 -15.40 54.36 28.35
N ILE B 137 -15.98 53.73 27.33
CA ILE B 137 -15.75 54.15 25.95
C ILE B 137 -17.06 54.67 25.36
N ALA B 138 -16.97 55.77 24.63
CA ALA B 138 -18.11 56.27 23.87
C ALA B 138 -18.43 55.34 22.71
N THR B 139 -19.72 55.20 22.43
CA THR B 139 -20.18 54.48 21.26
C THR B 139 -20.73 55.42 20.20
N ARG B 140 -20.88 56.71 20.51
CA ARG B 140 -21.41 57.73 19.63
C ARG B 140 -20.47 58.93 19.63
N ARG B 141 -20.52 59.71 18.54
CA ARG B 141 -19.75 60.93 18.49
C ARG B 141 -20.43 61.98 19.38
N SER B 142 -19.75 63.12 19.57
CA SER B 142 -20.16 64.04 20.63
C SER B 142 -21.54 64.65 20.37
N GLU B 143 -21.92 64.85 19.11
CA GLU B 143 -23.27 65.27 18.77
C GLU B 143 -24.33 64.38 19.41
N GLU B 144 -24.13 63.06 19.38
CA GLU B 144 -25.12 62.11 19.87
C GLU B 144 -24.73 61.50 21.21
N ILE B 145 -23.80 62.12 21.94
CA ILE B 145 -23.23 61.48 23.11
C ILE B 145 -24.24 61.35 24.26
N LEU B 146 -25.30 62.17 24.26
CA LEU B 146 -26.30 62.11 25.32
C LEU B 146 -27.51 61.25 24.95
N GLY B 147 -27.46 60.55 23.82
CA GLY B 147 -28.47 59.59 23.46
C GLY B 147 -29.75 60.21 22.94
N PRO B 148 -30.70 59.37 22.50
CA PRO B 148 -31.97 59.90 21.95
C PRO B 148 -32.68 60.92 22.83
N ASP B 149 -32.84 60.63 24.13
CA ASP B 149 -33.57 61.53 25.01
C ASP B 149 -32.71 62.64 25.59
N GLY B 150 -31.47 62.79 25.13
CA GLY B 150 -30.59 63.81 25.66
C GLY B 150 -30.20 63.66 27.11
N ASN B 151 -30.47 62.50 27.73
CA ASN B 151 -30.16 62.31 29.14
C ASN B 151 -29.44 60.98 29.40
N THR B 152 -28.92 60.32 28.37
CA THR B 152 -28.33 58.99 28.52
C THR B 152 -26.92 58.99 27.91
N PRO B 153 -25.87 59.07 28.73
CA PRO B 153 -24.51 59.08 28.15
C PRO B 153 -24.21 57.78 27.41
N GLN B 154 -23.76 57.91 26.17
CA GLN B 154 -23.57 56.75 25.31
C GLN B 154 -22.17 56.16 25.49
N PHE B 155 -21.94 55.63 26.70
CA PHE B 155 -20.69 55.02 27.10
C PHE B 155 -20.95 53.58 27.55
N GLU B 156 -19.94 52.72 27.38
CA GLU B 156 -20.07 51.32 27.75
C GLU B 156 -18.87 50.87 28.57
N ASN B 157 -19.10 49.91 29.47
CA ASN B 157 -17.99 49.23 30.10
C ASN B 157 -17.21 48.43 29.06
N ILE B 158 -15.93 48.21 29.33
CA ILE B 158 -15.09 47.51 28.37
C ILE B 158 -13.97 46.84 29.13
N SER B 159 -13.47 45.74 28.58
CA SER B 159 -12.41 45.05 29.30
C SER B 159 -11.08 45.79 29.15
N ILE B 160 -10.17 45.51 30.08
CA ILE B 160 -8.83 46.08 30.04
C ILE B 160 -8.19 45.90 28.67
N TYR B 161 -8.20 44.68 28.12
CA TYR B 161 -7.53 44.50 26.83
C TYR B 161 -8.34 45.07 25.66
N ASN B 162 -9.67 45.05 25.74
CA ASN B 162 -10.45 45.64 24.66
C ASN B 162 -10.37 47.16 24.66
N TYR B 163 -10.08 47.78 25.80
CA TYR B 163 -9.80 49.22 25.83
C TYR B 163 -8.50 49.53 25.09
N PHE B 164 -7.48 48.69 25.30
CA PHE B 164 -6.24 48.77 24.54
C PHE B 164 -6.54 48.74 23.04
N VAL B 165 -7.46 47.85 22.61
CA VAL B 165 -7.87 47.79 21.20
C VAL B 165 -8.62 49.05 20.80
N TRP B 166 -9.50 49.56 21.66
CA TRP B 166 -10.44 50.62 21.27
C TRP B 166 -9.75 51.97 21.11
N THR B 167 -8.82 52.33 22.02
CA THR B 167 -8.11 53.60 21.85
C THR B 167 -7.31 53.63 20.56
N HIS B 168 -6.67 52.51 20.23
CA HIS B 168 -5.96 52.42 18.97
C HIS B 168 -6.90 52.58 17.77
N TYR B 169 -8.07 51.91 17.81
CA TYR B 169 -9.08 52.10 16.74
C TYR B 169 -9.51 53.56 16.65
N TYR B 170 -9.76 54.19 17.80
CA TYR B 170 -10.25 55.55 17.81
C TYR B 170 -9.23 56.52 17.21
N SER B 171 -7.94 56.28 17.45
CA SER B 171 -6.92 57.15 16.88
C SER B 171 -6.80 57.03 15.36
N VAL B 172 -7.29 55.94 14.73
CA VAL B 172 -7.09 55.74 13.30
C VAL B 172 -8.37 55.85 12.49
N LYS B 173 -9.54 55.91 13.11
CA LYS B 173 -10.79 55.88 12.37
C LYS B 173 -10.94 57.09 11.45
N LYS B 174 -11.81 56.94 10.45
CA LYS B 174 -12.13 57.99 9.50
C LYS B 174 -13.02 59.06 10.11
N THR B 175 -12.88 60.27 9.60
CA THR B 175 -13.74 61.38 10.00
C THR B 175 -15.09 61.26 9.32
N PHE B 176 -16.13 61.05 10.12
CA PHE B 176 -17.50 60.96 9.59
C PHE B 176 -17.99 62.34 9.18
N LEU B 177 -18.53 62.43 7.98
CA LEU B 177 -19.01 63.70 7.44
C LEU B 177 -20.53 63.77 7.29
N GLY B 178 -21.24 62.65 7.36
CA GLY B 178 -22.69 62.60 7.18
C GLY B 178 -23.17 61.28 6.60
N VAL B 179 -24.34 60.82 7.04
CA VAL B 179 -24.93 59.60 6.46
C VAL B 179 -25.12 59.81 4.97
N GLY B 180 -24.65 58.84 4.18
CA GLY B 180 -24.69 58.94 2.73
C GLY B 180 -23.61 59.78 2.12
N GLN B 181 -22.64 60.23 2.92
CA GLN B 181 -21.41 60.86 2.44
C GLN B 181 -20.24 59.95 2.77
N GLU B 182 -19.26 59.92 1.87
CA GLU B 182 -18.05 59.14 2.08
C GLU B 182 -17.24 59.74 3.22
N SER B 183 -16.89 58.91 4.21
CA SER B 183 -16.06 59.39 5.30
C SER B 183 -14.65 59.69 4.80
N PHE B 184 -13.92 60.50 5.56
CA PHE B 184 -12.63 60.99 5.13
C PHE B 184 -11.53 60.18 5.78
N GLY B 185 -10.65 59.61 4.96
CA GLY B 185 -9.71 58.63 5.43
C GLY B 185 -8.25 59.04 5.50
N GLU B 186 -7.90 60.24 5.06
CA GLU B 186 -6.50 60.69 5.08
C GLU B 186 -6.17 61.39 6.39
N VAL B 187 -6.41 60.68 7.48
CA VAL B 187 -6.11 61.17 8.82
C VAL B 187 -5.79 59.96 9.69
N ASP B 188 -4.79 60.10 10.56
CA ASP B 188 -4.38 59.04 11.47
C ASP B 188 -3.58 59.70 12.59
N PHE B 189 -4.11 59.65 13.82
CA PHE B 189 -3.49 60.38 14.90
C PHE B 189 -2.33 59.63 15.54
N SER B 190 -2.12 58.36 15.18
CA SER B 190 -1.05 57.57 15.77
C SER B 190 -0.13 56.92 14.73
N HIS B 191 -0.28 57.23 13.45
CA HIS B 191 0.54 56.66 12.38
C HIS B 191 0.85 57.70 11.31
N GLU B 192 1.84 57.36 10.48
CA GLU B 192 2.20 58.20 9.34
C GLU B 192 2.52 59.62 9.78
N GLY B 193 3.30 59.73 10.87
CA GLY B 193 3.71 61.00 11.41
C GLY B 193 4.60 60.81 12.61
N PRO B 194 5.21 61.91 13.09
CA PRO B 194 6.23 61.80 14.15
C PRO B 194 5.73 61.16 15.44
N ALA B 195 4.42 61.20 15.70
CA ALA B 195 3.88 60.71 16.97
C ALA B 195 3.78 59.19 17.01
N PHE B 196 4.08 58.50 15.91
CA PHE B 196 3.97 57.03 15.86
C PHE B 196 4.64 56.36 17.06
N LEU B 197 5.89 56.74 17.37
CA LEU B 197 6.64 56.03 18.40
C LEU B 197 6.17 56.38 19.81
N THR B 198 5.98 57.68 20.08
CA THR B 198 5.53 58.14 21.40
C THR B 198 4.10 57.69 21.71
N TRP B 199 3.20 57.76 20.70
CA TRP B 199 1.82 57.27 20.90
C TRP B 199 1.81 55.81 21.34
N HIS B 200 2.47 54.93 20.56
CA HIS B 200 2.52 53.52 20.92
C HIS B 200 3.31 53.26 22.21
N ARG B 201 4.30 54.09 22.51
CA ARG B 201 4.96 53.97 23.81
C ARG B 201 3.96 54.15 24.96
N TYR B 202 3.15 55.22 24.94
CA TYR B 202 2.19 55.38 26.02
C TYR B 202 1.13 54.28 26.00
N HIS B 203 0.66 53.89 24.80
CA HIS B 203 -0.27 52.78 24.64
C HIS B 203 0.16 51.55 25.44
N LEU B 204 1.44 51.16 25.33
CA LEU B 204 1.98 50.03 26.09
C LEU B 204 2.09 50.35 27.57
N LEU B 205 2.61 51.54 27.91
CA LEU B 205 2.77 51.87 29.32
C LEU B 205 1.42 51.82 30.05
N ARG B 206 0.35 52.25 29.39
CA ARG B 206 -0.97 52.20 29.99
C ARG B 206 -1.45 50.76 30.16
N LEU B 207 -1.24 49.91 29.15
CA LEU B 207 -1.65 48.51 29.28
C LEU B 207 -0.88 47.82 30.41
N GLU B 208 0.41 48.15 30.55
CA GLU B 208 1.23 47.51 31.58
C GLU B 208 0.74 47.89 32.96
N LYS B 209 0.42 49.18 33.16
CA LYS B 209 -0.07 49.65 34.44
C LYS B 209 -1.40 48.99 34.79
N ASP B 210 -2.32 48.94 33.82
CA ASP B 210 -3.64 48.35 34.05
C ASP B 210 -3.52 46.87 34.42
N MET B 211 -2.60 46.14 33.78
CA MET B 211 -2.42 44.73 34.10
C MET B 211 -1.74 44.54 35.45
N GLN B 212 -0.79 45.41 35.79
CA GLN B 212 -0.26 45.44 37.16
C GLN B 212 -1.39 45.53 38.19
N GLU B 213 -2.31 46.48 38.00
CA GLU B 213 -3.40 46.67 38.96
C GLU B 213 -4.33 45.47 39.00
N MET B 214 -4.65 44.91 37.82
CA MET B 214 -5.59 43.80 37.73
C MET B 214 -5.03 42.55 38.42
N LEU B 215 -3.72 42.34 38.35
CA LEU B 215 -3.06 41.22 39.00
C LEU B 215 -2.63 41.52 40.43
N GLN B 216 -2.68 42.78 40.85
CA GLN B 216 -2.03 43.23 42.09
C GLN B 216 -0.57 42.77 42.13
N GLU B 217 0.11 42.92 40.98
CA GLU B 217 1.54 42.64 40.85
C GLU B 217 2.19 43.91 40.32
N PRO B 218 2.68 44.80 41.19
CA PRO B 218 3.22 46.08 40.70
C PRO B 218 4.43 45.94 39.81
N SER B 219 5.12 44.80 39.83
CA SER B 219 6.30 44.61 39.01
C SER B 219 6.03 43.75 37.76
N PHE B 220 4.78 43.50 37.42
CA PHE B 220 4.48 42.81 36.17
C PHE B 220 4.97 43.63 34.98
N SER B 221 5.58 42.96 34.01
CA SER B 221 6.09 43.64 32.81
C SER B 221 5.67 42.90 31.53
N LEU B 222 5.51 43.68 30.47
CA LEU B 222 5.20 43.15 29.15
C LEU B 222 6.47 42.67 28.47
N PRO B 223 6.55 41.40 28.05
CA PRO B 223 7.71 40.94 27.28
C PRO B 223 7.72 41.50 25.87
N TYR B 224 8.77 41.18 25.09
CA TYR B 224 8.83 41.58 23.68
C TYR B 224 9.10 40.39 22.75
N TRP B 225 8.77 40.59 21.48
CA TRP B 225 9.01 39.64 20.41
C TRP B 225 10.04 40.24 19.46
N ASN B 226 11.25 39.70 19.47
CA ASN B 226 12.21 40.04 18.44
C ASN B 226 11.75 39.46 17.10
N PHE B 227 11.07 40.29 16.31
CA PHE B 227 10.60 39.85 15.00
C PHE B 227 11.64 39.99 13.89
N ALA B 228 12.82 40.51 14.22
CA ALA B 228 13.82 40.80 13.19
C ALA B 228 14.85 39.69 13.13
N THR B 229 14.37 38.49 12.77
CA THR B 229 15.19 37.29 12.70
C THR B 229 15.31 36.77 11.28
N GLY B 230 14.72 37.47 10.31
CA GLY B 230 14.69 36.99 8.95
C GLY B 230 14.04 35.65 8.76
N LYS B 231 13.20 35.22 9.70
CA LYS B 231 12.51 33.95 9.51
C LYS B 231 11.25 34.14 8.66
N ASN B 232 10.70 33.01 8.19
CA ASN B 232 9.42 33.02 7.49
C ASN B 232 8.43 32.10 8.19
N VAL B 233 8.61 31.91 9.49
CA VAL B 233 7.61 31.40 10.41
C VAL B 233 7.61 32.28 11.65
N CYS B 234 6.57 32.13 12.46
CA CYS B 234 6.40 32.93 13.67
C CYS B 234 6.84 32.10 14.89
N ASP B 235 8.00 32.43 15.46
CA ASP B 235 8.59 31.66 16.54
C ASP B 235 7.95 31.91 17.91
N ILE B 236 6.91 32.74 18.01
CA ILE B 236 6.12 32.83 19.23
C ILE B 236 4.74 32.22 19.07
N CYS B 237 4.46 31.64 17.91
CA CYS B 237 3.14 31.09 17.59
C CYS B 237 3.10 29.60 17.91
N THR B 238 3.28 29.29 19.20
CA THR B 238 3.19 27.93 19.73
C THR B 238 2.13 27.91 20.81
N ASP B 239 1.60 26.72 21.09
CA ASP B 239 0.44 26.65 21.98
C ASP B 239 0.78 26.90 23.43
N ASP B 240 2.05 27.04 23.79
CA ASP B 240 2.39 27.56 25.12
C ASP B 240 2.57 29.09 25.13
N LEU B 241 2.41 29.74 23.98
CA LEU B 241 2.56 31.19 23.90
C LEU B 241 1.39 31.77 23.13
N MET B 242 1.64 32.30 21.95
CA MET B 242 0.61 33.08 21.27
C MET B 242 -0.27 32.25 20.35
N GLY B 243 -0.09 30.92 20.35
CA GLY B 243 -0.93 29.99 19.61
C GLY B 243 -0.40 29.58 18.25
N SER B 244 -0.28 28.27 17.99
CA SER B 244 0.10 27.77 16.67
C SER B 244 -1.08 27.78 15.72
N ARG B 245 -0.83 27.37 14.47
CA ARG B 245 -1.84 27.40 13.42
C ARG B 245 -2.82 26.24 13.59
N SER B 246 -4.10 26.51 13.36
CA SER B 246 -5.10 25.45 13.47
C SER B 246 -4.89 24.43 12.36
N ASN B 247 -4.97 23.13 12.73
CA ASN B 247 -4.91 22.05 11.75
C ASN B 247 -6.20 21.90 10.94
N PHE B 248 -7.28 22.62 11.29
CA PHE B 248 -8.55 22.54 10.58
C PHE B 248 -8.84 23.74 9.71
N ASP B 249 -8.15 24.86 9.93
CA ASP B 249 -8.38 26.08 9.16
C ASP B 249 -7.09 26.87 9.25
N SER B 250 -6.37 26.97 8.12
CA SER B 250 -5.02 27.53 8.15
C SER B 250 -4.97 29.00 8.55
N THR B 251 -6.11 29.69 8.67
CA THR B 251 -6.16 31.08 9.06
C THR B 251 -6.67 31.28 10.49
N LEU B 252 -6.94 30.20 11.22
CA LEU B 252 -7.37 30.28 12.61
C LEU B 252 -6.25 29.81 13.53
N ILE B 253 -6.43 30.11 14.83
CA ILE B 253 -5.49 29.70 15.87
C ILE B 253 -5.89 28.32 16.42
N SER B 254 -4.88 27.54 16.83
CA SER B 254 -5.11 26.20 17.34
C SER B 254 -6.12 26.21 18.48
N PRO B 255 -7.11 25.31 18.47
CA PRO B 255 -8.02 25.20 19.63
C PRO B 255 -7.33 24.78 20.91
N ASN B 256 -6.09 24.33 20.86
CA ASN B 256 -5.39 24.06 22.10
C ASN B 256 -4.76 25.30 22.72
N SER B 257 -5.07 26.49 22.18
CA SER B 257 -4.59 27.76 22.73
C SER B 257 -5.80 28.62 23.09
N VAL B 258 -5.77 29.26 24.26
CA VAL B 258 -6.86 30.13 24.71
C VAL B 258 -7.12 31.24 23.71
N PHE B 259 -6.13 31.61 22.91
CA PHE B 259 -6.30 32.76 22.03
C PHE B 259 -7.24 32.46 20.88
N SER B 260 -7.51 31.18 20.60
CA SER B 260 -8.54 30.79 19.65
C SER B 260 -9.95 31.00 20.18
N GLN B 261 -10.09 31.24 21.48
CA GLN B 261 -11.39 31.55 22.08
C GLN B 261 -11.69 33.03 22.08
N TRP B 262 -10.72 33.88 21.73
CA TRP B 262 -10.92 35.33 21.76
C TRP B 262 -11.83 35.78 20.61
N ARG B 263 -12.66 36.78 20.88
CA ARG B 263 -13.51 37.36 19.86
C ARG B 263 -13.24 38.87 19.81
N VAL B 264 -13.21 39.44 18.58
CA VAL B 264 -12.60 40.76 18.35
C VAL B 264 -13.64 41.85 18.54
N VAL B 265 -13.17 43.06 18.88
CA VAL B 265 -13.98 44.27 18.87
C VAL B 265 -13.56 45.12 17.69
N CYS B 266 -14.45 46.03 17.29
CA CYS B 266 -14.22 47.08 16.31
C CYS B 266 -14.22 46.56 14.87
N ASP B 267 -14.82 45.41 14.59
CA ASP B 267 -14.79 44.86 13.24
C ASP B 267 -16.06 45.15 12.44
N SER B 268 -16.69 46.32 12.61
CA SER B 268 -17.81 46.71 11.75
C SER B 268 -17.54 48.08 11.16
N LEU B 269 -16.41 48.24 10.46
CA LEU B 269 -16.12 49.53 9.86
C LEU B 269 -17.27 50.01 8.99
N GLU B 270 -17.94 49.09 8.30
CA GLU B 270 -19.00 49.51 7.38
C GLU B 270 -20.18 50.13 8.13
N ASP B 271 -20.41 49.72 9.37
CA ASP B 271 -21.43 50.39 10.17
C ASP B 271 -20.94 51.75 10.68
N TYR B 272 -19.71 51.83 11.20
CA TYR B 272 -19.24 53.09 11.78
C TYR B 272 -19.10 54.16 10.72
N ASP B 273 -18.64 53.79 9.52
CA ASP B 273 -18.34 54.77 8.49
C ASP B 273 -19.57 55.20 7.70
N THR B 274 -20.66 54.45 7.80
CA THR B 274 -21.89 54.86 7.16
C THR B 274 -22.95 55.38 8.11
N LEU B 275 -23.01 54.85 9.35
CA LEU B 275 -23.95 55.37 10.35
C LEU B 275 -23.34 56.46 11.23
N GLY B 276 -22.01 56.59 11.25
CA GLY B 276 -21.40 57.53 12.18
C GLY B 276 -21.38 57.07 13.62
N THR B 277 -21.60 55.79 13.87
CA THR B 277 -21.41 55.25 15.20
C THR B 277 -19.91 55.06 15.46
N LEU B 278 -19.57 54.54 16.64
CA LEU B 278 -18.20 54.18 16.97
C LEU B 278 -18.16 52.73 17.46
N CYS B 279 -16.99 52.11 17.32
CA CYS B 279 -16.75 50.78 17.88
C CYS B 279 -17.25 50.70 19.31
N ASN B 280 -17.97 49.62 19.62
CA ASN B 280 -18.46 49.42 20.99
C ASN B 280 -17.90 48.11 21.56
N SER B 281 -18.39 47.75 22.75
CA SER B 281 -17.80 46.66 23.51
C SER B 281 -18.27 45.28 23.07
N THR B 282 -19.17 45.19 22.09
CA THR B 282 -19.64 43.89 21.62
C THR B 282 -18.61 43.22 20.72
N GLU B 283 -18.20 42.00 21.06
CA GLU B 283 -17.26 41.22 20.28
C GLU B 283 -17.99 40.45 19.16
N ASP B 284 -17.20 40.04 18.14
CA ASP B 284 -17.74 39.42 16.93
C ASP B 284 -16.70 38.73 16.04
N GLY B 285 -16.43 37.44 16.26
CA GLY B 285 -15.58 36.72 15.33
C GLY B 285 -14.16 36.53 15.82
N PRO B 286 -13.50 35.47 15.37
CA PRO B 286 -12.21 35.09 15.96
C PRO B 286 -11.06 35.91 15.37
N ILE B 287 -9.90 35.74 16.01
CA ILE B 287 -8.65 36.24 15.43
C ILE B 287 -8.36 35.47 14.14
N ARG B 288 -8.02 36.19 13.08
CA ARG B 288 -7.48 35.58 11.87
C ARG B 288 -5.97 35.75 11.87
N ARG B 289 -5.25 34.68 11.58
CA ARG B 289 -3.79 34.76 11.58
C ARG B 289 -3.26 33.64 10.69
N ASN B 290 -2.31 33.99 9.83
CA ASN B 290 -1.76 33.04 8.85
C ASN B 290 -0.35 33.49 8.50
N PRO B 291 0.60 33.30 9.42
CA PRO B 291 1.95 33.85 9.22
C PRO B 291 2.58 33.32 7.96
N ALA B 292 3.21 34.22 7.21
CA ALA B 292 3.81 33.97 5.90
C ALA B 292 2.79 33.63 4.82
N GLY B 293 1.49 33.77 5.09
CA GLY B 293 0.48 33.25 4.18
C GLY B 293 0.00 34.15 3.06
N ASN B 294 0.64 35.30 2.83
CA ASN B 294 0.17 36.20 1.77
C ASN B 294 0.91 35.86 0.47
N VAL B 295 0.31 34.98 -0.33
CA VAL B 295 1.03 34.47 -1.50
C VAL B 295 1.06 35.50 -2.62
N ALA B 296 -0.01 36.28 -2.80
CA ALA B 296 -0.04 37.36 -3.79
C ALA B 296 0.86 38.54 -3.45
N ARG B 297 1.60 38.50 -2.33
CA ARG B 297 2.48 39.59 -1.93
C ARG B 297 3.77 39.03 -1.37
N PRO B 298 4.62 38.46 -2.24
CA PRO B 298 5.81 37.76 -1.74
C PRO B 298 6.71 38.58 -0.83
N MET B 299 6.70 39.92 -0.96
CA MET B 299 7.56 40.73 -0.10
C MET B 299 7.20 40.60 1.38
N VAL B 300 5.93 40.38 1.70
CA VAL B 300 5.50 40.34 3.08
C VAL B 300 5.44 38.91 3.62
N GLN B 301 6.10 37.95 2.96
CA GLN B 301 6.13 36.59 3.47
C GLN B 301 7.40 36.28 4.25
N ARG B 302 8.19 37.31 4.57
CA ARG B 302 9.40 37.10 5.34
C ARG B 302 9.60 38.27 6.28
N LEU B 303 9.91 37.96 7.53
CA LEU B 303 10.14 38.93 8.57
C LEU B 303 11.39 39.75 8.27
N PRO B 304 11.53 40.92 8.93
CA PRO B 304 12.74 41.73 8.73
C PRO B 304 13.99 41.00 9.23
N GLU B 305 15.12 41.31 8.59
CA GLU B 305 16.41 40.71 8.92
C GLU B 305 17.09 41.44 10.07
N PRO B 306 17.92 40.75 10.86
CA PRO B 306 18.54 41.38 12.03
C PRO B 306 19.28 42.66 11.71
N GLN B 307 19.92 42.71 10.55
CA GLN B 307 20.69 43.88 10.17
C GLN B 307 19.81 45.06 9.79
N ASP B 308 18.53 44.82 9.52
CA ASP B 308 17.60 45.93 9.28
C ASP B 308 17.50 46.84 10.49
N VAL B 309 17.52 46.26 11.69
CA VAL B 309 17.50 47.04 12.91
C VAL B 309 18.79 47.84 13.05
N ALA B 310 19.94 47.23 12.71
CA ALA B 310 21.21 47.95 12.80
C ALA B 310 21.25 49.13 11.85
N GLN B 311 20.72 48.95 10.63
CA GLN B 311 20.70 50.04 9.66
C GLN B 311 19.80 51.18 10.12
N CYS B 312 18.61 50.88 10.66
CA CYS B 312 17.68 51.96 10.98
C CYS B 312 18.20 52.79 12.14
N LEU B 313 18.95 52.18 13.06
CA LEU B 313 19.55 52.90 14.18
C LEU B 313 20.68 53.83 13.76
N GLU B 314 21.12 53.80 12.52
CA GLU B 314 22.10 54.77 12.05
C GLU B 314 21.45 55.99 11.41
N VAL B 315 20.12 56.08 11.43
CA VAL B 315 19.39 57.22 10.86
C VAL B 315 19.25 58.26 11.96
N GLY B 316 20.11 59.30 11.92
CA GLY B 316 20.29 60.20 13.04
C GLY B 316 19.21 61.26 13.23
N LEU B 317 18.44 61.58 12.18
CA LEU B 317 17.36 62.56 12.29
C LEU B 317 16.09 61.84 12.70
N PHE B 318 15.44 62.29 13.78
CA PHE B 318 14.27 61.56 14.26
C PHE B 318 13.15 61.55 13.21
N ASP B 319 12.87 62.72 12.63
CA ASP B 319 11.90 62.82 11.54
C ASP B 319 12.35 63.95 10.61
N THR B 320 11.71 64.03 9.43
CA THR B 320 12.08 65.02 8.42
C THR B 320 10.82 65.46 7.68
N PRO B 321 10.79 66.69 7.15
CA PRO B 321 9.62 67.12 6.39
C PRO B 321 9.36 66.18 5.24
N PRO B 322 8.09 65.95 4.87
CA PRO B 322 6.83 66.51 5.41
C PRO B 322 6.21 65.72 6.57
N PHE B 323 7.03 65.00 7.35
CA PHE B 323 6.57 64.34 8.57
C PHE B 323 5.40 63.39 8.29
N TYR B 324 5.58 62.57 7.27
CA TYR B 324 4.50 61.75 6.74
C TYR B 324 5.08 60.41 6.32
N SER B 325 4.26 59.57 5.72
CA SER B 325 4.74 58.26 5.33
C SER B 325 5.59 58.30 4.08
N ASN B 326 5.80 59.47 3.47
CA ASN B 326 6.76 59.59 2.38
C ASN B 326 7.91 60.51 2.75
N SER B 327 8.20 60.61 4.05
CA SER B 327 9.47 61.18 4.52
C SER B 327 10.63 60.27 4.14
N THR B 328 11.76 60.87 3.78
CA THR B 328 12.99 60.13 3.59
C THR B 328 14.03 60.59 4.60
N ASN B 329 14.95 59.69 4.96
CA ASN B 329 16.01 59.96 5.96
C ASN B 329 15.43 60.21 7.35
N SER B 330 14.22 59.72 7.59
CA SER B 330 13.55 59.85 8.88
C SER B 330 13.70 58.55 9.66
N PHE B 331 14.25 58.62 10.86
CA PHE B 331 14.29 57.41 11.67
C PHE B 331 12.89 56.91 11.97
N ARG B 332 11.98 57.83 12.27
CA ARG B 332 10.60 57.46 12.60
C ARG B 332 9.95 56.70 11.45
N ASN B 333 9.97 57.29 10.25
CA ASN B 333 9.40 56.62 9.08
C ASN B 333 10.11 55.31 8.75
N THR B 334 11.39 55.16 9.15
CA THR B 334 12.14 53.96 8.83
C THR B 334 11.70 52.79 9.71
N VAL B 335 11.79 52.97 11.02
CA VAL B 335 11.36 51.89 11.91
C VAL B 335 9.85 51.70 11.80
N GLU B 336 9.08 52.75 11.48
CA GLU B 336 7.65 52.53 11.24
C GLU B 336 7.46 51.57 10.08
N GLY B 337 8.22 51.75 9.00
CA GLY B 337 8.31 50.76 7.94
C GLY B 337 7.87 51.26 6.58
N TYR B 338 8.01 52.56 6.34
CA TYR B 338 7.64 53.13 5.05
C TYR B 338 8.85 53.48 4.21
N SER B 339 10.05 53.30 4.74
CA SER B 339 11.32 53.47 4.06
C SER B 339 12.10 52.18 4.24
N ASP B 340 13.02 51.89 3.32
CA ASP B 340 13.86 50.74 3.55
C ASP B 340 14.77 51.02 4.75
N PRO B 341 15.39 49.98 5.33
CA PRO B 341 16.12 50.17 6.60
C PRO B 341 17.26 51.19 6.56
N THR B 342 17.76 51.54 5.38
CA THR B 342 18.81 52.55 5.32
C THR B 342 18.27 53.95 5.51
N GLY B 343 16.96 54.14 5.37
CA GLY B 343 16.33 55.43 5.47
C GLY B 343 15.73 55.91 4.17
N LYS B 344 15.93 55.20 3.07
CA LYS B 344 15.58 55.69 1.75
C LYS B 344 14.09 55.43 1.51
N TYR B 345 13.36 56.49 1.18
CA TYR B 345 11.93 56.34 0.92
C TYR B 345 11.70 55.74 -0.45
N ASP B 346 10.68 54.89 -0.53
CA ASP B 346 10.24 54.25 -1.76
C ASP B 346 8.82 53.75 -1.52
N PRO B 347 7.85 54.17 -2.34
CA PRO B 347 6.45 53.78 -2.09
C PRO B 347 6.18 52.28 -2.13
N ALA B 348 7.04 51.48 -2.77
CA ALA B 348 6.79 50.04 -2.84
C ALA B 348 7.26 49.27 -1.61
N VAL B 349 8.07 49.86 -0.74
CA VAL B 349 8.70 49.10 0.34
C VAL B 349 7.78 49.02 1.56
N ARG B 350 7.84 47.88 2.24
CA ARG B 350 7.23 47.70 3.56
C ARG B 350 8.27 46.98 4.41
N SER B 351 8.76 47.64 5.46
CA SER B 351 9.88 47.12 6.23
C SER B 351 9.54 47.13 7.72
N LEU B 352 10.46 46.55 8.50
CA LEU B 352 10.49 46.63 9.96
C LEU B 352 9.11 46.48 10.61
N HIS B 353 8.62 47.49 11.32
CA HIS B 353 7.38 47.31 12.09
C HIS B 353 6.20 47.05 11.17
N ASN B 354 6.08 47.80 10.07
CA ASN B 354 5.02 47.56 9.10
C ASN B 354 5.07 46.13 8.56
N LEU B 355 6.28 45.62 8.28
CA LEU B 355 6.42 44.29 7.71
C LEU B 355 6.05 43.21 8.71
N ALA B 356 6.44 43.39 9.97
CA ALA B 356 6.01 42.45 11.00
C ALA B 356 4.49 42.36 11.07
N HIS B 357 3.78 43.47 10.84
CA HIS B 357 2.33 43.41 10.77
C HIS B 357 1.86 42.60 9.56
N LEU B 358 2.41 42.88 8.38
CA LEU B 358 1.86 42.29 7.19
C LEU B 358 2.19 40.81 7.12
N PHE B 359 3.32 40.43 7.72
CA PHE B 359 3.71 39.04 7.84
C PHE B 359 2.62 38.20 8.48
N LEU B 360 1.89 38.77 9.44
CA LEU B 360 0.85 38.01 10.12
C LEU B 360 -0.26 37.61 9.17
N ASN B 361 -0.48 38.37 8.10
CA ASN B 361 -1.48 38.06 7.05
C ASN B 361 -2.82 37.70 7.69
N GLY B 362 -3.41 38.68 8.38
CA GLY B 362 -4.65 38.47 9.12
C GLY B 362 -5.11 39.67 9.93
N THR B 363 -5.80 39.39 11.04
CA THR B 363 -6.32 40.43 11.92
C THR B 363 -5.23 41.44 12.29
N GLY B 364 -4.02 40.94 12.56
CA GLY B 364 -2.90 41.77 12.93
C GLY B 364 -2.38 42.69 11.84
N GLY B 365 -2.87 42.57 10.62
CA GLY B 365 -2.37 43.40 9.55
C GLY B 365 -3.36 44.44 9.09
N GLN B 366 -4.38 44.69 9.91
CA GLN B 366 -5.47 45.60 9.59
C GLN B 366 -5.50 46.70 10.64
N THR B 367 -5.24 47.93 10.21
CA THR B 367 -4.85 48.98 11.14
C THR B 367 -5.90 49.22 12.21
N HIS B 368 -7.19 49.12 11.84
CA HIS B 368 -8.22 49.39 12.83
C HIS B 368 -8.47 48.22 13.76
N LEU B 369 -7.93 47.03 13.45
CA LEU B 369 -8.18 45.82 14.22
C LEU B 369 -6.94 45.21 14.88
N SER B 370 -5.73 45.66 14.53
CA SER B 370 -4.54 44.86 14.80
C SER B 370 -4.30 44.54 16.28
N PRO B 371 -4.60 45.39 17.27
CA PRO B 371 -4.34 44.97 18.66
C PRO B 371 -5.20 43.80 19.10
N ASN B 372 -6.23 43.44 18.32
CA ASN B 372 -7.03 42.26 18.66
C ASN B 372 -6.17 41.01 18.69
N ASP B 373 -5.12 40.95 17.86
CA ASP B 373 -4.16 39.87 17.95
C ASP B 373 -3.12 40.21 19.01
N PRO B 374 -3.03 39.45 20.11
CA PRO B 374 -2.12 39.85 21.20
C PRO B 374 -0.64 39.88 20.78
N ILE B 375 -0.26 39.32 19.63
CA ILE B 375 1.10 39.52 19.13
C ILE B 375 1.42 41.01 19.01
N PHE B 376 0.39 41.84 18.76
CA PHE B 376 0.54 43.30 18.71
C PHE B 376 1.33 43.84 19.90
N VAL B 377 0.99 43.38 21.11
CA VAL B 377 1.69 43.82 22.32
C VAL B 377 3.19 43.60 22.16
N LEU B 378 3.56 42.35 21.89
CA LEU B 378 4.96 41.95 21.83
C LEU B 378 5.67 42.57 20.65
N LEU B 379 4.93 42.81 19.57
CA LEU B 379 5.51 43.47 18.41
C LEU B 379 5.87 44.91 18.75
N HIS B 380 5.07 45.56 19.59
CA HIS B 380 5.30 46.97 19.89
C HIS B 380 6.22 47.21 21.06
N THR B 381 6.34 46.26 21.99
CA THR B 381 7.41 46.39 22.97
C THR B 381 8.77 46.26 22.28
N PHE B 382 8.88 45.44 21.23
CA PHE B 382 10.15 45.36 20.53
C PHE B 382 10.42 46.64 19.75
N THR B 383 9.41 47.15 19.03
CA THR B 383 9.54 48.43 18.36
C THR B 383 9.93 49.53 19.35
N ASP B 384 9.40 49.46 20.58
CA ASP B 384 9.67 50.49 21.58
C ASP B 384 11.07 50.35 22.16
N ALA B 385 11.58 49.12 22.23
CA ALA B 385 12.99 48.94 22.60
C ALA B 385 13.93 49.51 21.55
N VAL B 386 13.55 49.44 20.27
CA VAL B 386 14.36 50.07 19.23
C VAL B 386 14.31 51.58 19.37
N PHE B 387 13.11 52.13 19.58
CA PHE B 387 12.95 53.55 19.88
C PHE B 387 13.84 53.97 21.04
N ASP B 388 13.85 53.15 22.10
CA ASP B 388 14.60 53.50 23.29
C ASP B 388 16.11 53.48 23.04
N GLU B 389 16.59 52.54 22.23
CA GLU B 389 18.00 52.52 21.88
C GLU B 389 18.36 53.72 21.01
N TRP B 390 17.44 54.17 20.14
CA TRP B 390 17.70 55.39 19.39
C TRP B 390 17.84 56.58 20.34
N LEU B 391 16.95 56.67 21.34
CA LEU B 391 16.98 57.80 22.26
C LEU B 391 18.26 57.80 23.10
N ARG B 392 18.72 56.62 23.53
CA ARG B 392 20.01 56.55 24.23
C ARG B 392 21.15 56.96 23.30
N ARG B 393 21.16 56.43 22.08
CA ARG B 393 22.27 56.67 21.18
C ARG B 393 22.36 58.15 20.78
N TYR B 394 21.22 58.78 20.49
CA TYR B 394 21.24 60.17 20.05
C TYR B 394 20.82 61.15 21.13
N ASN B 395 20.90 60.74 22.40
CA ASN B 395 20.70 61.64 23.54
C ASN B 395 19.33 62.34 23.49
N ALA B 396 18.30 61.59 23.10
CA ALA B 396 16.91 62.07 23.12
C ALA B 396 16.79 63.42 22.44
N ASP B 397 17.43 63.57 21.28
CA ASP B 397 17.42 64.81 20.52
C ASP B 397 16.06 65.04 19.89
N ILE B 398 15.28 65.98 20.42
CA ILE B 398 13.90 66.18 20.01
C ILE B 398 13.74 67.24 18.93
N SER B 399 14.84 67.87 18.48
CA SER B 399 14.73 69.12 17.71
C SER B 399 13.99 68.94 16.39
N THR B 400 14.04 67.76 15.78
CA THR B 400 13.33 67.57 14.52
C THR B 400 11.89 67.05 14.68
N PHE B 401 11.45 66.74 15.90
CA PHE B 401 10.03 66.49 16.16
C PHE B 401 9.30 67.83 16.00
N PRO B 402 8.52 68.05 14.94
CA PRO B 402 8.06 69.42 14.66
C PRO B 402 7.05 69.92 15.67
N LEU B 403 7.16 71.21 16.03
CA LEU B 403 6.16 71.86 16.86
C LEU B 403 4.89 72.19 16.08
N GLU B 404 4.99 72.41 14.77
CA GLU B 404 3.81 72.73 13.99
C GLU B 404 4.00 72.21 12.57
N ASN B 405 2.89 72.13 11.84
CA ASN B 405 2.76 71.72 10.44
C ASN B 405 2.88 70.21 10.24
N ALA B 406 2.99 69.42 11.30
CA ALA B 406 2.84 67.99 11.20
C ALA B 406 1.40 67.63 10.79
N PRO B 407 1.19 66.42 10.28
CA PRO B 407 -0.18 65.90 10.14
C PRO B 407 -0.93 66.05 11.46
N ILE B 408 -2.23 66.29 11.36
CA ILE B 408 -3.01 66.57 12.56
C ILE B 408 -2.93 65.39 13.52
N GLY B 409 -2.72 65.70 14.81
CA GLY B 409 -2.42 64.73 15.85
C GLY B 409 -0.95 64.55 16.15
N HIS B 410 -0.06 65.09 15.33
CA HIS B 410 1.34 64.71 15.38
C HIS B 410 2.29 65.83 15.74
N ASN B 411 1.81 67.08 15.89
CA ASN B 411 2.65 68.12 16.47
C ASN B 411 3.16 67.67 17.84
N ARG B 412 4.30 68.25 18.23
CA ARG B 412 5.04 67.78 19.41
C ARG B 412 4.20 67.87 20.67
N GLN B 413 3.50 68.99 20.88
CA GLN B 413 2.72 69.21 22.10
C GLN B 413 1.26 68.75 21.98
N TYR B 414 0.90 68.04 20.91
CA TYR B 414 -0.46 67.48 20.84
C TYR B 414 -0.66 66.49 21.98
N ASN B 415 -1.82 66.55 22.63
CA ASN B 415 -2.16 65.47 23.55
C ASN B 415 -2.49 64.23 22.74
N MET B 416 -1.79 63.14 23.00
CA MET B 416 -1.96 61.95 22.17
C MET B 416 -3.35 61.36 22.36
N VAL B 417 -4.05 61.17 21.24
CA VAL B 417 -5.49 60.91 21.23
C VAL B 417 -5.78 59.42 21.26
N PRO B 418 -6.69 58.92 22.13
CA PRO B 418 -7.54 59.62 23.11
C PRO B 418 -7.10 59.32 24.54
N PHE B 419 -5.80 59.39 24.80
CA PHE B 419 -5.30 58.94 26.10
C PHE B 419 -5.73 59.90 27.20
N TRP B 420 -5.95 59.34 28.40
CA TRP B 420 -6.40 60.08 29.57
C TRP B 420 -5.60 59.71 30.80
N PRO B 421 -5.25 60.67 31.66
CA PRO B 421 -5.32 62.14 31.50
C PRO B 421 -4.43 62.59 30.34
N PRO B 422 -4.59 63.83 29.88
CA PRO B 422 -3.83 64.29 28.71
C PRO B 422 -2.33 64.02 28.85
N VAL B 423 -1.74 63.55 27.77
CA VAL B 423 -0.31 63.23 27.81
C VAL B 423 0.23 63.55 26.42
N THR B 424 1.28 64.38 26.37
CA THR B 424 1.87 64.90 25.14
C THR B 424 2.98 63.98 24.63
N ASN B 425 3.39 64.22 23.40
CA ASN B 425 4.54 63.48 22.87
C ASN B 425 5.80 63.77 23.67
N THR B 426 5.97 65.03 24.09
CA THR B 426 7.22 65.38 24.77
C THR B 426 7.44 64.51 26.00
N GLU B 427 6.37 64.15 26.70
CA GLU B 427 6.52 63.38 27.93
C GLU B 427 7.05 61.97 27.67
N MET B 428 6.79 61.41 26.49
CA MET B 428 7.29 60.07 26.17
C MET B 428 8.64 60.06 25.46
N PHE B 429 9.17 61.24 25.10
CA PHE B 429 10.37 61.33 24.27
C PHE B 429 11.58 61.50 25.18
N VAL B 430 11.85 60.44 25.94
CA VAL B 430 12.87 60.43 26.99
C VAL B 430 13.36 58.99 27.10
N THR B 431 14.59 58.82 27.59
CA THR B 431 15.10 57.47 27.78
C THR B 431 14.35 56.78 28.93
N ALA B 432 13.83 55.58 28.66
CA ALA B 432 12.93 54.93 29.62
C ALA B 432 13.58 54.61 30.96
N PRO B 433 14.79 54.03 31.03
CA PRO B 433 15.27 53.56 32.35
C PRO B 433 15.40 54.67 33.39
N ASP B 434 15.67 55.90 32.97
CA ASP B 434 15.82 57.03 33.88
C ASP B 434 14.55 57.84 34.08
N ASN B 435 13.58 57.69 33.19
CA ASN B 435 12.48 58.64 33.15
C ASN B 435 11.11 57.98 33.20
N LEU B 436 10.98 56.75 32.72
CA LEU B 436 9.65 56.15 32.63
C LEU B 436 9.51 54.89 33.46
N GLY B 437 10.49 54.56 34.29
CA GLY B 437 10.35 53.44 35.20
C GLY B 437 10.42 52.06 34.58
N TYR B 438 11.04 51.91 33.41
CA TYR B 438 11.11 50.57 32.83
C TYR B 438 12.32 50.47 31.92
N THR B 439 12.75 49.24 31.67
CA THR B 439 13.92 49.04 30.85
C THR B 439 13.76 47.73 30.11
N TYR B 440 14.62 47.53 29.11
CA TYR B 440 14.63 46.32 28.31
C TYR B 440 15.86 45.48 28.64
N GLU B 441 15.65 44.19 28.83
CA GLU B 441 16.75 43.23 28.88
C GLU B 441 17.03 42.82 27.44
N ILE B 442 18.03 43.45 26.84
CA ILE B 442 18.33 43.24 25.43
C ILE B 442 19.77 43.65 25.19
N GLN B 443 20.35 43.16 24.09
CA GLN B 443 21.67 43.57 23.63
C GLN B 443 21.60 43.92 22.16
N TRP B 444 22.33 44.96 21.76
CA TRP B 444 22.06 45.30 20.38
C TRP B 444 23.18 44.81 19.46
N PRO B 445 22.79 44.30 18.28
CA PRO B 445 23.77 43.77 17.32
C PRO B 445 24.78 44.81 16.85
N SER B 446 25.55 44.48 15.82
CA SER B 446 26.57 45.37 15.28
C SER B 446 26.42 45.46 13.76
N ARG B 447 26.77 46.63 13.23
CA ARG B 447 26.68 46.92 11.80
C ARG B 447 27.87 46.32 11.03
N GLN C 1 -14.69 -11.66 12.95
CA GLN C 1 -13.34 -12.15 12.71
C GLN C 1 -13.31 -12.96 11.43
N PHE C 2 -14.46 -13.06 10.75
CA PHE C 2 -14.60 -13.90 9.59
C PHE C 2 -15.00 -13.09 8.36
N PRO C 3 -14.71 -13.61 7.16
CA PRO C 3 -15.22 -12.99 5.93
C PRO C 3 -16.75 -12.88 5.96
N ARG C 4 -17.27 -11.72 5.52
CA ARG C 4 -18.71 -11.47 5.63
C ARG C 4 -19.52 -12.55 4.93
N GLN C 5 -19.02 -13.11 3.83
CA GLN C 5 -19.75 -14.17 3.15
C GLN C 5 -19.81 -15.49 3.94
N CYS C 6 -19.01 -15.63 5.00
CA CYS C 6 -19.09 -16.80 5.87
C CYS C 6 -19.86 -16.52 7.16
N ALA C 7 -20.27 -15.27 7.40
CA ALA C 7 -21.01 -14.93 8.62
C ALA C 7 -22.50 -15.16 8.45
N THR C 8 -22.87 -16.27 7.82
CA THR C 8 -24.23 -16.58 7.43
C THR C 8 -24.68 -17.85 8.13
N VAL C 9 -26.01 -17.97 8.25
CA VAL C 9 -26.61 -19.20 8.77
C VAL C 9 -26.06 -20.42 8.05
N GLU C 10 -25.97 -20.35 6.72
CA GLU C 10 -25.59 -21.54 5.95
C GLU C 10 -24.14 -21.94 6.19
N ALA C 11 -23.21 -20.99 6.10
CA ALA C 11 -21.79 -21.33 6.26
C ALA C 11 -21.50 -21.86 7.66
N LEU C 12 -22.11 -21.25 8.67
CA LEU C 12 -21.96 -21.72 10.04
C LEU C 12 -22.58 -23.11 10.25
N ARG C 13 -23.62 -23.46 9.49
CA ARG C 13 -24.18 -24.80 9.59
C ARG C 13 -23.28 -25.82 8.90
N SER C 14 -22.70 -25.46 7.77
CA SER C 14 -21.77 -26.36 7.12
C SER C 14 -20.43 -26.45 7.83
N GLY C 15 -20.12 -25.48 8.70
CA GLY C 15 -18.76 -25.36 9.22
C GLY C 15 -17.72 -25.14 8.15
N MET C 16 -18.13 -24.62 7.00
CA MET C 16 -17.26 -24.37 5.87
C MET C 16 -17.18 -22.87 5.63
N CYS C 17 -15.96 -22.35 5.52
CA CYS C 17 -15.71 -20.98 5.08
C CYS C 17 -14.77 -21.07 3.89
N CYS C 18 -15.35 -21.24 2.69
CA CYS C 18 -14.57 -21.38 1.46
C CYS C 18 -15.21 -20.53 0.36
N PRO C 19 -15.06 -19.22 0.42
CA PRO C 19 -15.83 -18.34 -0.47
C PRO C 19 -15.35 -18.39 -1.92
N ASP C 20 -16.26 -18.00 -2.81
CA ASP C 20 -15.96 -17.94 -4.22
C ASP C 20 -14.97 -16.82 -4.51
N LEU C 21 -14.14 -17.02 -5.53
CA LEU C 21 -13.28 -15.95 -6.01
C LEU C 21 -13.97 -15.25 -7.18
N SER C 22 -13.87 -15.83 -8.38
CA SER C 22 -14.50 -15.28 -9.58
C SER C 22 -15.41 -16.36 -10.16
N PRO C 23 -16.53 -16.64 -9.49
CA PRO C 23 -17.42 -17.70 -10.00
C PRO C 23 -18.11 -17.24 -11.27
N VAL C 24 -18.19 -18.15 -12.23
CA VAL C 24 -18.94 -17.91 -13.44
C VAL C 24 -20.19 -18.78 -13.51
N SER C 25 -20.16 -19.97 -12.94
CA SER C 25 -21.21 -20.97 -13.07
C SER C 25 -22.01 -21.13 -11.78
N GLY C 26 -22.24 -20.04 -11.06
CA GLY C 26 -23.06 -20.06 -9.87
C GLY C 26 -22.24 -20.26 -8.61
N PRO C 27 -22.90 -20.19 -7.45
CA PRO C 27 -22.18 -20.21 -6.17
C PRO C 27 -21.63 -21.61 -5.87
N GLY C 28 -20.34 -21.67 -5.55
CA GLY C 28 -19.68 -22.92 -5.22
C GLY C 28 -18.78 -23.46 -6.30
N THR C 29 -18.67 -22.77 -7.45
CA THR C 29 -17.90 -23.29 -8.57
C THR C 29 -16.49 -22.72 -8.66
N ASP C 30 -16.19 -21.60 -7.98
CA ASP C 30 -14.83 -21.11 -7.88
C ASP C 30 -14.45 -20.87 -6.42
N ARG C 31 -14.87 -21.77 -5.54
CA ARG C 31 -14.42 -21.73 -4.16
C ARG C 31 -12.90 -21.69 -4.10
N CYS C 32 -12.37 -20.69 -3.39
CA CYS C 32 -10.93 -20.58 -3.16
C CYS C 32 -10.16 -20.42 -4.46
N GLY C 33 -10.82 -19.90 -5.49
CA GLY C 33 -10.18 -19.85 -6.79
C GLY C 33 -9.85 -21.21 -7.37
N SER C 34 -10.67 -22.23 -7.11
CA SER C 34 -10.38 -23.55 -7.67
C SER C 34 -10.35 -23.51 -9.20
N SER C 35 -11.23 -22.75 -9.84
CA SER C 35 -11.35 -22.83 -11.30
C SER C 35 -10.11 -22.26 -12.00
N SER C 36 -9.48 -21.23 -11.43
CA SER C 36 -8.09 -20.91 -11.80
C SER C 36 -7.15 -21.75 -10.91
N GLY C 37 -5.85 -21.51 -11.03
CA GLY C 37 -4.96 -22.37 -10.28
C GLY C 37 -4.79 -22.07 -8.81
N ARG C 38 -5.61 -21.16 -8.29
CA ARG C 38 -5.19 -20.38 -7.13
C ARG C 38 -5.36 -21.13 -5.81
N GLY C 39 -6.29 -22.06 -5.69
CA GLY C 39 -6.37 -22.79 -4.45
C GLY C 39 -7.63 -23.63 -4.38
N ARG C 40 -7.89 -24.13 -3.18
CA ARG C 40 -8.81 -25.24 -3.03
C ARG C 40 -9.35 -25.25 -1.61
N CYS C 41 -10.62 -25.58 -1.47
CA CYS C 41 -11.22 -25.81 -0.17
C CYS C 41 -10.77 -27.15 0.42
N GLU C 42 -10.27 -27.12 1.66
CA GLU C 42 -9.65 -28.27 2.31
C GLU C 42 -10.01 -28.28 3.78
N ALA C 43 -9.76 -29.43 4.42
CA ALA C 43 -10.01 -29.55 5.84
C ALA C 43 -8.99 -28.71 6.61
N VAL C 44 -9.42 -28.21 7.77
CA VAL C 44 -8.59 -27.39 8.64
C VAL C 44 -7.66 -28.28 9.47
N THR C 45 -6.42 -27.85 9.64
CA THR C 45 -5.58 -28.44 10.67
C THR C 45 -5.47 -27.47 11.83
N ALA C 46 -5.59 -28.01 13.04
CA ALA C 46 -5.37 -27.27 14.27
C ALA C 46 -4.41 -28.06 15.14
N ASP C 47 -3.96 -27.44 16.22
CA ASP C 47 -2.80 -27.92 16.95
C ASP C 47 -3.11 -29.18 17.77
N SER C 48 -4.11 -29.09 18.67
CA SER C 48 -4.62 -30.24 19.43
C SER C 48 -3.67 -30.76 20.50
N ARG C 49 -2.44 -30.25 20.57
CA ARG C 49 -1.50 -30.69 21.60
C ARG C 49 -1.90 -30.11 22.96
N PRO C 50 -1.46 -30.74 24.05
CA PRO C 50 -1.85 -30.26 25.38
C PRO C 50 -1.28 -28.87 25.69
N HIS C 51 -2.08 -28.07 26.38
CA HIS C 51 -1.66 -26.78 26.90
C HIS C 51 -1.42 -26.89 28.40
N SER C 52 -0.91 -25.80 28.98
CA SER C 52 -0.58 -25.79 30.40
C SER C 52 -1.83 -25.94 31.25
N PRO C 53 -1.68 -26.41 32.50
CA PRO C 53 -2.83 -26.54 33.41
C PRO C 53 -3.39 -25.22 33.92
N GLN C 54 -2.79 -24.07 33.59
CA GLN C 54 -3.32 -22.81 34.09
C GLN C 54 -4.75 -22.57 33.63
N TYR C 55 -5.11 -23.03 32.42
CA TYR C 55 -6.48 -22.93 31.92
C TYR C 55 -7.24 -24.22 32.20
N PRO C 56 -8.25 -24.21 33.07
CA PRO C 56 -8.96 -25.46 33.45
C PRO C 56 -10.30 -25.69 32.78
N HIS C 57 -10.62 -24.96 31.70
CA HIS C 57 -11.98 -24.94 31.17
C HIS C 57 -12.04 -25.40 29.73
N ASP C 58 -11.31 -26.45 29.37
CA ASP C 58 -11.49 -27.03 28.04
C ASP C 58 -12.97 -27.29 27.77
N GLY C 59 -13.43 -26.86 26.59
CA GLY C 59 -14.81 -26.99 26.20
C GLY C 59 -15.70 -25.80 26.51
N ARG C 60 -15.19 -24.76 27.18
CA ARG C 60 -16.01 -23.61 27.52
C ARG C 60 -15.80 -22.39 26.62
N ASP C 61 -14.72 -22.34 25.82
CA ASP C 61 -14.37 -21.10 25.14
C ASP C 61 -14.16 -21.32 23.65
N ASP C 62 -14.73 -20.39 22.86
CA ASP C 62 -14.69 -20.51 21.40
C ASP C 62 -13.27 -20.45 20.84
N ARG C 63 -12.32 -19.90 21.59
CA ARG C 63 -10.95 -19.74 21.11
C ARG C 63 -10.13 -21.02 21.21
N GLU C 64 -10.67 -22.06 21.87
CA GLU C 64 -9.99 -23.34 21.92
C GLU C 64 -9.88 -23.94 20.53
N VAL C 65 -8.73 -24.53 20.24
CA VAL C 65 -8.52 -25.25 19.00
C VAL C 65 -8.98 -24.38 17.84
N TRP C 66 -8.58 -23.10 17.88
CA TRP C 66 -8.99 -22.14 16.86
C TRP C 66 -8.62 -22.67 15.48
N PRO C 67 -9.53 -22.64 14.51
CA PRO C 67 -10.87 -22.05 14.58
C PRO C 67 -11.97 -23.11 14.64
N LEU C 68 -11.66 -24.34 15.09
CA LEU C 68 -12.55 -25.49 14.88
C LEU C 68 -13.91 -25.35 15.55
N ARG C 69 -14.09 -24.41 16.48
CA ARG C 69 -15.40 -24.15 17.05
C ARG C 69 -16.33 -23.41 16.10
N PHE C 70 -15.84 -22.90 14.97
CA PHE C 70 -16.63 -22.17 14.00
C PHE C 70 -16.59 -22.78 12.61
N PHE C 71 -15.41 -23.18 12.15
CA PHE C 71 -15.26 -23.75 10.82
C PHE C 71 -14.18 -24.83 10.86
N ASN C 72 -14.40 -25.91 10.10
CA ASN C 72 -13.37 -26.93 9.95
C ASN C 72 -13.02 -27.19 8.49
N ARG C 73 -13.49 -26.35 7.58
CA ARG C 73 -13.01 -26.34 6.19
C ARG C 73 -12.65 -24.92 5.77
N THR C 74 -11.48 -24.77 5.14
CA THR C 74 -10.90 -23.47 4.84
C THR C 74 -10.23 -23.52 3.47
N CYS C 75 -9.93 -22.33 2.93
CA CYS C 75 -9.19 -22.25 1.68
C CYS C 75 -7.70 -22.49 1.95
N HIS C 76 -7.12 -23.41 1.20
CA HIS C 76 -5.67 -23.56 1.13
C HIS C 76 -5.20 -23.09 -0.23
N CYS C 77 -4.26 -22.15 -0.24
CA CYS C 77 -3.87 -21.49 -1.47
C CYS C 77 -2.57 -22.11 -2.00
N ASN C 78 -2.45 -22.15 -3.32
CA ASN C 78 -1.30 -22.73 -3.98
C ASN C 78 -0.22 -21.68 -4.21
N GLY C 79 1.02 -22.16 -4.33
CA GLY C 79 2.17 -21.30 -4.53
C GLY C 79 2.26 -20.14 -3.56
N ASN C 80 2.28 -18.92 -4.09
CA ASN C 80 2.32 -17.73 -3.25
C ASN C 80 1.03 -16.90 -3.36
N PHE C 81 -0.07 -17.53 -3.79
CA PHE C 81 -1.39 -16.94 -3.58
C PHE C 81 -1.74 -17.00 -2.10
N SER C 82 -2.73 -16.19 -1.70
CA SER C 82 -3.12 -16.08 -0.29
C SER C 82 -4.46 -15.36 -0.21
N GLY C 83 -4.94 -15.19 1.01
CA GLY C 83 -6.21 -14.54 1.23
C GLY C 83 -7.33 -15.55 1.50
N HIS C 84 -8.43 -15.03 2.07
CA HIS C 84 -9.55 -15.87 2.52
C HIS C 84 -10.18 -16.67 1.40
N ASN C 85 -10.04 -16.23 0.16
CA ASN C 85 -10.51 -16.97 -0.99
C ASN C 85 -9.40 -17.12 -2.02
N CYS C 86 -8.14 -16.98 -1.57
CA CYS C 86 -6.95 -17.13 -2.40
C CYS C 86 -6.89 -16.09 -3.51
N GLY C 87 -7.55 -14.95 -3.30
CA GLY C 87 -7.57 -13.92 -4.31
C GLY C 87 -6.45 -12.91 -4.25
N THR C 88 -5.52 -13.01 -3.30
CA THR C 88 -4.45 -12.03 -3.23
C THR C 88 -3.13 -12.80 -3.11
N CYS C 89 -2.08 -12.15 -2.60
CA CYS C 89 -0.76 -12.72 -2.53
C CYS C 89 -0.22 -12.81 -1.10
N ARG C 90 0.68 -13.76 -0.88
CA ARG C 90 1.46 -13.78 0.34
C ARG C 90 2.28 -12.50 0.48
N PRO C 91 2.64 -12.12 1.72
CA PRO C 91 3.38 -10.86 1.92
C PRO C 91 4.68 -10.87 1.13
N GLY C 92 4.95 -9.76 0.45
CA GLY C 92 6.15 -9.63 -0.34
C GLY C 92 6.01 -9.98 -1.79
N TRP C 93 4.80 -10.36 -2.24
CA TRP C 93 4.53 -10.63 -3.65
C TRP C 93 3.36 -9.78 -4.14
N ARG C 94 3.40 -9.43 -5.41
CA ARG C 94 2.34 -8.68 -6.09
C ARG C 94 2.17 -9.27 -7.49
N GLY C 95 1.21 -8.73 -8.23
CA GLY C 95 0.93 -9.15 -9.59
C GLY C 95 -0.24 -10.13 -9.64
N ALA C 96 -0.87 -10.17 -10.82
CA ALA C 96 -1.93 -11.14 -11.09
C ALA C 96 -1.51 -12.56 -10.71
N ALA C 97 -0.25 -12.90 -10.95
CA ALA C 97 0.31 -14.23 -10.68
C ALA C 97 1.09 -14.32 -9.39
N CYS C 98 1.18 -13.23 -8.61
CA CYS C 98 1.90 -13.24 -7.34
C CYS C 98 3.37 -13.67 -7.54
N ASP C 99 4.04 -13.04 -8.52
CA ASP C 99 5.41 -13.40 -8.89
C ASP C 99 6.32 -12.18 -9.04
N GLN C 100 5.90 -11.02 -8.53
CA GLN C 100 6.76 -9.85 -8.51
C GLN C 100 7.06 -9.53 -7.04
N ARG C 101 8.34 -9.57 -6.68
CA ARG C 101 8.72 -9.24 -5.32
C ARG C 101 8.48 -7.77 -5.05
N VAL C 102 8.01 -7.49 -3.84
CA VAL C 102 7.99 -6.14 -3.28
C VAL C 102 8.62 -6.22 -1.90
N LEU C 103 9.29 -5.14 -1.51
CA LEU C 103 9.92 -5.02 -0.21
C LEU C 103 9.56 -3.63 0.30
N ILE C 104 8.75 -3.57 1.32
CA ILE C 104 8.43 -2.29 1.91
C ILE C 104 9.34 -2.08 3.10
N VAL C 105 9.56 -0.82 3.45
CA VAL C 105 10.55 -0.44 4.45
C VAL C 105 9.80 0.29 5.57
N ARG C 106 9.96 -0.19 6.80
CA ARG C 106 9.36 0.47 7.95
C ARG C 106 10.40 1.38 8.59
N ARG C 107 10.05 2.66 8.69
CA ARG C 107 10.99 3.70 9.05
C ARG C 107 10.60 4.32 10.38
N ASN C 108 11.56 5.00 10.98
CA ASN C 108 11.31 5.82 12.17
C ASN C 108 10.34 6.95 11.81
N LEU C 109 9.28 7.11 12.61
CA LEU C 109 8.27 8.13 12.32
C LEU C 109 8.88 9.52 12.30
N LEU C 110 9.86 9.77 13.17
CA LEU C 110 10.48 11.08 13.26
C LEU C 110 11.31 11.42 12.01
N ASP C 111 11.84 10.42 11.31
CA ASP C 111 12.61 10.64 10.09
C ASP C 111 11.76 10.83 8.84
N LEU C 112 10.44 10.83 8.96
CA LEU C 112 9.58 11.00 7.79
C LEU C 112 9.56 12.48 7.40
N SER C 113 9.32 12.73 6.11
CA SER C 113 9.16 14.11 5.64
C SER C 113 7.89 14.74 6.22
N LYS C 114 7.78 16.06 6.05
CA LYS C 114 6.59 16.75 6.55
C LYS C 114 5.34 16.22 5.88
N GLU C 115 5.43 15.95 4.59
CA GLU C 115 4.29 15.45 3.84
C GLU C 115 4.00 13.98 4.17
N GLU C 116 5.06 13.17 4.35
CA GLU C 116 4.86 11.77 4.72
C GLU C 116 4.23 11.65 6.10
N LYS C 117 4.64 12.51 7.03
CA LYS C 117 4.02 12.52 8.35
C LYS C 117 2.54 12.85 8.25
N ASN C 118 2.19 13.81 7.39
CA ASN C 118 0.79 14.23 7.28
C ASN C 118 -0.03 13.18 6.56
N HIS C 119 0.57 12.53 5.57
CA HIS C 119 -0.05 11.40 4.89
C HIS C 119 -0.33 10.25 5.86
N PHE C 120 0.61 9.94 6.76
CA PHE C 120 0.41 8.80 7.68
C PHE C 120 -0.69 9.09 8.70
N VAL C 121 -0.82 10.33 9.15
CA VAL C 121 -1.86 10.69 10.11
C VAL C 121 -3.22 10.66 9.43
N ARG C 122 -3.31 11.18 8.20
CA ARG C 122 -4.55 11.08 7.45
C ARG C 122 -4.93 9.62 7.16
N ALA C 123 -3.94 8.74 6.95
CA ALA C 123 -4.23 7.32 6.68
C ALA C 123 -4.82 6.62 7.91
N LEU C 124 -4.22 6.80 9.09
CA LEU C 124 -4.81 6.27 10.32
C LEU C 124 -6.25 6.74 10.50
N ASP C 125 -6.47 8.04 10.37
CA ASP C 125 -7.79 8.60 10.59
C ASP C 125 -8.78 8.11 9.54
N MET C 126 -8.31 7.88 8.31
CA MET C 126 -9.18 7.27 7.32
C MET C 126 -9.50 5.83 7.67
N ALA C 127 -8.52 5.07 8.18
CA ALA C 127 -8.80 3.69 8.57
C ALA C 127 -9.78 3.63 9.75
N LYS C 128 -9.72 4.62 10.64
CA LYS C 128 -10.61 4.66 11.80
C LYS C 128 -12.06 4.78 11.39
N ARG C 129 -12.31 5.43 10.23
CA ARG C 129 -13.65 5.76 9.75
C ARG C 129 -14.16 4.85 8.63
N THR C 130 -13.30 4.08 7.99
CA THR C 130 -13.68 3.31 6.79
C THR C 130 -14.07 1.88 7.16
N THR C 131 -15.27 1.48 6.78
CA THR C 131 -15.72 0.11 7.01
C THR C 131 -14.74 -0.88 6.41
N HIS C 132 -14.38 -1.90 7.20
CA HIS C 132 -13.57 -2.99 6.66
C HIS C 132 -14.33 -3.67 5.54
N PRO C 133 -13.76 -3.78 4.34
CA PRO C 133 -14.53 -4.35 3.23
C PRO C 133 -14.70 -5.87 3.31
N LEU C 134 -13.89 -6.56 4.12
CA LEU C 134 -13.89 -8.01 4.13
C LEU C 134 -14.47 -8.60 5.40
N PHE C 135 -14.03 -8.15 6.58
CA PHE C 135 -14.35 -8.80 7.85
C PHE C 135 -15.52 -8.15 8.57
N VAL C 136 -16.25 -8.98 9.30
CA VAL C 136 -17.27 -8.56 10.26
C VAL C 136 -16.95 -9.22 11.59
N ILE C 137 -17.49 -8.67 12.66
CA ILE C 137 -17.14 -9.11 14.01
C ILE C 137 -18.38 -9.69 14.68
N ALA C 138 -18.24 -10.86 15.27
CA ALA C 138 -19.26 -11.37 16.15
C ALA C 138 -19.43 -10.48 17.38
N THR C 139 -20.67 -10.30 17.82
CA THR C 139 -20.97 -9.63 19.07
C THR C 139 -21.47 -10.58 20.13
N ARG C 140 -21.65 -11.86 19.80
CA ARG C 140 -22.13 -12.89 20.72
C ARG C 140 -21.22 -14.11 20.62
N ARG C 141 -21.18 -14.90 21.69
CA ARG C 141 -20.47 -16.18 21.64
C ARG C 141 -21.29 -17.20 20.83
N SER C 142 -20.66 -18.36 20.56
CA SER C 142 -21.19 -19.23 19.51
C SER C 142 -22.55 -19.82 19.85
N GLU C 143 -22.88 -19.99 21.13
CA GLU C 143 -24.22 -20.50 21.43
C GLU C 143 -25.30 -19.48 21.10
N GLU C 144 -25.01 -18.20 21.20
CA GLU C 144 -25.96 -17.16 20.85
C GLU C 144 -25.68 -16.54 19.48
N ILE C 145 -24.78 -17.13 18.68
CA ILE C 145 -24.30 -16.49 17.47
C ILE C 145 -25.42 -16.31 16.44
N LEU C 146 -26.41 -17.20 16.41
CA LEU C 146 -27.45 -17.13 15.39
C LEU C 146 -28.68 -16.37 15.86
N GLY C 147 -28.59 -15.67 16.99
CA GLY C 147 -29.63 -14.77 17.43
C GLY C 147 -30.70 -15.48 18.23
N PRO C 148 -31.62 -14.71 18.81
CA PRO C 148 -32.70 -15.32 19.60
C PRO C 148 -33.64 -16.20 18.79
N ASP C 149 -33.78 -15.93 17.50
CA ASP C 149 -34.63 -16.74 16.63
C ASP C 149 -33.90 -17.93 16.00
N GLY C 150 -32.58 -18.02 16.15
CA GLY C 150 -31.85 -19.06 15.46
C GLY C 150 -31.65 -18.84 13.98
N ASN C 151 -32.03 -17.67 13.47
CA ASN C 151 -31.86 -17.37 12.05
C ASN C 151 -31.22 -16.01 11.79
N THR C 152 -30.66 -15.36 12.81
CA THR C 152 -30.11 -14.00 12.67
C THR C 152 -28.65 -13.91 13.10
N PRO C 153 -27.70 -14.00 12.17
CA PRO C 153 -26.28 -13.94 12.54
C PRO C 153 -25.93 -12.66 13.30
N GLN C 154 -25.26 -12.82 14.43
CA GLN C 154 -24.93 -11.72 15.33
C GLN C 154 -23.56 -11.12 15.00
N PHE C 155 -23.45 -10.59 13.77
CA PHE C 155 -22.25 -9.97 13.27
C PHE C 155 -22.52 -8.51 12.90
N GLU C 156 -21.47 -7.69 12.94
CA GLU C 156 -21.57 -6.27 12.62
C GLU C 156 -20.45 -5.85 11.70
N ASN C 157 -20.72 -4.81 10.92
CA ASN C 157 -19.67 -4.10 10.20
C ASN C 157 -18.84 -3.28 11.18
N ILE C 158 -17.59 -3.07 10.82
CA ILE C 158 -16.65 -2.41 11.72
C ILE C 158 -15.57 -1.78 10.86
N SER C 159 -14.96 -0.73 11.38
CA SER C 159 -14.00 -0.02 10.55
C SER C 159 -12.67 -0.76 10.53
N ILE C 160 -11.83 -0.41 9.55
CA ILE C 160 -10.53 -1.04 9.39
C ILE C 160 -9.70 -0.95 10.66
N TYR C 161 -9.63 0.25 11.26
CA TYR C 161 -8.86 0.38 12.49
C TYR C 161 -9.57 -0.23 13.70
N ASN C 162 -10.90 -0.14 13.76
CA ASN C 162 -11.57 -0.76 14.90
C ASN C 162 -11.50 -2.28 14.83
N TYR C 163 -11.43 -2.86 13.63
CA TYR C 163 -11.21 -4.30 13.52
C TYR C 163 -9.86 -4.69 14.13
N PHE C 164 -8.85 -3.83 13.95
CA PHE C 164 -7.51 -4.03 14.52
C PHE C 164 -7.58 -4.00 16.05
N VAL C 165 -8.40 -3.12 16.61
CA VAL C 165 -8.62 -3.08 18.05
C VAL C 165 -9.34 -4.35 18.49
N TRP C 166 -10.34 -4.77 17.71
CA TRP C 166 -11.23 -5.85 18.15
C TRP C 166 -10.51 -7.18 18.25
N THR C 167 -9.71 -7.55 17.23
CA THR C 167 -9.06 -8.85 17.25
C THR C 167 -8.14 -8.97 18.44
N HIS C 168 -7.47 -7.87 18.79
CA HIS C 168 -6.61 -7.84 19.97
C HIS C 168 -7.43 -8.07 21.24
N TYR C 169 -8.55 -7.34 21.40
CA TYR C 169 -9.41 -7.54 22.56
C TYR C 169 -9.91 -8.99 22.64
N TYR C 170 -10.39 -9.52 21.52
CA TYR C 170 -10.93 -10.88 21.55
C TYR C 170 -9.87 -11.85 22.03
N SER C 171 -8.60 -11.61 21.66
CA SER C 171 -7.53 -12.52 22.03
C SER C 171 -7.21 -12.45 23.53
N VAL C 172 -7.56 -11.35 24.21
CA VAL C 172 -7.22 -11.22 25.63
C VAL C 172 -8.42 -11.30 26.55
N LYS C 173 -9.66 -11.31 26.02
CA LYS C 173 -10.85 -11.26 26.88
C LYS C 173 -10.93 -12.48 27.79
N LYS C 174 -11.67 -12.33 28.88
CA LYS C 174 -11.89 -13.42 29.83
C LYS C 174 -12.83 -14.47 29.26
N THR C 175 -12.67 -15.71 29.73
CA THR C 175 -13.58 -16.79 29.37
C THR C 175 -14.85 -16.66 30.21
N PHE C 176 -15.99 -16.43 29.55
CA PHE C 176 -17.25 -16.28 30.25
C PHE C 176 -17.78 -17.63 30.71
N LEU C 177 -18.12 -17.74 31.98
CA LEU C 177 -18.51 -19.03 32.55
C LEU C 177 -20.01 -19.20 32.74
N GLY C 178 -20.76 -18.12 32.89
CA GLY C 178 -22.19 -18.17 33.07
C GLY C 178 -22.69 -16.98 33.87
N VAL C 179 -23.95 -16.60 33.62
CA VAL C 179 -24.53 -15.46 34.32
C VAL C 179 -24.49 -15.69 35.82
N GLY C 180 -24.24 -14.62 36.58
CA GLY C 180 -24.06 -14.73 38.01
C GLY C 180 -22.65 -15.13 38.39
N GLN C 181 -22.00 -15.91 37.54
CA GLN C 181 -20.65 -16.40 37.81
C GLN C 181 -19.60 -15.37 37.38
N GLU C 182 -18.40 -15.54 37.93
CA GLU C 182 -17.27 -14.66 37.66
C GLU C 182 -16.41 -15.24 36.55
N SER C 183 -16.04 -14.40 35.58
CA SER C 183 -15.33 -14.91 34.42
C SER C 183 -13.86 -15.19 34.74
N PHE C 184 -13.29 -16.11 33.98
CA PHE C 184 -11.91 -16.56 34.20
C PHE C 184 -10.95 -15.66 33.43
N GLY C 185 -9.96 -15.10 34.15
CA GLY C 185 -9.04 -14.13 33.58
C GLY C 185 -7.56 -14.53 33.50
N GLU C 186 -7.21 -15.74 33.95
CA GLU C 186 -5.84 -16.25 33.82
C GLU C 186 -5.67 -16.96 32.48
N VAL C 187 -5.91 -16.21 31.43
CA VAL C 187 -5.86 -16.71 30.07
C VAL C 187 -5.57 -15.51 29.16
N ASP C 188 -4.75 -15.73 28.14
CA ASP C 188 -4.39 -14.65 27.22
C ASP C 188 -3.74 -15.30 26.00
N PHE C 189 -4.41 -15.21 24.85
CA PHE C 189 -3.93 -15.93 23.68
C PHE C 189 -2.82 -15.19 22.94
N SER C 190 -2.44 -14.00 23.40
CA SER C 190 -1.46 -13.19 22.69
C SER C 190 -0.42 -12.54 23.60
N HIS C 191 -0.40 -12.84 24.90
CA HIS C 191 0.55 -12.30 25.85
C HIS C 191 0.93 -13.36 26.87
N GLU C 192 1.96 -13.06 27.65
CA GLU C 192 2.46 -13.92 28.73
C GLU C 192 2.66 -15.35 28.22
N GLY C 193 3.49 -15.45 27.18
CA GLY C 193 3.74 -16.69 26.50
C GLY C 193 4.47 -16.49 25.19
N PRO C 194 4.98 -17.58 24.61
CA PRO C 194 5.89 -17.47 23.46
C PRO C 194 5.26 -16.86 22.22
N ALA C 195 3.94 -16.89 22.09
CA ALA C 195 3.28 -16.36 20.90
C ALA C 195 3.15 -14.85 20.92
N PHE C 196 3.52 -14.19 22.03
CA PHE C 196 3.46 -12.73 22.10
C PHE C 196 4.05 -12.06 20.87
N LEU C 197 5.23 -12.50 20.43
CA LEU C 197 5.90 -11.80 19.35
C LEU C 197 5.31 -12.17 17.99
N THR C 198 5.04 -13.47 17.75
CA THR C 198 4.51 -13.87 16.44
C THR C 198 3.07 -13.40 16.25
N TRP C 199 2.28 -13.34 17.33
CA TRP C 199 0.91 -12.84 17.23
C TRP C 199 0.88 -11.37 16.83
N HIS C 200 1.65 -10.53 17.53
CA HIS C 200 1.65 -9.10 17.20
C HIS C 200 2.28 -8.82 15.84
N ARG C 201 3.25 -9.62 15.42
CA ARG C 201 3.77 -9.49 14.07
C ARG C 201 2.66 -9.60 13.03
N TYR C 202 1.87 -10.68 13.09
CA TYR C 202 0.79 -10.86 12.12
C TYR C 202 -0.25 -9.77 12.25
N HIS C 203 -0.56 -9.36 13.48
CA HIS C 203 -1.47 -8.24 13.74
C HIS C 203 -1.09 -7.00 12.91
N LEU C 204 0.17 -6.58 13.01
CA LEU C 204 0.67 -5.47 12.20
C LEU C 204 0.55 -5.76 10.71
N LEU C 205 1.05 -6.92 10.27
CA LEU C 205 1.00 -7.29 8.87
C LEU C 205 -0.41 -7.14 8.29
N ARG C 206 -1.41 -7.54 9.07
CA ARG C 206 -2.81 -7.48 8.64
C ARG C 206 -3.30 -6.03 8.52
N LEU C 207 -3.01 -5.18 9.52
CA LEU C 207 -3.38 -3.77 9.43
C LEU C 207 -2.66 -3.08 8.27
N GLU C 208 -1.39 -3.45 8.04
CA GLU C 208 -0.62 -2.77 7.01
C GLU C 208 -1.16 -3.11 5.63
N LYS C 209 -1.56 -4.37 5.42
CA LYS C 209 -2.21 -4.78 4.18
C LYS C 209 -3.57 -4.11 4.01
N ASP C 210 -4.39 -4.11 5.06
CA ASP C 210 -5.69 -3.44 4.98
C ASP C 210 -5.52 -1.97 4.60
N MET C 211 -4.53 -1.27 5.19
CA MET C 211 -4.33 0.13 4.83
C MET C 211 -3.75 0.29 3.44
N GLN C 212 -2.91 -0.65 2.99
CA GLN C 212 -2.46 -0.65 1.59
C GLN C 212 -3.65 -0.68 0.64
N GLU C 213 -4.61 -1.58 0.88
CA GLU C 213 -5.76 -1.66 -0.03
C GLU C 213 -6.63 -0.41 0.07
N MET C 214 -6.84 0.08 1.29
CA MET C 214 -7.66 1.27 1.48
C MET C 214 -7.08 2.48 0.76
N LEU C 215 -5.75 2.62 0.79
CA LEU C 215 -5.07 3.74 0.12
C LEU C 215 -4.83 3.48 -1.36
N GLN C 216 -4.94 2.24 -1.81
CA GLN C 216 -4.47 1.84 -3.13
C GLN C 216 -3.01 2.23 -3.31
N GLU C 217 -2.23 2.12 -2.24
CA GLU C 217 -0.79 2.25 -2.31
C GLU C 217 -0.16 0.95 -1.84
N PRO C 218 0.17 0.05 -2.75
CA PRO C 218 0.84 -1.21 -2.40
C PRO C 218 2.08 -1.05 -1.53
N SER C 219 2.82 0.03 -1.67
CA SER C 219 4.07 0.14 -0.93
C SER C 219 3.91 0.89 0.39
N PHE C 220 2.69 1.25 0.78
CA PHE C 220 2.50 1.89 2.08
C PHE C 220 3.02 0.99 3.20
N SER C 221 3.75 1.57 4.14
CA SER C 221 4.39 0.84 5.21
C SER C 221 4.09 1.55 6.52
N LEU C 222 3.98 0.76 7.60
CA LEU C 222 3.77 1.34 8.93
C LEU C 222 5.11 1.78 9.54
N PRO C 223 5.20 3.01 10.05
CA PRO C 223 6.43 3.47 10.72
C PRO C 223 6.54 2.89 12.13
N TYR C 224 7.63 3.27 12.82
CA TYR C 224 7.90 2.83 14.17
C TYR C 224 8.34 4.01 15.04
N TRP C 225 8.11 3.84 16.34
CA TRP C 225 8.52 4.75 17.40
C TRP C 225 9.59 4.07 18.25
N ASN C 226 10.82 4.58 18.17
CA ASN C 226 11.90 4.16 19.07
C ASN C 226 11.64 4.70 20.47
N PHE C 227 10.89 3.94 21.30
CA PHE C 227 10.63 4.35 22.68
C PHE C 227 11.79 4.05 23.63
N ALA C 228 12.85 3.41 23.16
CA ALA C 228 14.00 3.09 24.02
C ALA C 228 15.04 4.23 24.02
N THR C 229 14.61 5.38 24.53
CA THR C 229 15.46 6.56 24.54
C THR C 229 15.80 7.07 25.95
N GLY C 230 15.39 6.38 27.00
CA GLY C 230 15.54 6.90 28.34
C GLY C 230 14.75 8.16 28.64
N LYS C 231 13.89 8.61 27.73
CA LYS C 231 13.26 9.91 27.90
C LYS C 231 12.15 9.91 28.95
N ASN C 232 11.80 11.15 29.31
CA ASN C 232 10.84 11.63 30.30
C ASN C 232 9.50 11.98 29.68
N VAL C 233 9.47 12.12 28.35
CA VAL C 233 8.34 12.65 27.59
C VAL C 233 8.14 11.78 26.36
N CYS C 234 6.99 11.95 25.71
CA CYS C 234 6.62 11.23 24.50
C CYS C 234 6.97 12.12 23.30
N ASP C 235 8.08 11.81 22.63
CA ASP C 235 8.60 12.62 21.54
C ASP C 235 7.81 12.48 20.24
N ILE C 236 6.76 11.66 20.18
CA ILE C 236 5.87 11.62 19.03
C ILE C 236 4.51 12.20 19.37
N CYS C 237 4.32 12.69 20.60
CA CYS C 237 3.06 13.29 21.03
C CYS C 237 3.07 14.79 20.67
N THR C 238 3.06 15.04 19.37
CA THR C 238 3.00 16.39 18.83
C THR C 238 1.82 16.47 17.86
N ASP C 239 1.33 17.68 17.64
CA ASP C 239 0.07 17.82 16.92
C ASP C 239 0.21 17.62 15.42
N ASP C 240 1.43 17.46 14.88
CA ASP C 240 1.61 16.95 13.53
C ASP C 240 1.82 15.45 13.50
N LEU C 241 1.88 14.80 14.67
CA LEU C 241 2.08 13.35 14.76
C LEU C 241 0.93 12.80 15.60
N MET C 242 1.21 12.16 16.73
CA MET C 242 0.16 11.43 17.45
C MET C 242 -0.59 12.27 18.49
N GLY C 243 -0.38 13.61 18.51
CA GLY C 243 -1.13 14.49 19.37
C GLY C 243 -0.43 14.86 20.67
N SER C 244 -0.30 16.16 20.95
CA SER C 244 0.27 16.60 22.21
C SER C 244 -0.81 16.61 23.30
N ARG C 245 -0.39 16.93 24.53
CA ARG C 245 -1.30 16.97 25.65
C ARG C 245 -2.30 18.13 25.51
N SER C 246 -3.55 17.89 25.89
CA SER C 246 -4.53 18.98 25.90
C SER C 246 -4.19 19.96 27.03
N ASN C 247 -4.26 21.25 26.72
CA ASN C 247 -4.06 22.29 27.72
C ASN C 247 -5.26 22.49 28.63
N PHE C 248 -6.41 21.89 28.31
CA PHE C 248 -7.61 21.98 29.15
C PHE C 248 -7.80 20.78 30.05
N ASP C 249 -7.47 19.57 29.57
CA ASP C 249 -7.51 18.36 30.37
C ASP C 249 -6.21 17.58 30.14
N SER C 250 -5.44 17.39 31.20
CA SER C 250 -4.12 16.78 31.08
C SER C 250 -4.15 15.31 30.66
N THR C 251 -5.30 14.65 30.71
CA THR C 251 -5.42 13.27 30.28
C THR C 251 -6.05 13.12 28.90
N LEU C 252 -6.39 14.22 28.23
CA LEU C 252 -6.91 14.21 26.88
C LEU C 252 -5.83 14.62 25.88
N ILE C 253 -6.09 14.32 24.61
CA ILE C 253 -5.22 14.76 23.52
C ILE C 253 -5.64 16.17 23.08
N SER C 254 -4.67 16.96 22.64
CA SER C 254 -4.92 18.29 22.11
C SER C 254 -6.04 18.26 21.06
N PRO C 255 -7.04 19.14 21.17
CA PRO C 255 -8.07 19.21 20.13
C PRO C 255 -7.55 19.76 18.81
N ASN C 256 -6.27 20.14 18.71
CA ASN C 256 -5.70 20.42 17.40
C ASN C 256 -5.22 19.16 16.68
N SER C 257 -5.38 17.98 17.28
CA SER C 257 -5.04 16.70 16.68
C SER C 257 -6.31 15.94 16.34
N VAL C 258 -6.38 15.38 15.12
CA VAL C 258 -7.57 14.59 14.78
C VAL C 258 -7.78 13.47 15.79
N PHE C 259 -6.70 12.99 16.42
CA PHE C 259 -6.83 11.85 17.33
C PHE C 259 -7.63 12.21 18.58
N SER C 260 -7.83 13.51 18.87
CA SER C 260 -8.73 13.90 19.94
C SER C 260 -10.20 13.68 19.59
N GLN C 261 -10.51 13.39 18.33
CA GLN C 261 -11.86 13.09 17.91
C GLN C 261 -12.19 11.60 17.96
N TRP C 262 -11.20 10.73 18.09
CA TRP C 262 -11.44 9.29 18.11
C TRP C 262 -12.21 8.87 19.35
N ARG C 263 -13.14 7.95 19.17
CA ARG C 263 -13.86 7.32 20.27
C ARG C 263 -13.55 5.82 20.26
N VAL C 264 -13.45 5.24 21.44
CA VAL C 264 -12.85 3.92 21.60
C VAL C 264 -13.91 2.84 21.58
N VAL C 265 -13.52 1.64 21.15
CA VAL C 265 -14.35 0.45 21.18
C VAL C 265 -13.81 -0.49 22.25
N CYS C 266 -14.67 -1.42 22.69
CA CYS C 266 -14.35 -2.47 23.66
C CYS C 266 -14.13 -1.95 25.09
N ASP C 267 -14.75 -0.84 25.48
CA ASP C 267 -14.52 -0.30 26.81
C ASP C 267 -15.64 -0.61 27.81
N SER C 268 -16.46 -1.62 27.54
CA SER C 268 -17.51 -1.95 28.51
C SER C 268 -17.24 -3.34 29.11
N LEU C 269 -16.10 -3.47 29.80
CA LEU C 269 -15.70 -4.77 30.32
C LEU C 269 -16.76 -5.36 31.25
N GLU C 270 -17.33 -4.53 32.13
CA GLU C 270 -18.33 -5.02 33.08
C GLU C 270 -19.49 -5.66 32.35
N ASP C 271 -19.89 -5.11 31.21
CA ASP C 271 -20.98 -5.71 30.45
C ASP C 271 -20.58 -7.07 29.88
N TYR C 272 -19.43 -7.15 29.21
CA TYR C 272 -19.03 -8.41 28.57
C TYR C 272 -18.87 -9.51 29.60
N ASP C 273 -18.24 -9.19 30.74
CA ASP C 273 -17.88 -10.22 31.71
C ASP C 273 -19.06 -10.70 32.56
N THR C 274 -20.19 -9.99 32.56
CA THR C 274 -21.37 -10.44 33.30
C THR C 274 -22.50 -10.89 32.40
N LEU C 275 -22.71 -10.22 31.26
CA LEU C 275 -23.75 -10.60 30.33
C LEU C 275 -23.31 -11.70 29.35
N GLY C 276 -22.01 -11.93 29.21
CA GLY C 276 -21.53 -12.89 28.24
C GLY C 276 -21.51 -12.41 26.81
N THR C 277 -21.66 -11.11 26.59
CA THR C 277 -21.54 -10.52 25.25
C THR C 277 -20.07 -10.28 24.90
N LEU C 278 -19.83 -9.96 23.63
CA LEU C 278 -18.54 -9.51 23.13
C LEU C 278 -18.58 -8.02 22.77
N CYS C 279 -17.41 -7.42 22.72
CA CYS C 279 -17.27 -6.05 22.21
C CYS C 279 -17.93 -5.93 20.84
N ASN C 280 -18.65 -4.82 20.64
CA ASN C 280 -19.24 -4.55 19.34
C ASN C 280 -18.68 -3.25 18.78
N SER C 281 -19.17 -2.86 17.61
CA SER C 281 -18.63 -1.73 16.86
C SER C 281 -19.05 -0.37 17.41
N THR C 282 -19.84 -0.29 18.48
CA THR C 282 -20.32 1.00 18.95
C THR C 282 -19.26 1.69 19.81
N GLU C 283 -18.84 2.89 19.39
CA GLU C 283 -17.79 3.64 20.06
C GLU C 283 -18.35 4.40 21.27
N ASP C 284 -17.50 4.57 22.29
CA ASP C 284 -17.88 5.34 23.46
C ASP C 284 -16.66 5.78 24.28
N GLY C 285 -16.39 7.08 24.30
CA GLY C 285 -15.35 7.63 25.14
C GLY C 285 -14.11 7.98 24.34
N PRO C 286 -13.41 9.05 24.73
CA PRO C 286 -12.20 9.47 24.01
C PRO C 286 -10.96 8.72 24.51
N ILE C 287 -9.88 8.86 23.74
CA ILE C 287 -8.59 8.30 24.19
C ILE C 287 -8.10 9.09 25.40
N ARG C 288 -7.69 8.37 26.44
CA ARG C 288 -7.06 8.99 27.59
C ARG C 288 -5.57 8.69 27.54
N ARG C 289 -4.75 9.74 27.66
CA ARG C 289 -3.31 9.59 27.52
C ARG C 289 -2.66 10.66 28.39
N ASN C 290 -1.64 10.25 29.17
CA ASN C 290 -0.97 11.17 30.09
C ASN C 290 0.47 10.70 30.29
N PRO C 291 1.33 10.89 29.30
CA PRO C 291 2.67 10.29 29.37
C PRO C 291 3.44 10.81 30.56
N ALA C 292 4.12 9.88 31.26
CA ALA C 292 4.92 10.16 32.44
C ALA C 292 4.09 10.60 33.63
N GLY C 293 2.76 10.50 33.54
CA GLY C 293 1.87 11.10 34.52
C GLY C 293 1.46 10.23 35.68
N ASN C 294 1.92 8.98 35.73
CA ASN C 294 1.53 8.08 36.82
C ASN C 294 2.43 8.37 38.03
N VAL C 295 1.98 9.33 38.84
CA VAL C 295 2.79 9.80 39.97
C VAL C 295 2.94 8.68 41.00
N ALA C 296 1.86 7.95 41.28
CA ALA C 296 1.91 6.89 42.28
C ALA C 296 2.88 5.78 41.92
N ARG C 297 3.38 5.74 40.70
CA ARG C 297 4.20 4.61 40.25
C ARG C 297 5.42 5.13 39.49
N PRO C 298 6.43 5.61 40.22
CA PRO C 298 7.60 6.23 39.55
C PRO C 298 8.30 5.34 38.53
N MET C 299 8.27 4.02 38.70
CA MET C 299 8.97 3.14 37.76
C MET C 299 8.45 3.32 36.34
N VAL C 300 7.19 3.68 36.15
CA VAL C 300 6.62 3.77 34.82
C VAL C 300 6.57 5.22 34.32
N GLN C 301 7.35 6.12 34.92
CA GLN C 301 7.38 7.53 34.51
C GLN C 301 8.58 7.87 33.64
N ARG C 302 9.35 6.86 33.23
CA ARG C 302 10.52 7.04 32.39
C ARG C 302 10.59 5.88 31.40
N LEU C 303 10.95 6.18 30.15
CA LEU C 303 10.96 5.15 29.12
C LEU C 303 12.20 4.27 29.23
N PRO C 304 12.18 3.11 28.57
CA PRO C 304 13.37 2.26 28.53
C PRO C 304 14.61 3.00 28.00
N GLU C 305 15.77 2.60 28.52
CA GLU C 305 17.04 3.16 28.14
C GLU C 305 17.55 2.51 26.86
N PRO C 306 18.36 3.22 26.08
CA PRO C 306 18.90 2.60 24.84
C PRO C 306 19.61 1.28 25.07
N GLN C 307 20.36 1.10 26.17
CA GLN C 307 21.07 -0.14 26.37
C GLN C 307 20.17 -1.28 26.85
N ASP C 308 18.96 -0.98 27.32
CA ASP C 308 17.98 -2.03 27.58
C ASP C 308 17.79 -2.91 26.35
N VAL C 309 17.74 -2.29 25.16
CA VAL C 309 17.58 -3.07 23.94
C VAL C 309 18.83 -3.88 23.65
N ALA C 310 20.00 -3.25 23.78
CA ALA C 310 21.25 -3.97 23.56
C ALA C 310 21.35 -5.17 24.48
N GLN C 311 20.99 -4.99 25.75
CA GLN C 311 21.06 -6.11 26.70
C GLN C 311 20.10 -7.23 26.33
N CYS C 312 18.86 -6.91 25.95
CA CYS C 312 17.89 -8.00 25.72
C CYS C 312 18.27 -8.82 24.49
N LEU C 313 18.97 -8.22 23.54
CA LEU C 313 19.42 -8.97 22.37
C LEU C 313 20.57 -9.93 22.69
N GLU C 314 21.14 -9.88 23.91
CA GLU C 314 22.10 -10.89 24.37
C GLU C 314 21.42 -12.14 24.92
N VAL C 315 20.10 -12.17 25.06
CA VAL C 315 19.42 -13.35 25.60
C VAL C 315 19.27 -14.34 24.46
N GLY C 316 19.98 -15.46 24.53
CA GLY C 316 20.14 -16.36 23.40
C GLY C 316 19.02 -17.35 23.18
N LEU C 317 18.28 -17.68 24.24
CA LEU C 317 17.14 -18.60 24.13
C LEU C 317 15.86 -17.81 23.89
N PHE C 318 15.17 -18.12 22.78
CA PHE C 318 13.92 -17.43 22.48
C PHE C 318 12.95 -17.47 23.67
N ASP C 319 12.84 -18.61 24.34
CA ASP C 319 11.96 -18.74 25.50
C ASP C 319 12.45 -19.90 26.36
N THR C 320 11.93 -19.96 27.59
CA THR C 320 12.31 -20.98 28.57
C THR C 320 11.07 -21.46 29.32
N PRO C 321 11.08 -22.69 29.84
CA PRO C 321 9.98 -23.14 30.69
C PRO C 321 9.83 -22.23 31.88
N PRO C 322 8.59 -22.00 32.36
CA PRO C 322 7.32 -22.57 31.89
C PRO C 322 6.64 -21.71 30.82
N PHE C 323 7.42 -21.02 29.98
CA PHE C 323 6.90 -20.27 28.83
C PHE C 323 5.75 -19.33 29.22
N TYR C 324 5.97 -18.54 30.26
CA TYR C 324 4.93 -17.70 30.83
C TYR C 324 5.57 -16.37 31.20
N SER C 325 4.81 -15.52 31.90
CA SER C 325 5.33 -14.21 32.29
C SER C 325 6.38 -14.28 33.41
N ASN C 326 6.66 -15.45 33.99
CA ASN C 326 7.74 -15.56 34.97
C ASN C 326 8.92 -16.36 34.45
N SER C 327 8.96 -16.60 33.13
CA SER C 327 10.12 -17.25 32.52
C SER C 327 11.37 -16.40 32.71
N THR C 328 12.50 -17.05 32.93
CA THR C 328 13.76 -16.35 33.08
C THR C 328 14.76 -16.85 32.04
N ASN C 329 15.74 -15.98 31.75
CA ASN C 329 16.69 -16.18 30.65
C ASN C 329 15.95 -16.43 29.34
N SER C 330 14.81 -15.76 29.18
CA SER C 330 13.93 -15.90 28.03
C SER C 330 13.87 -14.59 27.25
N PHE C 331 14.31 -14.60 25.99
CA PHE C 331 14.26 -13.39 25.19
C PHE C 331 12.83 -12.88 25.06
N ARG C 332 11.91 -13.77 24.68
CA ARG C 332 10.50 -13.40 24.53
C ARG C 332 10.01 -12.66 25.76
N ASN C 333 10.17 -13.26 26.95
CA ASN C 333 9.70 -12.61 28.17
C ASN C 333 10.44 -11.31 28.45
N THR C 334 11.72 -11.23 28.06
CA THR C 334 12.50 -10.03 28.32
C THR C 334 12.02 -8.85 27.47
N VAL C 335 11.86 -9.06 26.15
CA VAL C 335 11.43 -7.94 25.33
C VAL C 335 9.96 -7.61 25.59
N GLU C 336 9.13 -8.62 25.92
CA GLU C 336 7.75 -8.33 26.31
C GLU C 336 7.72 -7.43 27.54
N GLY C 337 8.61 -7.66 28.50
CA GLY C 337 8.82 -6.70 29.57
C GLY C 337 8.58 -7.17 30.99
N TYR C 338 8.59 -8.49 31.24
CA TYR C 338 8.43 -9.05 32.58
C TYR C 338 9.75 -9.43 33.24
N SER C 339 10.85 -9.41 32.50
CA SER C 339 12.20 -9.57 33.03
C SER C 339 12.98 -8.28 32.81
N ASP C 340 14.03 -8.07 33.61
CA ASP C 340 14.88 -6.92 33.36
C ASP C 340 15.65 -7.15 32.06
N PRO C 341 16.20 -6.07 31.46
CA PRO C 341 16.88 -6.21 30.15
C PRO C 341 17.93 -7.30 30.04
N THR C 342 18.48 -7.82 31.15
CA THR C 342 19.48 -8.88 31.03
C THR C 342 18.87 -10.25 30.87
N GLY C 343 17.56 -10.38 31.03
CA GLY C 343 16.89 -11.66 30.95
C GLY C 343 16.47 -12.21 32.29
N LYS C 344 16.84 -11.54 33.38
CA LYS C 344 16.55 -12.00 34.72
C LYS C 344 15.11 -11.66 35.10
N TYR C 345 14.32 -12.68 35.39
CA TYR C 345 12.95 -12.44 35.86
C TYR C 345 12.94 -11.77 37.24
N ASP C 346 12.00 -10.85 37.41
CA ASP C 346 11.84 -10.05 38.62
C ASP C 346 10.41 -9.50 38.65
N PRO C 347 9.57 -9.94 39.59
CA PRO C 347 8.14 -9.56 39.55
C PRO C 347 7.84 -8.11 39.86
N ALA C 348 8.80 -7.34 40.35
CA ALA C 348 8.57 -5.90 40.51
C ALA C 348 8.88 -5.12 39.25
N VAL C 349 9.53 -5.73 38.25
CA VAL C 349 10.02 -4.97 37.10
C VAL C 349 8.99 -5.00 35.99
N ARG C 350 8.83 -3.84 35.33
CA ARG C 350 8.18 -3.73 34.03
C ARG C 350 9.18 -3.03 33.11
N SER C 351 9.57 -3.69 32.04
CA SER C 351 10.60 -3.14 31.16
C SER C 351 10.14 -3.13 29.71
N LEU C 352 10.98 -2.56 28.86
CA LEU C 352 10.80 -2.55 27.40
C LEU C 352 9.35 -2.37 26.96
N HIS C 353 8.79 -3.40 26.33
CA HIS C 353 7.48 -3.23 25.71
C HIS C 353 6.40 -2.92 26.74
N ASN C 354 6.38 -3.65 27.86
CA ASN C 354 5.38 -3.38 28.89
C ASN C 354 5.55 -1.97 29.42
N LEU C 355 6.80 -1.54 29.63
CA LEU C 355 7.09 -0.23 30.17
C LEU C 355 6.64 0.88 29.22
N ALA C 356 6.76 0.67 27.91
CA ALA C 356 6.29 1.69 26.96
C ALA C 356 4.76 1.82 27.04
N HIS C 357 4.05 0.70 27.21
CA HIS C 357 2.62 0.78 27.44
C HIS C 357 2.31 1.59 28.70
N LEU C 358 2.92 1.21 29.83
CA LEU C 358 2.54 1.78 31.11
C LEU C 358 2.95 3.25 31.20
N PHE C 359 4.01 3.65 30.48
CA PHE C 359 4.40 5.05 30.43
C PHE C 359 3.27 5.96 30.00
N LEU C 360 2.37 5.47 29.14
CA LEU C 360 1.31 6.32 28.62
C LEU C 360 0.25 6.66 29.66
N ASN C 361 0.22 5.90 30.78
CA ASN C 361 -0.69 6.16 31.89
C ASN C 361 -2.10 6.52 31.39
N GLY C 362 -2.71 5.56 30.71
CA GLY C 362 -4.04 5.76 30.14
C GLY C 362 -4.48 4.59 29.28
N THR C 363 -5.31 4.92 28.28
CA THR C 363 -5.85 3.92 27.36
C THR C 363 -4.76 3.01 26.80
N GLY C 364 -3.60 3.57 26.46
CA GLY C 364 -2.51 2.78 25.93
C GLY C 364 -1.85 1.86 26.93
N GLY C 365 -2.18 1.98 28.21
CA GLY C 365 -1.70 1.09 29.24
C GLY C 365 -2.65 0.00 29.70
N GLN C 366 -3.85 -0.07 29.14
CA GLN C 366 -4.83 -1.07 29.56
C GLN C 366 -4.83 -2.21 28.55
N THR C 367 -4.78 -3.44 29.06
CA THR C 367 -4.56 -4.58 28.18
C THR C 367 -5.75 -4.82 27.25
N HIS C 368 -6.97 -4.54 27.70
CA HIS C 368 -8.10 -4.72 26.80
C HIS C 368 -8.31 -3.57 25.84
N LEU C 369 -7.75 -2.38 26.12
CA LEU C 369 -8.03 -1.16 25.35
C LEU C 369 -6.89 -0.65 24.49
N SER C 370 -5.65 -1.04 24.78
CA SER C 370 -4.47 -0.28 24.38
C SER C 370 -4.37 0.04 22.89
N PRO C 371 -4.79 -0.81 21.94
CA PRO C 371 -4.70 -0.41 20.52
C PRO C 371 -5.60 0.77 20.16
N ASN C 372 -6.55 1.15 21.01
CA ASN C 372 -7.38 2.33 20.73
C ASN C 372 -6.54 3.59 20.62
N ASP C 373 -5.39 3.64 21.31
CA ASP C 373 -4.40 4.68 21.13
C ASP C 373 -3.50 4.32 19.96
N PRO C 374 -3.54 5.09 18.88
CA PRO C 374 -2.75 4.73 17.69
C PRO C 374 -1.24 4.67 17.94
N ILE C 375 -0.73 5.23 19.04
CA ILE C 375 0.66 4.99 19.43
C ILE C 375 0.96 3.49 19.47
N PHE C 376 -0.06 2.67 19.81
CA PHE C 376 0.08 1.22 19.86
C PHE C 376 0.71 0.66 18.59
N VAL C 377 0.29 1.20 17.44
CA VAL C 377 0.85 0.74 16.17
C VAL C 377 2.37 0.86 16.18
N LEU C 378 2.86 2.04 16.56
CA LEU C 378 4.27 2.42 16.47
C LEU C 378 5.08 1.75 17.56
N LEU C 379 4.51 1.70 18.77
CA LEU C 379 5.06 0.89 19.85
C LEU C 379 5.30 -0.53 19.37
N HIS C 380 4.38 -1.09 18.58
CA HIS C 380 4.56 -2.48 18.21
C HIS C 380 5.39 -2.72 16.96
N THR C 381 5.48 -1.76 16.03
CA THR C 381 6.45 -1.97 14.97
C THR C 381 7.87 -1.97 15.52
N PHE C 382 8.15 -1.14 16.52
CA PHE C 382 9.48 -1.15 17.13
C PHE C 382 9.74 -2.48 17.83
N THR C 383 8.76 -2.94 18.62
CA THR C 383 8.91 -4.23 19.28
C THR C 383 9.19 -5.32 18.24
N ASP C 384 8.50 -5.26 17.09
CA ASP C 384 8.71 -6.25 16.04
C ASP C 384 10.07 -6.11 15.38
N ALA C 385 10.63 -4.90 15.36
CA ALA C 385 11.99 -4.68 14.85
C ALA C 385 13.02 -5.34 15.77
N VAL C 386 12.77 -5.30 17.07
CA VAL C 386 13.64 -6.01 18.00
C VAL C 386 13.55 -7.52 17.77
N PHE C 387 12.33 -8.01 17.54
CA PHE C 387 12.13 -9.41 17.25
C PHE C 387 12.87 -9.83 16.00
N ASP C 388 12.83 -8.97 14.97
CA ASP C 388 13.42 -9.35 13.70
C ASP C 388 14.94 -9.30 13.75
N GLU C 389 15.50 -8.45 14.61
CA GLU C 389 16.94 -8.46 14.81
C GLU C 389 17.38 -9.70 15.58
N TRP C 390 16.60 -10.10 16.60
CA TRP C 390 16.88 -11.36 17.28
C TRP C 390 16.87 -12.52 16.29
N LEU C 391 15.88 -12.55 15.38
CA LEU C 391 15.79 -13.67 14.46
C LEU C 391 17.02 -13.71 13.55
N ARG C 392 17.52 -12.55 13.13
CA ARG C 392 18.73 -12.50 12.34
C ARG C 392 19.93 -13.00 13.14
N ARG C 393 20.08 -12.47 14.36
CA ARG C 393 21.25 -12.76 15.17
C ARG C 393 21.37 -14.23 15.51
N TYR C 394 20.25 -14.88 15.80
CA TYR C 394 20.26 -16.24 16.29
C TYR C 394 19.73 -17.22 15.25
N ASN C 395 19.72 -16.82 13.98
CA ASN C 395 19.40 -17.71 12.86
C ASN C 395 18.03 -18.36 13.04
N ALA C 396 17.08 -17.61 13.64
CA ALA C 396 15.69 -18.05 13.75
C ALA C 396 15.57 -19.41 14.43
N ASP C 397 16.34 -19.59 15.50
CA ASP C 397 16.33 -20.85 16.24
C ASP C 397 14.98 -20.97 16.95
N ILE C 398 14.11 -21.81 16.36
CA ILE C 398 12.75 -22.00 16.86
C ILE C 398 12.65 -23.12 17.88
N SER C 399 13.78 -23.78 18.22
CA SER C 399 13.73 -25.03 18.96
C SER C 399 13.19 -24.84 20.38
N THR C 400 13.34 -23.65 20.95
CA THR C 400 12.82 -23.41 22.29
C THR C 400 11.41 -22.82 22.28
N PHE C 401 10.80 -22.66 21.11
CA PHE C 401 9.38 -22.33 21.01
C PHE C 401 8.63 -23.65 21.18
N PRO C 402 7.95 -23.87 22.31
CA PRO C 402 7.40 -25.19 22.60
C PRO C 402 6.30 -25.62 21.62
N LEU C 403 6.35 -26.92 21.28
CA LEU C 403 5.29 -27.60 20.54
C LEU C 403 4.08 -27.90 21.41
N GLU C 404 4.28 -28.12 22.71
CA GLU C 404 3.20 -28.45 23.62
C GLU C 404 3.54 -27.92 25.01
N ASN C 405 2.53 -27.84 25.85
CA ASN C 405 2.60 -27.49 27.27
C ASN C 405 2.72 -25.99 27.52
N ALA C 406 2.68 -25.16 26.49
CA ALA C 406 2.63 -23.71 26.68
C ALA C 406 1.22 -23.32 27.14
N PRO C 407 1.05 -22.13 27.73
CA PRO C 407 -0.32 -21.64 27.97
C PRO C 407 -1.14 -21.69 26.70
N ILE C 408 -2.46 -21.86 26.88
CA ILE C 408 -3.34 -22.11 25.75
C ILE C 408 -3.25 -20.94 24.77
N GLY C 409 -3.12 -21.27 23.48
CA GLY C 409 -2.89 -20.30 22.43
C GLY C 409 -1.43 -20.15 22.04
N HIS C 410 -0.51 -20.64 22.86
CA HIS C 410 0.91 -20.38 22.66
C HIS C 410 1.73 -21.59 22.21
N ASN C 411 1.12 -22.75 21.98
CA ASN C 411 1.90 -23.82 21.37
C ASN C 411 2.28 -23.42 19.95
N ARG C 412 3.43 -23.91 19.49
CA ARG C 412 3.98 -23.48 18.20
C ARG C 412 2.99 -23.63 17.04
N GLN C 413 2.26 -24.76 16.97
CA GLN C 413 1.33 -24.94 15.87
C GLN C 413 -0.09 -24.49 16.21
N TYR C 414 -0.27 -23.72 17.28
CA TYR C 414 -1.58 -23.14 17.55
C TYR C 414 -1.90 -22.07 16.50
N ASN C 415 -3.07 -22.18 15.88
CA ASN C 415 -3.55 -21.10 15.01
C ASN C 415 -3.82 -19.84 15.83
N MET C 416 -3.12 -18.75 15.49
CA MET C 416 -3.17 -17.53 16.30
C MET C 416 -4.58 -16.93 16.27
N VAL C 417 -5.07 -16.52 17.43
CA VAL C 417 -6.49 -16.26 17.65
C VAL C 417 -6.73 -14.75 17.62
N PRO C 418 -7.70 -14.24 16.80
CA PRO C 418 -8.67 -14.92 15.95
C PRO C 418 -8.42 -14.67 14.47
N PHE C 419 -7.22 -14.90 13.96
CA PHE C 419 -6.94 -14.57 12.58
C PHE C 419 -7.53 -15.61 11.64
N TRP C 420 -8.12 -15.13 10.54
CA TRP C 420 -8.70 -16.00 9.54
C TRP C 420 -8.19 -15.56 8.18
N PRO C 421 -7.80 -16.50 7.29
CA PRO C 421 -7.71 -17.96 7.46
C PRO C 421 -6.66 -18.33 8.52
N PRO C 422 -6.68 -19.56 9.02
CA PRO C 422 -5.78 -19.93 10.12
C PRO C 422 -4.32 -19.80 9.75
N VAL C 423 -3.54 -19.26 10.66
CA VAL C 423 -2.10 -19.10 10.48
C VAL C 423 -1.42 -19.40 11.82
N THR C 424 -0.41 -20.26 11.79
CA THR C 424 0.32 -20.66 12.98
C THR C 424 1.44 -19.67 13.34
N ASN C 425 1.87 -19.74 14.60
CA ASN C 425 3.08 -19.03 15.04
C ASN C 425 4.29 -19.35 14.17
N THR C 426 4.41 -20.60 13.72
CA THR C 426 5.57 -21.00 12.92
C THR C 426 5.76 -20.12 11.69
N GLU C 427 4.65 -19.70 11.04
CA GLU C 427 4.77 -18.94 9.80
C GLU C 427 5.31 -17.53 10.03
N MET C 428 5.19 -17.00 11.23
CA MET C 428 5.73 -15.69 11.54
C MET C 428 7.15 -15.76 12.12
N PHE C 429 7.67 -16.95 12.38
CA PHE C 429 8.98 -17.10 13.00
C PHE C 429 10.03 -17.22 11.89
N VAL C 430 10.16 -16.12 11.15
CA VAL C 430 11.03 -16.05 9.98
C VAL C 430 11.59 -14.64 9.90
N THR C 431 12.83 -14.52 9.41
CA THR C 431 13.37 -13.20 9.16
C THR C 431 12.49 -12.49 8.13
N ALA C 432 12.10 -11.25 8.44
CA ALA C 432 11.12 -10.55 7.60
C ALA C 432 11.62 -10.25 6.19
N PRO C 433 12.82 -9.66 5.98
CA PRO C 433 13.13 -9.17 4.62
C PRO C 433 13.03 -10.25 3.55
N ASP C 434 13.41 -11.48 3.86
CA ASP C 434 13.40 -12.54 2.89
C ASP C 434 12.07 -13.32 2.81
N ASN C 435 11.25 -13.30 3.87
CA ASN C 435 10.10 -14.20 3.92
C ASN C 435 8.76 -13.49 4.05
N LEU C 436 8.74 -12.21 4.43
CA LEU C 436 7.49 -11.50 4.68
C LEU C 436 7.36 -10.20 3.91
N GLY C 437 8.35 -9.83 3.10
CA GLY C 437 8.27 -8.65 2.28
C GLY C 437 8.48 -7.31 2.96
N TYR C 438 9.06 -7.28 4.16
CA TYR C 438 9.34 -5.99 4.76
C TYR C 438 10.65 -6.04 5.52
N THR C 439 11.19 -4.85 5.79
CA THR C 439 12.41 -4.70 6.57
C THR C 439 12.30 -3.39 7.31
N TYR C 440 13.20 -3.20 8.26
CA TYR C 440 13.25 -1.98 9.06
C TYR C 440 14.47 -1.15 8.66
N GLU C 441 14.27 0.16 8.58
CA GLU C 441 15.36 1.14 8.44
C GLU C 441 15.74 1.53 9.86
N ILE C 442 16.73 0.84 10.41
CA ILE C 442 17.03 0.98 11.83
C ILE C 442 18.48 0.56 12.06
N GLN C 443 19.13 1.23 13.00
CA GLN C 443 20.46 0.84 13.46
C GLN C 443 20.38 0.44 14.93
N TRP C 444 21.09 -0.63 15.29
CA TRP C 444 21.11 -1.10 16.68
C TRP C 444 22.38 -0.67 17.38
N PRO C 445 22.29 0.04 18.50
CA PRO C 445 23.51 0.38 19.25
C PRO C 445 24.21 -0.86 19.80
N SER C 446 25.52 -0.73 20.01
CA SER C 446 26.34 -1.82 20.50
C SER C 446 26.36 -1.86 22.01
N ARG C 447 26.89 -2.98 22.54
CA ARG C 447 27.21 -3.19 23.95
C ARG C 447 25.99 -3.55 24.78
N GLN D 1 9.06 -54.46 -1.62
CA GLN D 1 8.30 -53.28 -2.00
C GLN D 1 9.18 -52.19 -2.58
N PHE D 2 10.46 -52.48 -2.75
CA PHE D 2 11.45 -51.49 -3.14
C PHE D 2 12.17 -51.89 -4.44
N PRO D 3 12.69 -50.92 -5.19
CA PRO D 3 13.57 -51.26 -6.32
C PRO D 3 14.68 -52.19 -5.86
N ARG D 4 14.98 -53.21 -6.68
CA ARG D 4 16.02 -54.16 -6.29
C ARG D 4 17.36 -53.44 -6.06
N GLN D 5 17.61 -52.34 -6.76
CA GLN D 5 18.82 -51.55 -6.55
C GLN D 5 18.98 -51.10 -5.11
N CYS D 6 17.85 -50.92 -4.40
CA CYS D 6 17.88 -50.40 -3.02
C CYS D 6 17.78 -51.48 -1.96
N ALA D 7 17.46 -52.73 -2.31
CA ALA D 7 17.36 -53.76 -1.28
C ALA D 7 18.73 -54.34 -0.97
N THR D 8 19.70 -53.47 -0.70
CA THR D 8 21.07 -53.89 -0.40
C THR D 8 21.41 -53.50 1.04
N VAL D 9 22.46 -54.15 1.56
CA VAL D 9 23.02 -53.75 2.86
C VAL D 9 23.36 -52.27 2.85
N GLU D 10 23.97 -51.79 1.77
CA GLU D 10 24.48 -50.41 1.75
C GLU D 10 23.34 -49.40 1.71
N ALA D 11 22.31 -49.66 0.91
CA ALA D 11 21.19 -48.73 0.83
C ALA D 11 20.40 -48.70 2.13
N LEU D 12 20.22 -49.86 2.77
CA LEU D 12 19.52 -49.86 4.05
C LEU D 12 20.33 -49.21 5.15
N ARG D 13 21.66 -49.18 5.03
CA ARG D 13 22.50 -48.51 6.04
C ARG D 13 22.46 -47.00 5.88
N SER D 14 22.50 -46.50 4.63
CA SER D 14 22.46 -45.06 4.39
C SER D 14 21.05 -44.48 4.43
N GLY D 15 20.01 -45.30 4.37
CA GLY D 15 18.66 -44.77 4.36
C GLY D 15 18.32 -44.04 3.08
N MET D 16 18.97 -44.38 1.98
CA MET D 16 18.84 -43.67 0.71
C MET D 16 18.39 -44.66 -0.34
N CYS D 17 17.27 -44.37 -1.00
CA CYS D 17 16.81 -45.14 -2.15
C CYS D 17 16.73 -44.19 -3.33
N CYS D 18 17.86 -44.04 -4.05
CA CYS D 18 17.98 -43.09 -5.16
C CYS D 18 18.77 -43.75 -6.28
N PRO D 19 18.20 -44.75 -6.95
CA PRO D 19 18.98 -45.50 -7.94
C PRO D 19 19.40 -44.66 -9.13
N ASP D 20 20.39 -45.18 -9.86
CA ASP D 20 20.86 -44.51 -11.07
C ASP D 20 19.85 -44.64 -12.19
N LEU D 21 19.72 -43.59 -12.99
CA LEU D 21 18.97 -43.70 -14.23
C LEU D 21 19.87 -44.22 -15.35
N SER D 22 20.74 -43.37 -15.90
CA SER D 22 21.56 -43.81 -17.01
C SER D 22 22.77 -44.60 -16.49
N PRO D 23 23.03 -45.80 -17.02
CA PRO D 23 24.17 -46.59 -16.56
C PRO D 23 25.48 -46.33 -17.31
N VAL D 24 25.52 -45.33 -18.20
CA VAL D 24 26.64 -45.19 -19.13
C VAL D 24 27.96 -44.97 -18.37
N SER D 25 27.99 -43.99 -17.45
CA SER D 25 29.22 -43.60 -16.78
C SER D 25 29.50 -44.41 -15.52
N GLY D 26 28.69 -45.41 -15.20
CA GLY D 26 28.92 -46.23 -14.04
C GLY D 26 28.08 -45.85 -12.84
N PRO D 27 28.21 -46.61 -11.75
CA PRO D 27 27.33 -46.40 -10.59
C PRO D 27 27.61 -45.07 -9.88
N GLY D 28 26.53 -44.43 -9.44
CA GLY D 28 26.59 -43.14 -8.77
C GLY D 28 26.53 -41.94 -9.69
N THR D 29 26.74 -42.13 -11.00
CA THR D 29 26.93 -41.02 -11.92
C THR D 29 25.64 -40.48 -12.51
N ASP D 30 24.48 -41.05 -12.18
CA ASP D 30 23.21 -40.46 -12.61
C ASP D 30 22.10 -40.82 -11.62
N ARG D 31 22.30 -40.50 -10.33
CA ARG D 31 21.27 -40.77 -9.33
C ARG D 31 20.05 -39.90 -9.57
N CYS D 32 18.88 -40.52 -9.63
CA CYS D 32 17.61 -39.82 -9.84
C CYS D 32 17.63 -39.05 -11.15
N GLY D 33 18.37 -39.55 -12.13
CA GLY D 33 18.58 -38.80 -13.36
C GLY D 33 19.07 -37.39 -13.16
N SER D 34 20.00 -37.19 -12.22
CA SER D 34 20.50 -35.84 -11.98
C SER D 34 21.43 -35.37 -13.10
N SER D 35 22.14 -36.30 -13.75
CA SER D 35 23.02 -35.90 -14.85
C SER D 35 22.23 -35.48 -16.09
N SER D 36 20.99 -35.94 -16.24
CA SER D 36 20.03 -35.28 -17.11
C SER D 36 19.32 -34.19 -16.29
N GLY D 37 18.20 -33.66 -16.78
CA GLY D 37 17.50 -32.69 -15.97
C GLY D 37 16.40 -33.26 -15.09
N ARG D 38 16.39 -34.59 -14.90
CA ARG D 38 15.13 -35.27 -14.60
C ARG D 38 14.78 -35.32 -13.11
N GLY D 39 15.75 -35.35 -12.21
CA GLY D 39 15.41 -35.38 -10.79
C GLY D 39 16.65 -35.26 -9.91
N ARG D 40 16.41 -35.28 -8.60
CA ARG D 40 17.43 -35.10 -7.59
C ARG D 40 17.09 -35.94 -6.37
N CYS D 41 18.11 -36.50 -5.73
CA CYS D 41 17.94 -37.22 -4.47
C CYS D 41 17.76 -36.21 -3.34
N GLU D 42 16.61 -36.26 -2.67
CA GLU D 42 16.29 -35.34 -1.59
C GLU D 42 15.68 -36.12 -0.43
N ALA D 43 15.37 -35.42 0.64
CA ALA D 43 14.75 -36.05 1.80
C ALA D 43 13.28 -36.35 1.51
N VAL D 44 12.80 -37.46 2.08
CA VAL D 44 11.41 -37.85 1.84
C VAL D 44 10.47 -36.89 2.55
N THR D 45 9.47 -36.42 1.83
CA THR D 45 8.31 -35.80 2.47
C THR D 45 7.37 -36.92 2.90
N ALA D 46 7.14 -37.01 4.21
CA ALA D 46 6.26 -38.02 4.81
C ALA D 46 5.50 -37.33 5.94
N ASP D 47 4.29 -36.88 5.63
CA ASP D 47 3.54 -36.08 6.56
C ASP D 47 3.16 -36.92 7.78
N SER D 48 3.29 -36.31 8.96
CA SER D 48 3.23 -37.01 10.22
C SER D 48 2.30 -36.30 11.18
N ARG D 49 1.08 -36.04 10.74
CA ARG D 49 0.03 -35.60 11.64
C ARG D 49 -0.54 -36.81 12.39
N PRO D 50 -1.20 -36.59 13.53
CA PRO D 50 -1.66 -37.71 14.36
C PRO D 50 -2.60 -38.63 13.62
N HIS D 51 -3.03 -39.74 14.23
CA HIS D 51 -4.07 -40.58 13.65
C HIS D 51 -5.07 -40.93 14.75
N SER D 52 -6.12 -41.65 14.38
CA SER D 52 -7.17 -41.99 15.34
C SER D 52 -6.62 -42.92 16.43
N PRO D 53 -7.20 -42.86 17.63
CA PRO D 53 -6.73 -43.70 18.74
C PRO D 53 -6.97 -45.19 18.57
N GLN D 54 -7.51 -45.66 17.44
CA GLN D 54 -7.81 -47.08 17.29
C GLN D 54 -6.53 -47.93 17.25
N TYR D 55 -5.45 -47.40 16.65
CA TYR D 55 -4.18 -48.10 16.65
C TYR D 55 -3.34 -47.62 17.83
N PRO D 56 -3.05 -48.47 18.81
CA PRO D 56 -2.25 -48.06 19.97
C PRO D 56 -0.76 -48.38 19.92
N HIS D 57 -0.23 -48.94 18.84
CA HIS D 57 1.11 -49.52 18.84
C HIS D 57 2.12 -48.71 18.03
N ASP D 58 2.07 -47.38 18.15
CA ASP D 58 3.09 -46.55 17.51
C ASP D 58 4.48 -47.01 17.93
N GLY D 59 5.40 -47.00 16.98
CA GLY D 59 6.74 -47.51 17.19
C GLY D 59 6.94 -48.99 16.94
N ARG D 60 5.90 -49.74 16.58
CA ARG D 60 6.04 -51.19 16.45
C ARG D 60 5.95 -51.72 15.03
N ASP D 61 5.43 -50.94 14.07
CA ASP D 61 5.09 -51.46 12.75
C ASP D 61 5.81 -50.65 11.70
N ASP D 62 6.42 -51.36 10.73
CA ASP D 62 7.19 -50.75 9.65
C ASP D 62 6.35 -49.86 8.74
N ARG D 63 5.04 -50.05 8.76
CA ARG D 63 4.15 -49.29 7.89
C ARG D 63 3.89 -47.87 8.41
N GLU D 64 4.23 -47.60 9.67
CA GLU D 64 4.07 -46.25 10.21
C GLU D 64 4.94 -45.25 9.47
N VAL D 65 4.35 -44.08 9.22
CA VAL D 65 4.98 -42.95 8.52
C VAL D 65 5.74 -43.45 7.29
N TRP D 66 5.04 -44.17 6.42
CA TRP D 66 5.68 -44.78 5.26
C TRP D 66 6.38 -43.70 4.44
N PRO D 67 7.63 -43.92 4.00
CA PRO D 67 8.43 -45.13 4.19
C PRO D 67 9.59 -44.96 5.16
N LEU D 68 9.44 -44.13 6.20
CA LEU D 68 10.59 -43.67 7.01
C LEU D 68 11.30 -44.79 7.75
N ARG D 69 10.63 -45.90 8.03
CA ARG D 69 11.30 -47.00 8.70
C ARG D 69 12.35 -47.67 7.84
N PHE D 70 12.42 -47.34 6.55
CA PHE D 70 13.38 -47.94 5.64
C PHE D 70 14.24 -46.91 4.95
N PHE D 71 13.66 -45.80 4.49
CA PHE D 71 14.40 -44.81 3.72
C PHE D 71 13.88 -43.42 4.06
N ASN D 72 14.82 -42.48 4.23
CA ASN D 72 14.43 -41.08 4.44
C ASN D 72 14.95 -40.18 3.33
N ARG D 73 15.49 -40.74 2.26
CA ARG D 73 15.88 -39.97 1.07
C ARG D 73 15.48 -40.72 -0.18
N THR D 74 14.89 -40.00 -1.14
CA THR D 74 14.29 -40.59 -2.32
C THR D 74 14.49 -39.64 -3.48
N CYS D 75 14.14 -40.10 -4.69
CA CYS D 75 14.23 -39.24 -5.86
C CYS D 75 12.99 -38.35 -5.94
N HIS D 76 13.20 -37.04 -5.95
CA HIS D 76 12.17 -36.07 -6.31
CA HIS D 76 12.15 -36.10 -6.32
C HIS D 76 12.41 -35.67 -7.75
N CYS D 77 11.40 -35.85 -8.59
CA CYS D 77 11.55 -35.63 -10.02
C CYS D 77 11.00 -34.26 -10.40
N ASN D 78 11.59 -33.68 -11.45
CA ASN D 78 11.24 -32.34 -11.91
C ASN D 78 10.09 -32.41 -12.89
N GLY D 79 9.30 -31.34 -12.93
CA GLY D 79 8.19 -31.23 -13.86
C GLY D 79 7.34 -32.48 -13.86
N ASN D 80 7.14 -33.07 -15.03
CA ASN D 80 6.32 -34.26 -15.18
C ASN D 80 7.15 -35.51 -15.42
N PHE D 81 8.43 -35.48 -15.06
CA PHE D 81 9.16 -36.72 -14.89
C PHE D 81 8.66 -37.42 -13.62
N SER D 82 8.88 -38.73 -13.55
CA SER D 82 8.45 -39.50 -12.38
C SER D 82 9.14 -40.86 -12.43
N GLY D 83 8.86 -41.67 -11.41
CA GLY D 83 9.40 -43.01 -11.27
C GLY D 83 10.52 -43.05 -10.24
N HIS D 84 10.87 -44.29 -9.87
CA HIS D 84 11.84 -44.54 -8.79
C HIS D 84 13.19 -43.86 -9.04
N ASN D 85 13.59 -43.73 -10.31
CA ASN D 85 14.83 -43.04 -10.64
C ASN D 85 14.58 -41.89 -11.61
N CYS D 86 13.33 -41.42 -11.67
CA CYS D 86 12.87 -40.31 -12.50
C CYS D 86 12.95 -40.61 -13.98
N GLY D 87 13.11 -41.89 -14.35
CA GLY D 87 13.23 -42.32 -15.74
C GLY D 87 11.94 -42.40 -16.52
N THR D 88 10.78 -42.10 -15.93
CA THR D 88 9.52 -42.21 -16.66
C THR D 88 8.76 -40.90 -16.45
N CYS D 89 7.48 -40.92 -16.77
CA CYS D 89 6.65 -39.73 -16.79
C CYS D 89 5.51 -39.86 -15.78
N ARG D 90 4.96 -38.72 -15.39
CA ARG D 90 3.79 -38.72 -14.53
C ARG D 90 2.56 -39.14 -15.33
N PRO D 91 1.52 -39.66 -14.67
CA PRO D 91 0.38 -40.20 -15.40
C PRO D 91 -0.23 -39.17 -16.32
N GLY D 92 -0.56 -39.61 -17.53
CA GLY D 92 -1.08 -38.73 -18.56
C GLY D 92 -0.06 -38.25 -19.56
N TRP D 93 1.23 -38.51 -19.33
CA TRP D 93 2.32 -38.01 -20.14
C TRP D 93 3.17 -39.14 -20.72
N ARG D 94 3.71 -38.90 -21.91
CA ARG D 94 4.52 -39.88 -22.60
C ARG D 94 5.63 -39.14 -23.36
N GLY D 95 6.68 -39.86 -23.69
CA GLY D 95 7.76 -39.30 -24.49
C GLY D 95 9.03 -39.12 -23.68
N ALA D 96 10.16 -39.09 -24.40
CA ALA D 96 11.45 -38.88 -23.75
C ALA D 96 11.43 -37.62 -22.89
N ALA D 97 10.75 -36.58 -23.36
CA ALA D 97 10.63 -35.33 -22.63
C ALA D 97 9.33 -35.24 -21.83
N CYS D 98 8.56 -36.32 -21.73
CA CYS D 98 7.30 -36.36 -20.98
C CYS D 98 6.38 -35.18 -21.32
N ASP D 99 6.30 -34.83 -22.61
CA ASP D 99 5.54 -33.67 -23.06
C ASP D 99 4.41 -34.01 -24.03
N GLN D 100 4.11 -35.30 -24.21
CA GLN D 100 3.03 -35.74 -25.08
C GLN D 100 1.92 -36.36 -24.24
N ARG D 101 0.69 -35.89 -24.43
CA ARG D 101 -0.43 -36.36 -23.62
C ARG D 101 -1.01 -37.65 -24.19
N VAL D 102 -1.35 -38.58 -23.31
CA VAL D 102 -2.00 -39.83 -23.70
C VAL D 102 -3.31 -39.96 -22.95
N LEU D 103 -4.27 -40.63 -23.59
CA LEU D 103 -5.52 -41.00 -22.94
C LEU D 103 -5.83 -42.42 -23.37
N ILE D 104 -6.01 -43.31 -22.40
CA ILE D 104 -6.44 -44.67 -22.67
C ILE D 104 -7.85 -44.85 -22.10
N VAL D 105 -8.57 -45.80 -22.66
CA VAL D 105 -9.98 -46.00 -22.35
C VAL D 105 -10.15 -47.36 -21.66
N ARG D 106 -10.77 -47.33 -20.50
CA ARG D 106 -11.10 -48.54 -19.76
C ARG D 106 -12.56 -48.91 -20.08
N ARG D 107 -12.76 -50.12 -20.62
CA ARG D 107 -14.04 -50.51 -21.18
C ARG D 107 -14.64 -51.70 -20.43
N ASN D 108 -15.97 -51.83 -20.51
CA ASN D 108 -16.66 -52.99 -19.99
C ASN D 108 -16.12 -54.26 -20.65
N LEU D 109 -15.69 -55.21 -19.83
CA LEU D 109 -15.09 -56.43 -20.36
C LEU D 109 -16.01 -57.13 -21.37
N LEU D 110 -17.32 -57.02 -21.19
CA LEU D 110 -18.30 -57.68 -22.04
C LEU D 110 -18.60 -56.92 -23.33
N ASP D 111 -18.02 -55.72 -23.49
CA ASP D 111 -18.07 -54.99 -24.73
C ASP D 111 -16.85 -55.24 -25.60
N LEU D 112 -15.83 -55.91 -25.07
CA LEU D 112 -14.62 -56.19 -25.82
C LEU D 112 -14.87 -57.24 -26.89
N SER D 113 -14.09 -57.18 -27.97
CA SER D 113 -14.22 -58.13 -29.05
C SER D 113 -13.73 -59.51 -28.61
N LYS D 114 -14.07 -60.52 -29.41
CA LYS D 114 -13.58 -61.87 -29.14
C LYS D 114 -12.05 -61.90 -29.10
N GLU D 115 -11.40 -61.12 -29.95
CA GLU D 115 -9.94 -61.04 -29.95
C GLU D 115 -9.42 -60.25 -28.75
N GLU D 116 -10.07 -59.13 -28.43
CA GLU D 116 -9.63 -58.32 -27.30
C GLU D 116 -9.80 -59.08 -25.98
N LYS D 117 -10.87 -59.86 -25.85
CA LYS D 117 -11.02 -60.70 -24.66
C LYS D 117 -9.85 -61.68 -24.53
N ASN D 118 -9.48 -62.34 -25.63
CA ASN D 118 -8.35 -63.27 -25.57
C ASN D 118 -7.07 -62.53 -25.24
N HIS D 119 -6.90 -61.33 -25.80
CA HIS D 119 -5.74 -60.51 -25.50
C HIS D 119 -5.63 -60.20 -24.02
N PHE D 120 -6.74 -59.78 -23.40
CA PHE D 120 -6.71 -59.47 -21.97
C PHE D 120 -6.37 -60.71 -21.14
N VAL D 121 -7.02 -61.83 -21.43
CA VAL D 121 -6.79 -63.06 -20.68
C VAL D 121 -5.33 -63.48 -20.78
N ARG D 122 -4.76 -63.46 -21.99
CA ARG D 122 -3.36 -63.86 -22.13
C ARG D 122 -2.43 -62.88 -21.43
N ALA D 123 -2.75 -61.59 -21.42
CA ALA D 123 -1.90 -60.62 -20.74
C ALA D 123 -1.87 -60.86 -19.23
N LEU D 124 -3.05 -61.08 -18.64
CA LEU D 124 -3.11 -61.38 -17.21
C LEU D 124 -2.25 -62.58 -16.88
N ASP D 125 -2.36 -63.65 -17.68
CA ASP D 125 -1.59 -64.85 -17.41
C ASP D 125 -0.09 -64.59 -17.58
N MET D 126 0.29 -63.75 -18.54
CA MET D 126 1.70 -63.38 -18.66
C MET D 126 2.20 -62.63 -17.42
N ALA D 127 1.43 -61.65 -16.94
CA ALA D 127 1.85 -60.91 -15.75
C ALA D 127 2.02 -61.84 -14.55
N LYS D 128 1.21 -62.90 -14.48
CA LYS D 128 1.29 -63.87 -13.38
C LYS D 128 2.63 -64.62 -13.37
N ARG D 129 3.20 -64.88 -14.55
CA ARG D 129 4.42 -65.68 -14.69
C ARG D 129 5.69 -64.85 -14.84
N THR D 130 5.59 -63.57 -15.20
CA THR D 130 6.73 -62.73 -15.52
C THR D 130 7.27 -62.03 -14.27
N THR D 131 8.55 -62.25 -13.97
CA THR D 131 9.18 -61.54 -12.86
C THR D 131 9.05 -60.04 -13.04
N HIS D 132 8.71 -59.36 -11.95
CA HIS D 132 8.64 -57.90 -11.98
C HIS D 132 10.04 -57.35 -12.22
N PRO D 133 10.26 -56.57 -13.27
CA PRO D 133 11.63 -56.10 -13.55
C PRO D 133 12.19 -55.21 -12.45
N LEU D 134 11.34 -54.53 -11.67
CA LEU D 134 11.78 -53.50 -10.74
C LEU D 134 11.78 -53.95 -9.28
N PHE D 135 10.63 -54.33 -8.75
CA PHE D 135 10.45 -54.49 -7.32
C PHE D 135 10.81 -55.88 -6.83
N VAL D 136 11.27 -55.95 -5.59
CA VAL D 136 11.40 -57.17 -4.82
C VAL D 136 10.64 -56.96 -3.51
N ILE D 137 10.19 -58.07 -2.92
CA ILE D 137 9.34 -58.04 -1.74
C ILE D 137 10.13 -58.54 -0.54
N ALA D 138 9.91 -57.91 0.61
CA ALA D 138 10.53 -58.38 1.84
C ALA D 138 9.80 -59.60 2.35
N THR D 139 10.56 -60.52 2.97
CA THR D 139 9.94 -61.65 3.64
C THR D 139 10.07 -61.56 5.15
N ARG D 140 10.74 -60.53 5.68
CA ARG D 140 10.89 -60.36 7.11
C ARG D 140 10.70 -58.89 7.46
N ARG D 141 10.34 -58.65 8.72
CA ARG D 141 10.20 -57.29 9.23
C ARG D 141 11.56 -56.63 9.39
N SER D 142 11.52 -55.31 9.61
CA SER D 142 12.75 -54.51 9.55
C SER D 142 13.81 -55.04 10.48
N GLU D 143 13.42 -55.42 11.71
CA GLU D 143 14.42 -55.90 12.68
C GLU D 143 15.17 -57.12 12.19
N GLU D 144 14.57 -57.94 11.33
CA GLU D 144 15.22 -59.16 10.86
C GLU D 144 15.52 -59.10 9.37
N ILE D 145 15.57 -57.91 8.78
CA ILE D 145 15.67 -57.75 7.34
C ILE D 145 17.03 -58.19 6.79
N LEU D 146 18.04 -58.27 7.64
CA LEU D 146 19.38 -58.66 7.21
C LEU D 146 19.72 -60.10 7.56
N GLY D 147 18.75 -60.89 8.04
CA GLY D 147 18.90 -62.32 8.13
C GLY D 147 19.82 -62.82 9.22
N PRO D 148 20.08 -64.13 9.21
CA PRO D 148 20.78 -64.77 10.34
C PRO D 148 22.26 -64.44 10.44
N ASP D 149 22.90 -63.92 9.39
CA ASP D 149 24.28 -63.46 9.49
C ASP D 149 24.38 -61.94 9.60
N GLY D 150 23.25 -61.24 9.68
CA GLY D 150 23.25 -59.80 9.74
C GLY D 150 23.79 -59.13 8.50
N ASN D 151 23.95 -59.86 7.38
CA ASN D 151 24.47 -59.28 6.16
C ASN D 151 23.72 -59.73 4.90
N THR D 152 22.50 -60.29 5.03
CA THR D 152 21.75 -60.87 3.91
C THR D 152 20.36 -60.26 3.82
N PRO D 153 20.12 -59.36 2.87
CA PRO D 153 18.80 -58.73 2.76
C PRO D 153 17.72 -59.73 2.37
N GLN D 154 16.66 -59.78 3.18
CA GLN D 154 15.61 -60.80 3.05
C GLN D 154 14.50 -60.31 2.11
N PHE D 155 14.86 -60.21 0.84
CA PHE D 155 13.90 -59.92 -0.23
C PHE D 155 13.92 -61.04 -1.24
N GLU D 156 12.83 -61.15 -2.01
CA GLU D 156 12.76 -62.14 -3.08
C GLU D 156 12.20 -61.47 -4.34
N ASN D 157 12.52 -62.08 -5.47
CA ASN D 157 11.83 -61.73 -6.70
C ASN D 157 10.38 -62.15 -6.60
N ILE D 158 9.55 -61.54 -7.45
CA ILE D 158 8.12 -61.80 -7.42
C ILE D 158 7.57 -61.33 -8.76
N SER D 159 6.56 -62.03 -9.25
CA SER D 159 6.02 -61.72 -10.57
C SER D 159 5.19 -60.43 -10.52
N ILE D 160 4.94 -59.88 -11.71
CA ILE D 160 4.18 -58.65 -11.82
C ILE D 160 2.82 -58.77 -11.16
N TYR D 161 2.06 -59.82 -11.48
CA TYR D 161 0.76 -59.96 -10.84
C TYR D 161 0.89 -60.31 -9.37
N ASN D 162 1.91 -61.08 -8.97
CA ASN D 162 2.02 -61.44 -7.56
C ASN D 162 2.47 -60.25 -6.70
N TYR D 163 3.24 -59.33 -7.27
CA TYR D 163 3.50 -58.05 -6.63
C TYR D 163 2.18 -57.32 -6.33
N PHE D 164 1.27 -57.29 -7.30
CA PHE D 164 -0.07 -56.70 -7.13
C PHE D 164 -0.82 -57.36 -5.96
N VAL D 165 -0.60 -58.65 -5.73
CA VAL D 165 -1.23 -59.32 -4.58
C VAL D 165 -0.51 -58.98 -3.28
N TRP D 166 0.82 -58.96 -3.31
CA TRP D 166 1.60 -58.74 -2.09
C TRP D 166 1.37 -57.36 -1.47
N THR D 167 1.38 -56.29 -2.27
CA THR D 167 1.19 -54.95 -1.72
C THR D 167 -0.15 -54.84 -1.02
N HIS D 168 -1.18 -55.42 -1.62
CA HIS D 168 -2.48 -55.47 -0.97
C HIS D 168 -2.40 -56.20 0.37
N TYR D 169 -1.77 -57.38 0.38
CA TYR D 169 -1.63 -58.16 1.61
C TYR D 169 -0.88 -57.37 2.68
N TYR D 170 0.21 -56.70 2.30
CA TYR D 170 1.02 -55.95 3.25
C TYR D 170 0.22 -54.81 3.87
N SER D 171 -0.71 -54.22 3.11
CA SER D 171 -1.44 -53.09 3.62
C SER D 171 -2.54 -53.49 4.61
N VAL D 172 -2.98 -54.75 4.61
CA VAL D 172 -4.04 -55.20 5.52
C VAL D 172 -3.56 -56.10 6.64
N LYS D 173 -2.30 -56.50 6.66
CA LYS D 173 -1.82 -57.52 7.58
C LYS D 173 -1.81 -57.01 9.02
N LYS D 174 -1.87 -57.95 9.95
CA LYS D 174 -1.85 -57.62 11.37
C LYS D 174 -0.50 -57.05 11.82
N THR D 175 -0.53 -56.24 12.88
CA THR D 175 0.71 -55.79 13.50
C THR D 175 1.24 -56.89 14.42
N PHE D 176 2.47 -57.34 14.17
CA PHE D 176 3.07 -58.42 14.94
C PHE D 176 3.69 -57.86 16.22
N LEU D 177 3.26 -58.37 17.38
CA LEU D 177 3.72 -57.84 18.65
C LEU D 177 4.84 -58.65 19.29
N GLY D 178 5.02 -59.90 18.87
CA GLY D 178 6.04 -60.77 19.45
C GLY D 178 5.51 -62.18 19.58
N VAL D 179 6.44 -63.13 19.62
CA VAL D 179 6.07 -64.53 19.82
C VAL D 179 5.28 -64.66 21.11
N GLY D 180 4.27 -65.53 21.10
CA GLY D 180 3.42 -65.74 22.25
C GLY D 180 2.39 -64.66 22.48
N GLN D 181 2.28 -63.69 21.57
CA GLN D 181 1.27 -62.64 21.65
C GLN D 181 0.42 -62.68 20.39
N GLU D 182 -0.90 -62.59 20.57
CA GLU D 182 -1.80 -62.45 19.43
C GLU D 182 -1.51 -61.14 18.72
N SER D 183 -1.53 -61.18 17.39
CA SER D 183 -1.24 -59.99 16.62
C SER D 183 -2.45 -59.05 16.60
N PHE D 184 -2.16 -57.76 16.49
CA PHE D 184 -3.19 -56.73 16.59
C PHE D 184 -3.87 -56.53 15.25
N GLY D 185 -5.17 -56.78 15.18
CA GLY D 185 -5.85 -56.82 13.91
C GLY D 185 -6.74 -55.63 13.59
N GLU D 186 -6.83 -54.66 14.50
CA GLU D 186 -7.72 -53.50 14.30
C GLU D 186 -6.98 -52.36 13.59
N VAL D 187 -6.38 -52.72 12.45
CA VAL D 187 -5.62 -51.79 11.64
C VAL D 187 -5.79 -52.26 10.21
N ASP D 188 -5.82 -51.28 9.27
CA ASP D 188 -5.94 -51.55 7.84
C ASP D 188 -5.60 -50.30 7.04
N PHE D 189 -4.46 -50.31 6.36
CA PHE D 189 -3.97 -49.14 5.65
C PHE D 189 -4.66 -48.89 4.32
N SER D 190 -5.58 -49.75 3.91
CA SER D 190 -6.19 -49.59 2.61
C SER D 190 -7.70 -49.76 2.62
N HIS D 191 -8.31 -50.07 3.76
CA HIS D 191 -9.75 -50.22 3.88
C HIS D 191 -10.23 -49.57 5.16
N GLU D 192 -11.56 -49.48 5.29
CA GLU D 192 -12.20 -48.91 6.47
C GLU D 192 -11.59 -47.55 6.81
N GLY D 193 -11.56 -46.67 5.81
CA GLY D 193 -11.12 -45.31 5.97
C GLY D 193 -11.06 -44.58 4.64
N PRO D 194 -10.76 -43.28 4.66
CA PRO D 194 -10.85 -42.49 3.42
C PRO D 194 -9.85 -42.88 2.35
N ALA D 195 -8.76 -43.55 2.71
CA ALA D 195 -7.78 -43.92 1.71
C ALA D 195 -8.25 -45.09 0.83
N PHE D 196 -9.40 -45.71 1.15
CA PHE D 196 -9.87 -46.88 0.41
C PHE D 196 -9.83 -46.67 -1.10
N LEU D 197 -10.48 -45.60 -1.59
CA LEU D 197 -10.62 -45.40 -3.03
C LEU D 197 -9.31 -44.94 -3.67
N THR D 198 -8.55 -44.06 -3.00
CA THR D 198 -7.32 -43.58 -3.61
C THR D 198 -6.25 -44.66 -3.57
N TRP D 199 -6.20 -45.45 -2.49
CA TRP D 199 -5.26 -46.57 -2.44
C TRP D 199 -5.51 -47.54 -3.60
N HIS D 200 -6.76 -47.96 -3.80
CA HIS D 200 -7.04 -48.95 -4.85
C HIS D 200 -6.92 -48.34 -6.24
N ARG D 201 -7.11 -47.02 -6.36
CA ARG D 201 -6.90 -46.37 -7.64
C ARG D 201 -5.44 -46.48 -8.09
N TYR D 202 -4.49 -46.18 -7.19
CA TYR D 202 -3.08 -46.29 -7.56
C TYR D 202 -2.67 -47.73 -7.79
N HIS D 203 -3.12 -48.64 -6.90
CA HIS D 203 -3.00 -50.08 -7.12
C HIS D 203 -3.27 -50.50 -8.58
N LEU D 204 -4.43 -50.09 -9.10
CA LEU D 204 -4.76 -50.35 -10.50
C LEU D 204 -3.80 -49.63 -11.44
N LEU D 205 -3.48 -48.38 -11.14
CA LEU D 205 -2.68 -47.61 -12.08
C LEU D 205 -1.28 -48.22 -12.24
N ARG D 206 -0.74 -48.75 -11.14
CA ARG D 206 0.55 -49.43 -11.19
C ARG D 206 0.47 -50.78 -11.92
N LEU D 207 -0.58 -51.57 -11.70
CA LEU D 207 -0.70 -52.81 -12.46
C LEU D 207 -0.84 -52.52 -13.95
N GLU D 208 -1.59 -51.49 -14.30
CA GLU D 208 -1.82 -51.18 -15.71
C GLU D 208 -0.53 -50.74 -16.39
N LYS D 209 0.25 -49.89 -15.70
CA LYS D 209 1.54 -49.46 -16.23
C LYS D 209 2.50 -50.64 -16.37
N ASP D 210 2.62 -51.47 -15.32
CA ASP D 210 3.52 -52.61 -15.40
C ASP D 210 3.14 -53.56 -16.53
N MET D 211 1.85 -53.65 -16.86
CA MET D 211 1.45 -54.54 -17.94
C MET D 211 1.67 -53.90 -19.30
N GLN D 212 1.42 -52.59 -19.43
CA GLN D 212 1.83 -51.85 -20.62
C GLN D 212 3.29 -52.12 -20.96
N GLU D 213 4.18 -52.03 -19.96
CA GLU D 213 5.60 -52.22 -20.23
C GLU D 213 5.92 -53.68 -20.49
N MET D 214 5.22 -54.60 -19.82
CA MET D 214 5.40 -56.01 -20.12
C MET D 214 4.96 -56.31 -21.56
N LEU D 215 3.86 -55.70 -22.00
CA LEU D 215 3.33 -55.95 -23.32
C LEU D 215 4.00 -55.11 -24.39
N GLN D 216 4.79 -54.10 -24.01
CA GLN D 216 5.23 -53.07 -24.94
C GLN D 216 4.04 -52.55 -25.73
N GLU D 217 2.98 -52.23 -25.00
CA GLU D 217 1.74 -51.71 -25.59
C GLU D 217 1.29 -50.56 -24.73
N PRO D 218 1.79 -49.34 -25.03
CA PRO D 218 1.50 -48.19 -24.17
C PRO D 218 0.02 -47.91 -23.96
N SER D 219 -0.84 -48.30 -24.90
CA SER D 219 -2.25 -47.98 -24.77
C SER D 219 -3.05 -49.11 -24.13
N PHE D 220 -2.41 -50.21 -23.74
CA PHE D 220 -3.12 -51.28 -23.03
C PHE D 220 -3.83 -50.73 -21.81
N SER D 221 -5.06 -51.19 -21.59
CA SER D 221 -5.87 -50.66 -20.52
C SER D 221 -6.59 -51.80 -19.83
N LEU D 222 -6.95 -51.58 -18.56
CA LEU D 222 -7.65 -52.63 -17.81
C LEU D 222 -9.16 -52.47 -17.98
N PRO D 223 -9.88 -53.54 -18.30
CA PRO D 223 -11.34 -53.47 -18.40
C PRO D 223 -12.00 -53.48 -17.02
N TYR D 224 -13.30 -53.23 -17.02
CA TYR D 224 -14.08 -53.32 -15.79
C TYR D 224 -15.22 -54.33 -15.90
N TRP D 225 -15.65 -54.81 -14.75
CA TRP D 225 -16.81 -55.69 -14.59
C TRP D 225 -17.92 -54.91 -13.90
N ASN D 226 -18.99 -54.58 -14.63
CA ASN D 226 -20.17 -54.05 -13.94
C ASN D 226 -20.80 -55.19 -13.14
N PHE D 227 -20.51 -55.24 -11.85
CA PHE D 227 -21.15 -56.21 -10.97
C PHE D 227 -22.49 -55.72 -10.42
N ALA D 228 -22.92 -54.51 -10.78
CA ALA D 228 -24.15 -53.97 -10.21
C ALA D 228 -25.33 -54.24 -11.15
N THR D 229 -25.62 -55.53 -11.31
CA THR D 229 -26.69 -56.01 -12.16
C THR D 229 -27.81 -56.68 -11.39
N GLY D 230 -27.67 -56.86 -10.08
CA GLY D 230 -28.66 -57.59 -9.33
C GLY D 230 -28.73 -59.06 -9.66
N LYS D 231 -27.80 -59.56 -10.48
CA LYS D 231 -27.87 -60.93 -10.93
C LYS D 231 -27.50 -61.91 -9.82
N ASN D 232 -27.74 -63.18 -10.14
CA ASN D 232 -27.59 -64.34 -9.29
C ASN D 232 -26.39 -65.18 -9.68
N VAL D 233 -25.75 -64.86 -10.81
CA VAL D 233 -24.62 -65.59 -11.34
C VAL D 233 -23.53 -64.58 -11.66
N CYS D 234 -22.36 -65.09 -12.02
CA CYS D 234 -21.21 -64.28 -12.40
C CYS D 234 -21.10 -64.30 -13.93
N ASP D 235 -21.54 -63.23 -14.58
CA ASP D 235 -21.60 -63.16 -16.04
C ASP D 235 -20.24 -62.97 -16.70
N ILE D 236 -19.14 -63.02 -15.96
CA ILE D 236 -17.80 -63.03 -16.53
C ILE D 236 -17.07 -64.33 -16.25
N CYS D 237 -17.69 -65.24 -15.49
CA CYS D 237 -17.12 -66.55 -15.18
C CYS D 237 -17.44 -67.51 -16.33
N THR D 238 -16.84 -67.23 -17.48
CA THR D 238 -16.90 -68.12 -18.64
C THR D 238 -15.49 -68.40 -19.13
N ASP D 239 -15.35 -69.47 -19.90
CA ASP D 239 -14.01 -69.94 -20.21
C ASP D 239 -13.30 -69.11 -21.26
N ASP D 240 -14.00 -68.22 -21.96
CA ASP D 240 -13.29 -67.20 -22.73
C ASP D 240 -12.89 -66.00 -21.87
N LEU D 241 -13.33 -65.93 -20.61
CA LEU D 241 -13.04 -64.80 -19.74
C LEU D 241 -12.37 -65.25 -18.44
N MET D 242 -13.04 -65.12 -17.30
CA MET D 242 -12.37 -65.37 -16.03
C MET D 242 -12.56 -66.79 -15.50
N GLY D 243 -13.12 -67.69 -16.31
CA GLY D 243 -13.21 -69.08 -15.93
C GLY D 243 -14.55 -69.50 -15.35
N SER D 244 -15.13 -70.57 -15.89
CA SER D 244 -16.37 -71.10 -15.36
C SER D 244 -16.06 -72.10 -14.24
N ARG D 245 -17.11 -72.61 -13.63
CA ARG D 245 -16.98 -73.65 -12.63
C ARG D 245 -16.40 -74.94 -13.24
N SER D 246 -15.63 -75.68 -12.46
CA SER D 246 -15.17 -76.99 -12.87
C SER D 246 -16.23 -78.06 -12.60
N ASN D 247 -16.43 -78.95 -13.59
CA ASN D 247 -17.38 -80.04 -13.43
C ASN D 247 -16.90 -81.09 -12.44
N PHE D 248 -15.63 -81.06 -12.05
CA PHE D 248 -15.04 -82.05 -11.16
C PHE D 248 -14.89 -81.56 -9.73
N ASP D 249 -15.07 -80.28 -9.49
CA ASP D 249 -15.10 -79.68 -8.16
C ASP D 249 -15.66 -78.27 -8.32
N SER D 250 -16.87 -78.04 -7.79
CA SER D 250 -17.57 -76.78 -8.03
C SER D 250 -16.96 -75.60 -7.27
N THR D 251 -15.88 -75.81 -6.52
CA THR D 251 -15.14 -74.70 -5.93
C THR D 251 -13.87 -74.34 -6.68
N LEU D 252 -13.51 -75.12 -7.70
CA LEU D 252 -12.38 -74.81 -8.56
C LEU D 252 -12.87 -74.22 -9.88
N ILE D 253 -11.95 -73.64 -10.60
CA ILE D 253 -12.24 -73.05 -11.91
C ILE D 253 -12.08 -74.13 -12.97
N SER D 254 -12.85 -74.02 -14.05
CA SER D 254 -12.84 -75.03 -15.10
C SER D 254 -11.42 -75.29 -15.59
N PRO D 255 -11.01 -76.55 -15.73
CA PRO D 255 -9.67 -76.85 -16.28
C PRO D 255 -9.44 -76.34 -17.69
N ASN D 256 -10.48 -75.81 -18.35
CA ASN D 256 -10.32 -75.24 -19.69
C ASN D 256 -9.97 -73.75 -19.68
N SER D 257 -9.80 -73.14 -18.50
CA SER D 257 -9.34 -71.77 -18.36
C SER D 257 -7.94 -71.77 -17.78
N VAL D 258 -7.09 -70.84 -18.23
CA VAL D 258 -5.73 -70.76 -17.70
C VAL D 258 -5.74 -70.49 -16.20
N PHE D 259 -6.76 -69.79 -15.70
CA PHE D 259 -6.82 -69.39 -14.29
C PHE D 259 -6.94 -70.58 -13.34
N SER D 260 -7.30 -71.78 -13.83
CA SER D 260 -7.25 -72.96 -12.99
C SER D 260 -5.81 -73.41 -12.74
N GLN D 261 -4.86 -72.93 -13.54
CA GLN D 261 -3.46 -73.20 -13.28
C GLN D 261 -2.83 -72.26 -12.25
N TRP D 262 -3.47 -71.13 -11.93
CA TRP D 262 -2.87 -70.20 -10.99
C TRP D 262 -2.78 -70.80 -9.59
N ARG D 263 -1.66 -70.54 -8.90
CA ARG D 263 -1.48 -70.85 -7.50
C ARG D 263 -1.30 -69.55 -6.70
N VAL D 264 -1.89 -69.50 -5.50
CA VAL D 264 -2.04 -68.24 -4.77
C VAL D 264 -0.80 -67.97 -3.92
N VAL D 265 -0.55 -66.69 -3.65
CA VAL D 265 0.43 -66.26 -2.66
C VAL D 265 -0.29 -65.70 -1.45
N CYS D 266 0.43 -65.68 -0.32
CA CYS D 266 0.06 -65.07 0.97
C CYS D 266 -1.03 -65.81 1.73
N ASP D 267 -1.17 -67.12 1.50
CA ASP D 267 -2.18 -67.91 2.19
C ASP D 267 -1.55 -68.78 3.26
N SER D 268 -0.72 -68.18 4.10
CA SER D 268 -0.12 -68.83 5.27
C SER D 268 -0.20 -67.88 6.46
N LEU D 269 -1.40 -67.33 6.69
CA LEU D 269 -1.58 -66.32 7.74
C LEU D 269 -1.11 -66.79 9.10
N GLU D 270 -1.25 -68.09 9.36
CA GLU D 270 -0.92 -68.63 10.67
C GLU D 270 0.58 -68.51 10.93
N ASP D 271 1.40 -68.82 9.93
CA ASP D 271 2.85 -68.65 10.08
C ASP D 271 3.21 -67.18 10.27
N TYR D 272 2.66 -66.29 9.44
CA TYR D 272 3.04 -64.87 9.52
C TYR D 272 2.67 -64.28 10.88
N ASP D 273 1.47 -64.59 11.37
CA ASP D 273 0.94 -63.95 12.58
C ASP D 273 1.51 -64.53 13.86
N THR D 274 2.22 -65.66 13.82
CA THR D 274 2.87 -66.20 15.00
C THR D 274 4.39 -66.18 14.91
N LEU D 275 4.95 -66.39 13.72
CA LEU D 275 6.40 -66.32 13.56
C LEU D 275 6.87 -64.88 13.40
N GLY D 276 6.05 -64.02 12.82
CA GLY D 276 6.45 -62.65 12.58
C GLY D 276 7.10 -62.42 11.25
N THR D 277 6.94 -63.35 10.31
CA THR D 277 7.40 -63.23 8.93
C THR D 277 6.31 -62.63 8.04
N LEU D 278 6.69 -62.34 6.79
CA LEU D 278 5.79 -61.80 5.79
C LEU D 278 5.54 -62.83 4.69
N CYS D 279 4.41 -62.65 4.00
CA CYS D 279 4.14 -63.39 2.76
C CYS D 279 5.32 -63.29 1.82
N ASN D 280 5.69 -64.43 1.24
CA ASN D 280 6.81 -64.48 0.31
C ASN D 280 6.29 -64.93 -1.05
N SER D 281 7.22 -65.15 -1.98
CA SER D 281 6.87 -65.41 -3.36
C SER D 281 6.56 -66.88 -3.65
N THR D 282 6.54 -67.74 -2.64
CA THR D 282 6.25 -69.15 -2.85
C THR D 282 4.75 -69.37 -2.97
N GLU D 283 4.30 -69.89 -4.12
CA GLU D 283 2.88 -70.12 -4.35
C GLU D 283 2.42 -71.43 -3.73
N ASP D 284 1.13 -71.50 -3.41
CA ASP D 284 0.62 -72.68 -2.71
C ASP D 284 -0.91 -72.76 -2.85
N GLY D 285 -1.37 -73.60 -3.77
CA GLY D 285 -2.77 -73.95 -3.80
C GLY D 285 -3.63 -73.10 -4.73
N PRO D 286 -4.72 -73.68 -5.23
CA PRO D 286 -5.45 -73.09 -6.35
C PRO D 286 -6.43 -72.00 -5.90
N ILE D 287 -6.94 -71.25 -6.88
CA ILE D 287 -8.01 -70.29 -6.60
C ILE D 287 -9.28 -71.05 -6.24
N ARG D 288 -10.03 -70.52 -5.28
CA ARG D 288 -11.32 -71.06 -4.90
C ARG D 288 -12.40 -70.05 -5.25
N ARG D 289 -13.41 -70.48 -5.98
CA ARG D 289 -14.45 -69.56 -6.42
C ARG D 289 -15.76 -70.33 -6.51
N ASN D 290 -16.79 -69.83 -5.84
CA ASN D 290 -18.12 -70.46 -5.81
C ASN D 290 -19.19 -69.37 -5.83
N PRO D 291 -19.37 -68.71 -6.97
CA PRO D 291 -20.28 -67.56 -7.02
C PRO D 291 -21.69 -67.93 -6.60
N ALA D 292 -22.26 -67.12 -5.70
CA ALA D 292 -23.60 -67.27 -5.15
C ALA D 292 -23.71 -68.45 -4.18
N GLY D 293 -22.58 -69.02 -3.74
CA GLY D 293 -22.60 -70.24 -2.96
C GLY D 293 -22.60 -70.13 -1.45
N ASN D 294 -22.80 -68.94 -0.89
CA ASN D 294 -22.76 -68.78 0.58
C ASN D 294 -24.17 -69.04 1.14
N VAL D 295 -24.50 -70.34 1.23
CA VAL D 295 -25.85 -70.75 1.67
C VAL D 295 -26.14 -70.23 3.07
N ALA D 296 -25.18 -70.36 3.98
CA ALA D 296 -25.37 -69.94 5.37
C ALA D 296 -25.47 -68.43 5.53
N ARG D 297 -25.50 -67.66 4.46
CA ARG D 297 -25.57 -66.19 4.54
C ARG D 297 -26.22 -65.67 3.28
N PRO D 298 -27.56 -65.65 3.24
CA PRO D 298 -28.26 -65.34 1.97
C PRO D 298 -28.11 -63.89 1.52
N MET D 299 -27.75 -62.96 2.40
CA MET D 299 -27.58 -61.57 1.98
C MET D 299 -26.51 -61.43 0.88
N VAL D 300 -25.52 -62.32 0.87
CA VAL D 300 -24.41 -62.23 -0.07
C VAL D 300 -24.55 -63.24 -1.23
N GLN D 301 -25.75 -63.75 -1.49
CA GLN D 301 -25.96 -64.65 -2.61
C GLN D 301 -26.49 -63.93 -3.84
N ARG D 302 -26.66 -62.62 -3.77
CA ARG D 302 -27.06 -61.80 -4.90
C ARG D 302 -26.13 -60.59 -4.99
N LEU D 303 -25.99 -60.08 -6.19
CA LEU D 303 -25.14 -58.94 -6.48
C LEU D 303 -25.91 -57.63 -6.31
N PRO D 304 -25.19 -56.52 -6.14
CA PRO D 304 -25.86 -55.20 -6.04
C PRO D 304 -26.77 -54.91 -7.22
N GLU D 305 -27.82 -54.11 -6.97
CA GLU D 305 -28.77 -53.71 -8.00
C GLU D 305 -28.23 -52.50 -8.77
N PRO D 306 -28.69 -52.31 -10.02
CA PRO D 306 -28.31 -51.08 -10.73
C PRO D 306 -28.62 -49.82 -9.93
N GLN D 307 -29.76 -49.77 -9.23
CA GLN D 307 -30.12 -48.57 -8.50
C GLN D 307 -29.22 -48.31 -7.30
N ASP D 308 -28.51 -49.33 -6.79
CA ASP D 308 -27.60 -49.09 -5.68
C ASP D 308 -26.49 -48.14 -6.07
N VAL D 309 -26.07 -48.18 -7.33
CA VAL D 309 -25.02 -47.28 -7.79
C VAL D 309 -25.56 -45.86 -7.92
N ALA D 310 -26.79 -45.70 -8.43
CA ALA D 310 -27.34 -44.36 -8.57
C ALA D 310 -27.58 -43.73 -7.20
N GLN D 311 -27.99 -44.53 -6.22
CA GLN D 311 -28.22 -43.98 -4.89
C GLN D 311 -26.91 -43.51 -4.27
N CYS D 312 -25.88 -44.35 -4.31
CA CYS D 312 -24.60 -43.96 -3.70
C CYS D 312 -24.02 -42.70 -4.33
N LEU D 313 -24.25 -42.49 -5.64
CA LEU D 313 -23.76 -41.28 -6.28
C LEU D 313 -24.54 -40.02 -5.86
N GLU D 314 -25.56 -40.15 -5.01
CA GLU D 314 -26.29 -39.01 -4.49
C GLU D 314 -25.72 -38.50 -3.16
N VAL D 315 -24.80 -39.25 -2.55
CA VAL D 315 -24.15 -38.85 -1.32
C VAL D 315 -23.10 -37.78 -1.64
N GLY D 316 -23.29 -36.57 -1.13
CA GLY D 316 -22.45 -35.45 -1.52
C GLY D 316 -21.14 -35.31 -0.76
N LEU D 317 -21.03 -35.85 0.45
CA LEU D 317 -19.83 -35.69 1.26
C LEU D 317 -18.94 -36.91 1.06
N PHE D 318 -17.67 -36.68 0.67
CA PHE D 318 -16.78 -37.80 0.39
C PHE D 318 -16.62 -38.72 1.60
N ASP D 319 -16.40 -38.14 2.77
CA ASP D 319 -16.30 -38.94 3.98
C ASP D 319 -16.76 -38.08 5.15
N THR D 320 -17.06 -38.74 6.27
CA THR D 320 -17.54 -38.09 7.48
C THR D 320 -16.86 -38.72 8.68
N PRO D 321 -16.78 -37.98 9.80
CA PRO D 321 -16.20 -38.58 11.01
C PRO D 321 -17.04 -39.75 11.49
N PRO D 322 -16.41 -40.76 12.12
CA PRO D 322 -14.98 -40.91 12.45
C PRO D 322 -14.10 -41.52 11.34
N PHE D 323 -14.52 -41.43 10.08
CA PHE D 323 -13.71 -41.83 8.94
C PHE D 323 -13.33 -43.31 8.98
N TYR D 324 -14.31 -44.15 9.27
CA TYR D 324 -14.12 -45.57 9.53
C TYR D 324 -15.27 -46.33 8.86
N SER D 325 -15.35 -47.64 9.10
CA SER D 325 -16.45 -48.41 8.53
C SER D 325 -17.80 -48.14 9.19
N ASN D 326 -17.85 -47.32 10.25
CA ASN D 326 -19.08 -46.98 10.95
C ASN D 326 -19.64 -45.62 10.53
N SER D 327 -18.98 -44.93 9.61
CA SER D 327 -19.40 -43.61 9.20
C SER D 327 -20.72 -43.67 8.45
N THR D 328 -21.48 -42.56 8.52
CA THR D 328 -22.74 -42.45 7.81
C THR D 328 -22.76 -41.19 6.95
N ASN D 329 -23.62 -41.24 5.93
CA ASN D 329 -23.71 -40.17 4.93
C ASN D 329 -22.34 -39.90 4.31
N SER D 330 -21.60 -40.99 4.08
CA SER D 330 -20.22 -40.98 3.59
C SER D 330 -20.20 -41.70 2.24
N PHE D 331 -19.89 -40.98 1.16
CA PHE D 331 -19.74 -41.65 -0.13
C PHE D 331 -18.71 -42.77 -0.06
N ARG D 332 -17.49 -42.45 0.41
CA ARG D 332 -16.44 -43.46 0.55
C ARG D 332 -16.97 -44.70 1.24
N ASN D 333 -17.56 -44.53 2.45
CA ASN D 333 -18.05 -45.69 3.17
C ASN D 333 -19.19 -46.40 2.44
N THR D 334 -20.05 -45.65 1.73
CA THR D 334 -21.15 -46.28 1.01
C THR D 334 -20.63 -47.14 -0.14
N VAL D 335 -19.82 -46.56 -1.03
CA VAL D 335 -19.37 -47.32 -2.19
C VAL D 335 -18.52 -48.50 -1.75
N GLU D 336 -17.77 -48.35 -0.64
CA GLU D 336 -16.95 -49.45 -0.14
C GLU D 336 -17.82 -50.59 0.36
N GLY D 337 -18.98 -50.27 0.94
CA GLY D 337 -20.00 -51.26 1.22
C GLY D 337 -20.29 -51.60 2.67
N TYR D 338 -20.14 -50.63 3.57
CA TYR D 338 -20.49 -50.79 4.97
C TYR D 338 -21.75 -50.01 5.36
N SER D 339 -22.35 -49.27 4.43
CA SER D 339 -23.64 -48.59 4.62
C SER D 339 -24.51 -48.89 3.41
N ASP D 340 -25.83 -48.83 3.60
CA ASP D 340 -26.73 -49.09 2.48
C ASP D 340 -26.52 -48.00 1.42
N PRO D 341 -26.95 -48.26 0.18
CA PRO D 341 -26.66 -47.31 -0.93
C PRO D 341 -27.15 -45.88 -0.79
N THR D 342 -27.89 -45.52 0.27
CA THR D 342 -28.24 -44.10 0.45
C THR D 342 -27.34 -43.39 1.45
N GLY D 343 -26.48 -44.13 2.17
CA GLY D 343 -25.54 -43.54 3.11
C GLY D 343 -25.75 -43.90 4.56
N LYS D 344 -26.91 -44.45 4.94
CA LYS D 344 -27.21 -44.73 6.34
C LYS D 344 -26.39 -45.93 6.81
N TYR D 345 -25.58 -45.74 7.84
CA TYR D 345 -24.83 -46.86 8.38
C TYR D 345 -25.78 -47.83 9.06
N ASP D 346 -25.43 -49.12 8.96
CA ASP D 346 -26.11 -50.26 9.57
C ASP D 346 -25.11 -51.40 9.64
N PRO D 347 -24.72 -51.84 10.85
CA PRO D 347 -23.67 -52.86 10.96
C PRO D 347 -23.99 -54.16 10.24
N ALA D 348 -25.26 -54.46 10.00
CA ALA D 348 -25.59 -55.74 9.39
C ALA D 348 -25.21 -55.78 7.91
N VAL D 349 -25.34 -54.66 7.21
CA VAL D 349 -25.41 -54.72 5.75
C VAL D 349 -24.02 -54.78 5.13
N ARG D 350 -23.96 -55.46 3.99
CA ARG D 350 -22.79 -55.50 3.12
C ARG D 350 -23.28 -55.16 1.71
N SER D 351 -22.83 -54.02 1.19
CA SER D 351 -23.33 -53.47 -0.07
C SER D 351 -22.20 -53.25 -1.05
N LEU D 352 -22.61 -52.96 -2.29
CA LEU D 352 -21.73 -52.54 -3.37
C LEU D 352 -20.40 -53.30 -3.38
N HIS D 353 -19.29 -52.60 -3.14
CA HIS D 353 -17.98 -53.20 -3.37
C HIS D 353 -17.75 -54.42 -2.47
N ASN D 354 -18.10 -54.32 -1.20
CA ASN D 354 -17.94 -55.45 -0.27
C ASN D 354 -18.80 -56.64 -0.72
N LEU D 355 -20.02 -56.37 -1.18
CA LEU D 355 -20.94 -57.43 -1.57
C LEU D 355 -20.40 -58.22 -2.75
N ALA D 356 -19.87 -57.52 -3.75
CA ALA D 356 -19.22 -58.18 -4.88
C ALA D 356 -18.12 -59.14 -4.43
N HIS D 357 -17.29 -58.76 -3.46
CA HIS D 357 -16.30 -59.69 -2.91
C HIS D 357 -16.97 -60.91 -2.30
N LEU D 358 -17.94 -60.70 -1.42
CA LEU D 358 -18.53 -61.80 -0.68
C LEU D 358 -19.33 -62.74 -1.59
N PHE D 359 -19.98 -62.17 -2.60
CA PHE D 359 -20.72 -62.96 -3.58
C PHE D 359 -19.87 -64.08 -4.16
N LEU D 360 -18.56 -63.89 -4.22
CA LEU D 360 -17.69 -64.89 -4.83
C LEU D 360 -17.52 -66.13 -3.94
N ASN D 361 -17.76 -66.03 -2.63
CA ASN D 361 -17.66 -67.15 -1.69
C ASN D 361 -16.42 -68.00 -1.99
N GLY D 362 -15.26 -67.36 -1.84
CA GLY D 362 -13.98 -68.02 -1.99
C GLY D 362 -12.79 -67.11 -1.79
N THR D 363 -11.70 -67.40 -2.52
CA THR D 363 -10.46 -66.63 -2.44
C THR D 363 -10.72 -65.14 -2.67
N GLY D 364 -11.57 -64.81 -3.63
CA GLY D 364 -11.82 -63.43 -3.98
C GLY D 364 -12.51 -62.64 -2.90
N GLY D 365 -13.01 -63.30 -1.86
CA GLY D 365 -13.67 -62.61 -0.76
C GLY D 365 -12.97 -62.72 0.58
N GLN D 366 -11.67 -62.98 0.57
CA GLN D 366 -10.85 -63.02 1.78
C GLN D 366 -9.83 -61.90 1.70
N THR D 367 -9.86 -61.00 2.69
CA THR D 367 -9.25 -59.68 2.54
C THR D 367 -7.74 -59.76 2.34
N HIS D 368 -7.08 -60.73 2.97
CA HIS D 368 -5.65 -60.91 2.75
C HIS D 368 -5.33 -61.68 1.47
N LEU D 369 -6.32 -62.28 0.81
CA LEU D 369 -6.09 -63.13 -0.37
C LEU D 369 -6.71 -62.63 -1.66
N SER D 370 -7.68 -61.72 -1.59
CA SER D 370 -8.61 -61.52 -2.69
C SER D 370 -7.98 -61.11 -4.03
N PRO D 371 -6.91 -60.33 -4.11
CA PRO D 371 -6.31 -60.07 -5.44
C PRO D 371 -5.83 -61.34 -6.16
N ASN D 372 -5.66 -62.47 -5.44
CA ASN D 372 -5.32 -63.73 -6.10
C ASN D 372 -6.36 -64.14 -7.13
N ASP D 373 -7.64 -63.85 -6.89
CA ASP D 373 -8.65 -64.08 -7.93
C ASP D 373 -8.64 -62.88 -8.87
N PRO D 374 -8.31 -63.06 -10.14
CA PRO D 374 -8.18 -61.91 -11.05
C PRO D 374 -9.49 -61.20 -11.34
N ILE D 375 -10.63 -61.70 -10.87
CA ILE D 375 -11.84 -60.87 -10.87
C ILE D 375 -11.61 -59.60 -10.06
N PHE D 376 -10.77 -59.68 -9.02
CA PHE D 376 -10.40 -58.51 -8.21
C PHE D 376 -10.11 -57.29 -9.06
N VAL D 377 -9.32 -57.47 -10.12
CA VAL D 377 -8.95 -56.35 -10.99
C VAL D 377 -10.21 -55.67 -11.55
N LEU D 378 -11.10 -56.46 -12.13
CA LEU D 378 -12.27 -55.92 -12.78
C LEU D 378 -13.29 -55.43 -11.77
N LEU D 379 -13.32 -56.04 -10.59
CA LEU D 379 -14.17 -55.53 -9.54
C LEU D 379 -13.73 -54.13 -9.13
N HIS D 380 -12.43 -53.85 -9.19
CA HIS D 380 -11.92 -52.56 -8.71
C HIS D 380 -11.88 -51.47 -9.76
N THR D 381 -11.73 -51.80 -11.04
CA THR D 381 -11.88 -50.77 -12.05
C THR D 381 -13.30 -50.24 -12.09
N PHE D 382 -14.29 -51.09 -11.79
CA PHE D 382 -15.67 -50.60 -11.73
C PHE D 382 -15.89 -49.76 -10.49
N THR D 383 -15.34 -50.19 -9.34
CA THR D 383 -15.35 -49.34 -8.16
C THR D 383 -14.70 -48.00 -8.48
N ASP D 384 -13.52 -48.04 -9.11
CA ASP D 384 -12.81 -46.81 -9.45
C ASP D 384 -13.64 -45.93 -10.39
N ALA D 385 -14.36 -46.54 -11.33
CA ALA D 385 -15.22 -45.79 -12.23
C ALA D 385 -16.36 -45.10 -11.49
N VAL D 386 -16.93 -45.75 -10.47
CA VAL D 386 -17.90 -45.06 -9.63
C VAL D 386 -17.23 -43.87 -8.93
N PHE D 387 -16.02 -44.10 -8.44
CA PHE D 387 -15.22 -43.04 -7.82
C PHE D 387 -14.99 -41.88 -8.80
N ASP D 388 -14.63 -42.19 -10.05
CA ASP D 388 -14.35 -41.10 -11.00
C ASP D 388 -15.60 -40.33 -11.37
N GLU D 389 -16.76 -41.01 -11.43
CA GLU D 389 -18.01 -40.31 -11.74
C GLU D 389 -18.37 -39.36 -10.60
N TRP D 390 -18.13 -39.78 -9.36
CA TRP D 390 -18.34 -38.90 -8.22
C TRP D 390 -17.42 -37.68 -8.30
N LEU D 391 -16.14 -37.90 -8.58
CA LEU D 391 -15.20 -36.79 -8.74
C LEU D 391 -15.67 -35.81 -9.81
N ARG D 392 -16.16 -36.31 -10.95
CA ARG D 392 -16.68 -35.42 -11.99
C ARG D 392 -17.89 -34.66 -11.48
N ARG D 393 -18.84 -35.38 -10.87
CA ARG D 393 -20.12 -34.80 -10.48
C ARG D 393 -19.96 -33.72 -9.42
N TYR D 394 -19.03 -33.91 -8.48
CA TYR D 394 -18.90 -33.00 -7.36
C TYR D 394 -17.62 -32.16 -7.45
N ASN D 395 -17.08 -32.00 -8.65
CA ASN D 395 -15.98 -31.07 -8.89
C ASN D 395 -14.75 -31.43 -8.06
N ALA D 396 -14.54 -32.73 -7.81
CA ALA D 396 -13.37 -33.21 -7.06
C ALA D 396 -13.28 -32.53 -5.69
N ASP D 397 -14.43 -32.43 -5.03
CA ASP D 397 -14.53 -31.85 -3.69
C ASP D 397 -13.72 -32.65 -2.68
N ILE D 398 -12.46 -32.25 -2.45
CA ILE D 398 -11.61 -32.93 -1.48
C ILE D 398 -11.77 -32.39 -0.05
N SER D 399 -12.71 -31.46 0.18
CA SER D 399 -12.70 -30.70 1.42
C SER D 399 -13.02 -31.54 2.66
N THR D 400 -13.69 -32.69 2.54
CA THR D 400 -13.94 -33.52 3.72
C THR D 400 -12.92 -34.64 3.93
N PHE D 401 -11.91 -34.75 3.08
CA PHE D 401 -10.85 -35.73 3.29
C PHE D 401 -9.99 -35.27 4.45
N PRO D 402 -9.92 -36.00 5.56
CA PRO D 402 -9.23 -35.47 6.74
C PRO D 402 -7.73 -35.42 6.55
N LEU D 403 -7.12 -34.33 7.02
CA LEU D 403 -5.67 -34.25 7.13
C LEU D 403 -5.16 -34.94 8.38
N GLU D 404 -6.02 -35.05 9.40
CA GLU D 404 -5.65 -35.60 10.70
C GLU D 404 -6.85 -36.34 11.27
N ASN D 405 -6.57 -37.20 12.27
CA ASN D 405 -7.50 -38.01 13.07
C ASN D 405 -8.08 -39.21 12.33
N ALA D 406 -7.70 -39.43 11.08
CA ALA D 406 -8.18 -40.62 10.37
C ALA D 406 -7.48 -41.86 10.91
N PRO D 407 -8.02 -43.05 10.62
CA PRO D 407 -7.30 -44.29 10.97
C PRO D 407 -5.93 -44.30 10.33
N ILE D 408 -5.00 -45.02 10.96
CA ILE D 408 -3.61 -44.94 10.52
C ILE D 408 -3.52 -45.41 9.07
N GLY D 409 -2.79 -44.67 8.26
CA GLY D 409 -2.69 -44.91 6.84
C GLY D 409 -3.62 -44.05 6.01
N HIS D 410 -4.61 -43.43 6.63
CA HIS D 410 -5.68 -42.77 5.89
C HIS D 410 -5.65 -41.24 5.94
N ASN D 411 -4.72 -40.61 6.67
CA ASN D 411 -4.62 -39.16 6.57
C ASN D 411 -4.25 -38.78 5.14
N ARG D 412 -4.67 -37.58 4.73
CA ARG D 412 -4.65 -37.23 3.32
C ARG D 412 -3.25 -37.22 2.75
N GLN D 413 -2.26 -36.79 3.52
CA GLN D 413 -0.89 -36.76 3.05
C GLN D 413 -0.10 -37.97 3.49
N TYR D 414 -0.77 -39.04 3.91
CA TYR D 414 -0.08 -40.31 4.08
C TYR D 414 0.40 -40.82 2.73
N ASN D 415 1.65 -41.30 2.69
CA ASN D 415 2.11 -42.08 1.56
C ASN D 415 1.44 -43.45 1.60
N MET D 416 0.63 -43.75 0.57
CA MET D 416 -0.16 -44.98 0.56
C MET D 416 0.74 -46.21 0.61
N VAL D 417 0.50 -47.08 1.60
CA VAL D 417 1.41 -48.17 1.99
C VAL D 417 1.13 -49.47 1.22
N PRO D 418 2.14 -50.08 0.59
CA PRO D 418 3.56 -49.75 0.58
C PRO D 418 3.98 -49.31 -0.83
N PHE D 419 3.31 -48.36 -1.47
CA PHE D 419 3.63 -48.05 -2.87
C PHE D 419 4.93 -47.27 -3.01
N TRP D 420 5.63 -47.52 -4.13
CA TRP D 420 6.90 -46.88 -4.41
C TRP D 420 6.97 -46.38 -5.83
N PRO D 421 7.51 -45.17 -6.05
CA PRO D 421 7.99 -44.19 -5.06
C PRO D 421 6.82 -43.64 -4.22
N PRO D 422 7.09 -42.98 -3.09
CA PRO D 422 6.00 -42.47 -2.25
C PRO D 422 4.95 -41.70 -3.05
N VAL D 423 3.68 -41.96 -2.76
CA VAL D 423 2.56 -41.30 -3.43
C VAL D 423 1.42 -41.11 -2.42
N THR D 424 0.85 -39.91 -2.39
CA THR D 424 -0.14 -39.58 -1.38
C THR D 424 -1.54 -39.85 -1.91
N ASN D 425 -2.49 -39.97 -0.99
CA ASN D 425 -3.91 -39.98 -1.34
C ASN D 425 -4.28 -38.78 -2.21
N THR D 426 -3.76 -37.60 -1.86
CA THR D 426 -4.10 -36.37 -2.58
C THR D 426 -3.80 -36.50 -4.06
N GLU D 427 -2.66 -37.09 -4.41
CA GLU D 427 -2.29 -37.19 -5.81
C GLU D 427 -3.30 -37.98 -6.63
N MET D 428 -3.98 -38.96 -6.01
CA MET D 428 -4.99 -39.78 -6.67
C MET D 428 -6.39 -39.17 -6.65
N PHE D 429 -6.60 -38.09 -5.89
CA PHE D 429 -7.93 -37.49 -5.73
C PHE D 429 -8.10 -36.40 -6.78
N VAL D 430 -8.16 -36.84 -8.04
CA VAL D 430 -8.30 -35.96 -9.20
C VAL D 430 -9.17 -36.67 -10.23
N THR D 431 -9.80 -35.90 -11.11
CA THR D 431 -10.56 -36.51 -12.20
C THR D 431 -9.59 -37.17 -13.16
N ALA D 432 -9.83 -38.45 -13.46
CA ALA D 432 -8.83 -39.21 -14.22
C ALA D 432 -8.61 -38.68 -15.63
N PRO D 433 -9.63 -38.32 -16.42
CA PRO D 433 -9.37 -38.06 -17.85
C PRO D 433 -8.31 -36.99 -18.12
N ASP D 434 -8.27 -35.90 -17.37
CA ASP D 434 -7.26 -34.89 -17.65
C ASP D 434 -6.14 -34.83 -16.61
N ASN D 435 -6.10 -35.76 -15.65
CA ASN D 435 -5.01 -35.77 -14.68
C ASN D 435 -4.24 -37.09 -14.62
N LEU D 436 -4.88 -38.22 -14.92
CA LEU D 436 -4.21 -39.50 -14.79
C LEU D 436 -4.09 -40.26 -16.10
N GLY D 437 -4.63 -39.72 -17.19
CA GLY D 437 -4.40 -40.34 -18.49
C GLY D 437 -5.28 -41.51 -18.82
N TYR D 438 -6.44 -41.63 -18.15
CA TYR D 438 -7.38 -42.68 -18.49
C TYR D 438 -8.81 -42.21 -18.24
N THR D 439 -9.75 -42.86 -18.91
CA THR D 439 -11.16 -42.56 -18.75
C THR D 439 -11.93 -43.86 -18.94
N TYR D 440 -13.22 -43.83 -18.58
CA TYR D 440 -14.06 -45.01 -18.60
C TYR D 440 -15.12 -44.87 -19.69
N GLU D 441 -15.26 -45.90 -20.53
CA GLU D 441 -16.38 -46.01 -21.45
C GLU D 441 -17.53 -46.66 -20.68
N ILE D 442 -18.46 -45.84 -20.18
CA ILE D 442 -19.44 -46.32 -19.21
C ILE D 442 -20.65 -45.39 -19.22
N GLN D 443 -21.83 -45.96 -19.02
CA GLN D 443 -23.08 -45.21 -18.95
C GLN D 443 -23.76 -45.49 -17.63
N TRP D 444 -24.26 -44.44 -16.98
CA TRP D 444 -24.93 -44.58 -15.69
C TRP D 444 -26.45 -44.54 -15.85
N PRO D 445 -27.19 -45.12 -14.90
CA PRO D 445 -28.66 -45.07 -14.97
C PRO D 445 -29.16 -43.63 -14.95
N SER D 446 -30.22 -43.36 -15.71
CA SER D 446 -30.63 -41.98 -15.93
C SER D 446 -32.14 -41.88 -16.10
N ARG D 447 -32.63 -40.65 -16.02
CA ARG D 447 -34.06 -40.35 -16.15
C ARG D 447 -34.60 -40.83 -17.49
N GLU D 448 -33.93 -40.45 -18.58
CA GLU D 448 -34.19 -40.90 -19.96
C GLU D 448 -35.44 -40.29 -20.57
N ASN D 449 -36.37 -39.78 -19.75
CA ASN D 449 -37.54 -39.07 -20.29
C ASN D 449 -37.17 -37.60 -20.51
N LEU D 450 -36.18 -37.45 -21.38
CA LEU D 450 -35.40 -36.23 -21.58
C LEU D 450 -36.22 -34.95 -21.77
#